data_8VA7
#
_entry.id   8VA7
#
_cell.length_a   135.609
_cell.length_b   132.867
_cell.length_c   99.217
_cell.angle_alpha   90.00
_cell.angle_beta   116.27
_cell.angle_gamma   90.00
#
_symmetry.space_group_name_H-M   'C 1 2 1'
#
loop_
_entity.id
_entity.type
_entity.pdbx_description
1 polymer 'Glycoside hydrolase family 3'
2 non-polymer GLYCEROL
3 non-polymer 'PHOSPHATE ION'
4 non-polymer DI(HYDROXYETHYL)ETHER
5 non-polymer 'TRIETHYLENE GLYCOL'
6 water water
#
_entity_poly.entity_id   1
_entity_poly.type   'polypeptide(L)'
_entity_poly.pdbx_seq_one_letter_code
;MGSSHHHHHHSSGLVPRGSHMQTLPYLDPTLPIERRIDDALARMTTAEKIALIHAQSKFSSPGVKRLGIPELWMTDGPHG
IRPEVLWDEWEQAGWTNDSCVAFPALTALAATWNSALSQAYGKALGEEARWRNKSVVLGPGVNIARTPLNGRNFEYMGED
PYLAARMVVPYIYGVQSNGVATSLKHFALNNHELNRHTTNVRVSDRALREIYLPAFEAAVREGKTWTVMGAYNLYRDQHL
CHNQYLLNDVLKREWNYDGVVVSDWGGTHNTDEAVRHGLDLEFGTWTNGLYAGASNAYDSYYLARPYADAIAAGRYGTDE
LDDKVRRVLRLTYRTEMRTDRPRGAMCSEEHYAVARAVGNEAIVLLKNDKNILPLPADARNLLVVGENAIKMMTVGGGSS
SLKAQREVLPLDGLRARFGADRVRFERGYVGDVTGEYNGVVTGQDLRDDRSPERLMADAVAAARQADYVLFVGGLNKSAG
QDCEDSDRAGLALPYGQDALIAALAKANPRTIVLNISGNPVAMPWKNDVAAILQVWMLGSEAGHSMADVISGDANPSGKL
PFTSYAALDQCGAHALGAYPGQKRADSEIWDVDYKEDIFVGYRWVDRQRLQPNFPFGHGLSYTTFAYGRLQLPQAKSVAV
PTASAPLRVSVPIANTGTRAGQEVVQVYVRELRPKVDRPERELKAFRKVMLQPGERQILTFDLDETAFRYYDDKQQQWVV
NAGEFEIQIGSSSRDIRTKAKIRLQ
;
_entity_poly.pdbx_strand_id   A,B
#
loop_
_chem_comp.id
_chem_comp.type
_chem_comp.name
_chem_comp.formula
GOL non-polymer GLYCEROL 'C3 H8 O3'
PEG non-polymer DI(HYDROXYETHYL)ETHER 'C4 H10 O3'
PGE non-polymer 'TRIETHYLENE GLYCOL' 'C6 H14 O4'
PO4 non-polymer 'PHOSPHATE ION' 'O4 P -3'
#
# COMPACT_ATOMS: atom_id res chain seq x y z
N GLN A 22 3.73 -10.71 28.34
CA GLN A 22 2.28 -10.51 28.33
C GLN A 22 1.84 -9.70 27.13
N THR A 23 1.39 -10.40 26.08
CA THR A 23 0.88 -9.72 24.90
C THR A 23 -0.40 -8.97 25.23
N LEU A 24 -0.50 -7.74 24.74
CA LEU A 24 -1.69 -6.93 25.00
C LEU A 24 -2.91 -7.59 24.38
N PRO A 25 -4.08 -7.49 25.04
CA PRO A 25 -5.26 -8.24 24.55
C PRO A 25 -5.69 -7.88 23.14
N TYR A 26 -5.59 -6.61 22.76
CA TYR A 26 -6.01 -6.22 21.42
C TYR A 26 -5.06 -6.70 20.34
N LEU A 27 -3.87 -7.16 20.70
CA LEU A 27 -2.92 -7.74 19.76
C LEU A 27 -2.84 -9.26 19.85
N ASP A 28 -3.67 -9.88 20.70
CA ASP A 28 -3.63 -11.32 20.89
C ASP A 28 -4.66 -11.98 19.98
N PRO A 29 -4.25 -12.72 18.94
CA PRO A 29 -5.24 -13.32 18.03
C PRO A 29 -6.05 -14.44 18.67
N THR A 30 -5.57 -15.02 19.78
CA THR A 30 -6.26 -16.14 20.41
C THR A 30 -7.47 -15.72 21.22
N LEU A 31 -7.78 -14.42 21.26
CA LEU A 31 -8.92 -13.93 22.02
C LEU A 31 -10.09 -13.60 21.11
N PRO A 32 -11.33 -13.63 21.62
CA PRO A 32 -12.47 -13.26 20.80
C PRO A 32 -12.34 -11.84 20.26
N ILE A 33 -13.00 -11.60 19.12
CA ILE A 33 -12.85 -10.32 18.42
C ILE A 33 -13.40 -9.18 19.27
N GLU A 34 -14.53 -9.41 19.95
CA GLU A 34 -15.14 -8.34 20.74
C GLU A 34 -14.32 -8.01 21.97
N ARG A 35 -13.62 -9.00 22.54
CA ARG A 35 -12.72 -8.71 23.66
C ARG A 35 -11.51 -7.90 23.20
N ARG A 36 -11.04 -8.16 21.98
CA ARG A 36 -9.95 -7.36 21.44
C ARG A 36 -10.40 -5.94 21.12
N ILE A 37 -11.66 -5.77 20.72
CA ILE A 37 -12.17 -4.43 20.43
C ILE A 37 -12.34 -3.64 21.73
N ASP A 38 -12.84 -4.29 22.78
CA ASP A 38 -13.00 -3.60 24.06
C ASP A 38 -11.66 -3.15 24.62
N ASP A 39 -10.61 -3.95 24.41
CA ASP A 39 -9.30 -3.57 24.91
C ASP A 39 -8.67 -2.48 24.04
N ALA A 40 -8.86 -2.57 22.72
CA ALA A 40 -8.36 -1.51 21.84
C ALA A 40 -9.10 -0.21 22.07
N LEU A 41 -10.40 -0.28 22.36
CA LEU A 41 -11.17 0.93 22.62
C LEU A 41 -10.74 1.60 23.92
N ALA A 42 -10.39 0.80 24.93
CA ALA A 42 -9.97 1.36 26.22
C ALA A 42 -8.61 2.04 26.13
N ARG A 43 -7.82 1.76 25.09
CA ARG A 43 -6.49 2.34 24.94
C ARG A 43 -6.46 3.56 24.04
N MET A 44 -7.56 3.87 23.35
CA MET A 44 -7.61 5.00 22.45
C MET A 44 -8.00 6.27 23.20
N THR A 45 -7.41 7.40 22.79
CA THR A 45 -7.80 8.69 23.32
C THR A 45 -9.03 9.21 22.57
N THR A 46 -9.63 10.26 23.12
CA THR A 46 -10.80 10.85 22.47
C THR A 46 -10.45 11.40 21.10
N ALA A 47 -9.26 11.99 20.96
CA ALA A 47 -8.82 12.49 19.66
C ALA A 47 -8.62 11.34 18.67
N GLU A 48 -8.08 10.22 19.16
CA GLU A 48 -7.93 9.05 18.29
C GLU A 48 -9.27 8.45 17.93
N LYS A 49 -10.26 8.54 18.81
CA LYS A 49 -11.60 8.05 18.49
C LYS A 49 -12.26 8.91 17.43
N ILE A 50 -12.04 10.23 17.48
CA ILE A 50 -12.63 11.12 16.49
C ILE A 50 -11.96 10.92 15.13
N ALA A 51 -10.63 10.74 15.13
CA ALA A 51 -9.91 10.57 13.87
C ALA A 51 -10.25 9.24 13.21
N LEU A 52 -10.67 8.24 14.00
CA LEU A 52 -10.93 6.92 13.45
C LEU A 52 -12.22 6.90 12.61
N ILE A 53 -13.22 7.68 13.02
CA ILE A 53 -14.55 7.58 12.41
C ILE A 53 -14.71 8.48 11.20
N HIS A 54 -13.68 9.21 10.79
CA HIS A 54 -13.76 10.02 9.59
C HIS A 54 -12.48 9.84 8.78
N ALA A 55 -12.50 10.37 7.55
CA ALA A 55 -11.44 10.11 6.60
C ALA A 55 -10.24 11.03 6.82
N GLN A 56 -9.09 10.58 6.30
CA GLN A 56 -7.89 11.41 6.24
C GLN A 56 -7.46 11.72 4.82
N SER A 57 -7.95 10.98 3.84
CA SER A 57 -7.64 11.23 2.43
C SER A 57 -8.93 11.01 1.63
N LYS A 58 -8.78 10.76 0.33
CA LYS A 58 -9.94 10.54 -0.51
C LYS A 58 -10.55 9.16 -0.28
N PHE A 59 -9.72 8.14 -0.07
CA PHE A 59 -10.20 6.77 0.06
C PHE A 59 -9.51 6.04 1.20
N SER A 60 -9.21 6.75 2.29
CA SER A 60 -8.56 6.11 3.42
C SER A 60 -8.88 6.85 4.70
N SER A 61 -8.96 6.08 5.79
CA SER A 61 -9.09 6.54 7.16
C SER A 61 -7.81 6.25 7.93
N PRO A 62 -7.42 7.11 8.87
CA PRO A 62 -6.08 6.99 9.46
C PRO A 62 -5.91 5.80 10.40
N GLY A 63 -6.99 5.21 10.90
CA GLY A 63 -6.82 4.16 11.88
C GLY A 63 -6.25 4.71 13.19
N VAL A 64 -5.49 3.86 13.87
CA VAL A 64 -4.78 4.25 15.09
C VAL A 64 -3.31 3.94 14.86
N LYS A 65 -2.55 4.94 14.42
CA LYS A 65 -1.15 4.72 14.06
C LYS A 65 -0.30 4.37 15.27
N ARG A 66 -0.62 4.92 16.44
CA ARG A 66 0.18 4.66 17.64
C ARG A 66 0.00 3.21 18.11
N LEU A 67 -1.25 2.78 18.27
CA LEU A 67 -1.55 1.45 18.79
C LEU A 67 -1.34 0.35 17.77
N GLY A 68 -1.03 0.68 16.52
CA GLY A 68 -0.82 -0.31 15.48
C GLY A 68 -2.07 -0.76 14.75
N ILE A 69 -3.22 -0.16 15.03
CA ILE A 69 -4.47 -0.48 14.35
C ILE A 69 -4.36 0.03 12.91
N PRO A 70 -4.36 -0.87 11.91
CA PRO A 70 -4.08 -0.45 10.54
C PRO A 70 -5.13 0.51 9.99
N GLU A 71 -4.81 1.08 8.84
CA GLU A 71 -5.73 1.98 8.15
C GLU A 71 -6.75 1.18 7.34
N LEU A 72 -7.84 1.85 6.99
CA LEU A 72 -8.88 1.29 6.14
C LEU A 72 -8.86 2.02 4.80
N TRP A 73 -8.66 1.26 3.72
CA TRP A 73 -8.54 1.81 2.37
C TRP A 73 -9.77 1.41 1.56
N MET A 74 -10.66 2.36 1.34
CA MET A 74 -11.81 2.14 0.48
C MET A 74 -11.39 2.16 -0.98
N THR A 75 -12.12 1.43 -1.81
CA THR A 75 -11.86 1.42 -3.24
C THR A 75 -13.17 1.34 -4.01
N ASP A 76 -13.24 2.08 -5.11
CA ASP A 76 -14.43 2.08 -5.95
C ASP A 76 -14.40 0.90 -6.90
N GLY A 77 -15.59 0.48 -7.33
CA GLY A 77 -15.71 -0.54 -8.34
C GLY A 77 -16.44 -1.78 -7.87
N PRO A 78 -17.76 -1.83 -8.11
CA PRO A 78 -18.47 -3.10 -7.98
C PRO A 78 -18.12 -4.09 -9.08
N HIS A 79 -17.44 -3.63 -10.14
CA HIS A 79 -17.04 -4.48 -11.25
C HIS A 79 -15.53 -4.60 -11.39
N GLY A 80 -14.77 -3.87 -10.57
CA GLY A 80 -13.31 -3.91 -10.67
C GLY A 80 -12.69 -3.08 -9.59
N ILE A 81 -11.42 -2.75 -9.77
CA ILE A 81 -10.66 -1.95 -8.82
C ILE A 81 -10.28 -0.64 -9.49
N ARG A 82 -10.76 0.47 -8.95
CA ARG A 82 -10.48 1.77 -9.54
C ARG A 82 -8.98 2.08 -9.45
N PRO A 83 -8.40 2.68 -10.48
CA PRO A 83 -6.98 3.08 -10.40
C PRO A 83 -6.75 4.06 -9.25
N GLU A 84 -5.50 4.10 -8.79
CA GLU A 84 -5.15 4.90 -7.63
C GLU A 84 -5.27 6.38 -7.94
N VAL A 85 -5.90 7.13 -7.05
CA VAL A 85 -6.05 8.57 -7.19
C VAL A 85 -5.08 9.26 -6.26
N LEU A 86 -4.88 10.57 -6.47
CA LEU A 86 -4.03 11.34 -5.60
C LEU A 86 -4.59 11.37 -4.18
N TRP A 87 -3.71 11.70 -3.23
CA TRP A 87 -4.07 11.62 -1.82
C TRP A 87 -5.30 12.44 -1.49
N ASP A 88 -5.38 13.67 -2.02
CA ASP A 88 -6.47 14.58 -1.72
C ASP A 88 -7.08 15.13 -3.00
N GLU A 89 -7.17 14.30 -4.03
CA GLU A 89 -7.75 14.72 -5.31
C GLU A 89 -8.44 13.53 -5.97
N TRP A 90 -9.41 13.84 -6.83
CA TRP A 90 -10.06 12.82 -7.64
C TRP A 90 -9.26 12.47 -8.89
N GLU A 91 -8.25 13.26 -9.23
CA GLU A 91 -7.42 12.97 -10.38
C GLU A 91 -6.64 11.66 -10.17
N GLN A 92 -6.43 10.94 -11.27
CA GLN A 92 -5.68 9.70 -11.22
C GLN A 92 -4.23 9.99 -10.85
N ALA A 93 -3.66 9.12 -10.01
CA ALA A 93 -2.31 9.33 -9.48
C ALA A 93 -1.21 8.99 -10.48
N GLY A 94 -1.54 8.30 -11.57
CA GLY A 94 -0.54 7.94 -12.55
C GLY A 94 0.21 6.66 -12.27
N TRP A 95 -0.36 5.77 -11.44
CA TRP A 95 0.30 4.51 -11.17
C TRP A 95 0.21 3.58 -12.37
N THR A 96 1.24 2.75 -12.55
CA THR A 96 1.32 1.81 -13.65
C THR A 96 1.19 0.36 -13.19
N ASN A 97 0.59 0.14 -12.02
CA ASN A 97 0.37 -1.20 -11.50
C ASN A 97 -1.09 -1.47 -11.16
N ASP A 98 -1.98 -0.54 -11.43
CA ASP A 98 -3.39 -0.66 -11.07
C ASP A 98 -4.26 -1.12 -12.24
N SER A 99 -3.65 -1.71 -13.27
CA SER A 99 -4.42 -2.29 -14.36
C SER A 99 -5.05 -3.59 -13.91
N CYS A 100 -6.37 -3.64 -13.87
CA CYS A 100 -7.11 -4.75 -13.28
C CYS A 100 -7.91 -5.48 -14.36
N VAL A 101 -8.72 -6.44 -13.90
CA VAL A 101 -9.68 -7.14 -14.75
C VAL A 101 -11.04 -6.45 -14.59
N ALA A 102 -11.65 -6.08 -15.71
CA ALA A 102 -12.95 -5.41 -15.70
C ALA A 102 -14.04 -6.47 -15.82
N PHE A 103 -14.69 -6.76 -14.72
CA PHE A 103 -15.77 -7.74 -14.70
C PHE A 103 -17.06 -7.13 -15.22
N PRO A 104 -17.99 -7.96 -15.70
CA PRO A 104 -19.26 -7.42 -16.22
C PRO A 104 -20.01 -6.62 -15.17
N ALA A 105 -20.84 -5.70 -15.65
CA ALA A 105 -21.66 -4.89 -14.77
C ALA A 105 -22.61 -5.77 -13.96
N LEU A 106 -23.02 -5.24 -12.80
CA LEU A 106 -23.89 -6.02 -11.92
C LEU A 106 -25.26 -6.27 -12.53
N THR A 107 -25.67 -5.45 -13.50
CA THR A 107 -26.90 -5.75 -14.22
C THR A 107 -26.74 -6.94 -15.15
N ALA A 108 -25.49 -7.29 -15.51
CA ALA A 108 -25.26 -8.49 -16.30
C ALA A 108 -25.15 -9.72 -15.42
N LEU A 109 -24.53 -9.57 -14.23
CA LEU A 109 -24.46 -10.67 -13.29
C LEU A 109 -25.86 -11.12 -12.86
N ALA A 110 -26.76 -10.17 -12.62
CA ALA A 110 -28.13 -10.51 -12.27
C ALA A 110 -28.86 -11.17 -13.44
N ALA A 111 -28.44 -10.86 -14.68
CA ALA A 111 -29.06 -11.48 -15.84
C ALA A 111 -28.69 -12.96 -15.97
N THR A 112 -27.63 -13.40 -15.30
CA THR A 112 -27.27 -14.82 -15.35
C THR A 112 -28.22 -15.67 -14.51
N TRP A 113 -28.78 -15.10 -13.45
CA TRP A 113 -29.62 -15.82 -12.49
C TRP A 113 -28.89 -17.00 -11.86
N ASN A 114 -27.56 -16.97 -11.87
CA ASN A 114 -26.73 -18.05 -11.37
C ASN A 114 -26.04 -17.57 -10.08
N SER A 115 -26.41 -18.17 -8.95
CA SER A 115 -25.82 -17.79 -7.69
C SER A 115 -24.37 -18.26 -7.56
N ALA A 116 -24.03 -19.37 -8.24
CA ALA A 116 -22.65 -19.85 -8.18
C ALA A 116 -21.69 -18.90 -8.88
N LEU A 117 -22.12 -18.32 -10.01
CA LEU A 117 -21.27 -17.35 -10.69
C LEU A 117 -21.14 -16.06 -9.90
N SER A 118 -22.17 -15.69 -9.14
CA SER A 118 -22.10 -14.46 -8.35
C SER A 118 -21.07 -14.57 -7.24
N GLN A 119 -20.93 -15.76 -6.63
CA GLN A 119 -19.92 -15.95 -5.61
C GLN A 119 -18.52 -15.97 -6.21
N ALA A 120 -18.34 -16.67 -7.33
CA ALA A 120 -17.05 -16.64 -8.02
C ALA A 120 -16.74 -15.25 -8.53
N TYR A 121 -17.77 -14.48 -8.92
CA TYR A 121 -17.58 -13.09 -9.26
C TYR A 121 -17.00 -12.31 -8.09
N GLY A 122 -17.55 -12.52 -6.90
CA GLY A 122 -17.06 -11.82 -5.72
C GLY A 122 -15.71 -12.33 -5.26
N LYS A 123 -15.47 -13.64 -5.38
CA LYS A 123 -14.18 -14.20 -4.97
C LYS A 123 -13.05 -13.65 -5.83
N ALA A 124 -13.28 -13.52 -7.14
CA ALA A 124 -12.25 -12.99 -8.01
C ALA A 124 -12.02 -11.50 -7.76
N LEU A 125 -13.10 -10.76 -7.48
CA LEU A 125 -12.96 -9.32 -7.22
C LEU A 125 -12.27 -9.08 -5.88
N GLY A 126 -12.58 -9.90 -4.87
CA GLY A 126 -11.92 -9.76 -3.59
C GLY A 126 -10.43 -10.04 -3.65
N GLU A 127 -10.02 -10.98 -4.50
CA GLU A 127 -8.60 -11.26 -4.65
C GLU A 127 -7.87 -10.08 -5.29
N GLU A 128 -8.51 -9.40 -6.24
CA GLU A 128 -7.94 -8.19 -6.81
C GLU A 128 -7.98 -7.02 -5.83
N ALA A 129 -8.92 -7.03 -4.88
CA ALA A 129 -8.92 -6.03 -3.83
C ALA A 129 -7.80 -6.27 -2.83
N ARG A 130 -7.56 -7.54 -2.49
CA ARG A 130 -6.43 -7.87 -1.62
C ARG A 130 -5.10 -7.56 -2.29
N TRP A 131 -5.04 -7.63 -3.62
CA TRP A 131 -3.80 -7.32 -4.33
C TRP A 131 -3.48 -5.83 -4.23
N ARG A 132 -4.47 -4.97 -4.48
CA ARG A 132 -4.29 -3.53 -4.35
C ARG A 132 -4.28 -3.06 -2.91
N ASN A 133 -4.33 -3.97 -1.94
CA ASN A 133 -4.31 -3.64 -0.51
C ASN A 133 -5.46 -2.70 -0.16
N LYS A 134 -6.68 -3.12 -0.51
CA LYS A 134 -7.89 -2.37 -0.25
C LYS A 134 -8.74 -3.10 0.78
N SER A 135 -9.28 -2.35 1.74
CA SER A 135 -10.05 -2.92 2.84
C SER A 135 -11.51 -3.15 2.47
N VAL A 136 -12.15 -2.17 1.84
CA VAL A 136 -13.57 -2.22 1.54
C VAL A 136 -13.77 -1.94 0.05
N VAL A 137 -14.59 -2.76 -0.60
CA VAL A 137 -14.99 -2.54 -1.98
C VAL A 137 -16.34 -1.84 -1.95
N LEU A 138 -16.42 -0.67 -2.59
CA LEU A 138 -17.66 0.11 -2.62
C LEU A 138 -18.66 -0.60 -3.55
N GLY A 139 -19.29 -1.63 -3.00
CA GLY A 139 -20.24 -2.44 -3.73
C GLY A 139 -20.69 -3.62 -2.88
N PRO A 140 -21.77 -4.30 -3.30
CA PRO A 140 -22.57 -4.08 -4.51
C PRO A 140 -23.76 -3.16 -4.29
N GLY A 141 -24.31 -2.59 -5.36
CA GLY A 141 -25.51 -1.79 -5.28
C GLY A 141 -26.71 -2.59 -5.74
N VAL A 142 -27.76 -2.59 -4.92
CA VAL A 142 -28.97 -3.35 -5.22
C VAL A 142 -30.18 -2.42 -5.20
N ASN A 143 -30.00 -1.20 -5.68
CA ASN A 143 -31.11 -0.26 -5.74
C ASN A 143 -32.12 -0.71 -6.80
N ILE A 144 -33.39 -0.80 -6.40
CA ILE A 144 -34.43 -1.26 -7.30
C ILE A 144 -34.61 -0.26 -8.43
N ALA A 145 -34.55 -0.76 -9.67
CA ALA A 145 -34.70 0.07 -10.86
C ALA A 145 -36.18 0.33 -11.07
N ARG A 146 -36.69 1.37 -10.41
CA ARG A 146 -38.09 1.75 -10.56
C ARG A 146 -38.36 2.57 -11.80
N THR A 147 -37.32 3.01 -12.51
CA THR A 147 -37.47 3.82 -13.70
C THR A 147 -36.38 3.47 -14.71
N PRO A 148 -36.73 3.36 -16.00
CA PRO A 148 -35.71 3.04 -17.01
C PRO A 148 -34.77 4.19 -17.33
N LEU A 149 -34.89 5.32 -16.65
CA LEU A 149 -34.08 6.49 -16.93
C LEU A 149 -32.98 6.71 -15.90
N ASN A 150 -32.93 5.90 -14.83
CA ASN A 150 -31.88 6.05 -13.83
C ASN A 150 -30.52 5.77 -14.45
N GLY A 151 -29.57 6.67 -14.20
CA GLY A 151 -28.30 6.60 -14.90
C GLY A 151 -27.45 5.41 -14.48
N ARG A 152 -27.41 5.11 -13.18
CA ARG A 152 -26.53 4.07 -12.66
C ARG A 152 -27.27 2.76 -12.38
N ASN A 153 -28.31 2.45 -13.16
CA ASN A 153 -28.95 1.15 -13.05
C ASN A 153 -28.06 0.02 -13.54
N PHE A 154 -27.02 0.34 -14.32
CA PHE A 154 -26.15 -0.70 -14.87
C PHE A 154 -25.37 -1.42 -13.78
N GLU A 155 -25.09 -0.75 -12.66
CA GLU A 155 -24.38 -1.37 -11.56
C GLU A 155 -25.32 -1.90 -10.48
N TYR A 156 -26.61 -1.98 -10.77
CA TYR A 156 -27.60 -2.54 -9.85
C TYR A 156 -28.03 -3.93 -10.35
N MET A 157 -29.02 -4.51 -9.68
CA MET A 157 -29.41 -5.88 -9.98
C MET A 157 -30.89 -5.98 -10.36
N GLY A 158 -31.34 -5.15 -11.28
CA GLY A 158 -32.67 -5.29 -11.84
C GLY A 158 -33.75 -4.60 -11.04
N GLU A 159 -34.99 -5.01 -11.32
CA GLU A 159 -36.18 -4.39 -10.74
C GLU A 159 -36.89 -5.26 -9.71
N ASP A 160 -36.59 -6.56 -9.67
CA ASP A 160 -37.30 -7.43 -8.73
C ASP A 160 -36.50 -7.56 -7.43
N PRO A 161 -37.15 -7.45 -6.27
CA PRO A 161 -36.42 -7.58 -5.01
C PRO A 161 -35.89 -8.97 -4.75
N TYR A 162 -36.61 -10.02 -5.17
CA TYR A 162 -36.17 -11.37 -4.89
C TYR A 162 -34.94 -11.74 -5.71
N LEU A 163 -34.93 -11.36 -7.00
CA LEU A 163 -33.76 -11.64 -7.83
C LEU A 163 -32.53 -10.92 -7.30
N ALA A 164 -32.69 -9.66 -6.88
CA ALA A 164 -31.56 -8.93 -6.29
C ALA A 164 -31.12 -9.54 -4.99
N ALA A 165 -32.07 -9.93 -4.13
CA ALA A 165 -31.72 -10.52 -2.84
C ALA A 165 -31.04 -11.86 -2.99
N ARG A 166 -31.36 -12.62 -4.04
CA ARG A 166 -30.73 -13.92 -4.24
C ARG A 166 -29.38 -13.83 -4.94
N MET A 167 -29.11 -12.72 -5.63
CA MET A 167 -27.83 -12.54 -6.30
C MET A 167 -26.85 -11.69 -5.51
N VAL A 168 -27.31 -10.97 -4.48
CA VAL A 168 -26.39 -10.13 -3.71
C VAL A 168 -25.69 -10.93 -2.62
N VAL A 169 -26.34 -11.95 -2.07
CA VAL A 169 -25.78 -12.72 -0.96
C VAL A 169 -24.54 -13.50 -1.42
N PRO A 170 -24.57 -14.24 -2.53
CA PRO A 170 -23.34 -14.91 -2.96
C PRO A 170 -22.23 -13.94 -3.36
N TYR A 171 -22.59 -12.79 -3.94
CA TYR A 171 -21.58 -11.78 -4.26
C TYR A 171 -20.83 -11.33 -3.01
N ILE A 172 -21.56 -11.15 -1.90
CA ILE A 172 -20.92 -10.70 -0.67
C ILE A 172 -20.08 -11.82 -0.06
N TYR A 173 -20.56 -13.06 -0.15
CA TYR A 173 -19.79 -14.19 0.35
C TYR A 173 -18.45 -14.29 -0.36
N GLY A 174 -18.42 -14.01 -1.65
CA GLY A 174 -17.17 -14.15 -2.41
C GLY A 174 -16.15 -13.11 -2.04
N VAL A 175 -16.56 -11.84 -1.97
CA VAL A 175 -15.62 -10.77 -1.65
C VAL A 175 -15.11 -10.91 -0.22
N GLN A 176 -16.03 -11.05 0.73
CA GLN A 176 -15.65 -11.11 2.14
C GLN A 176 -14.94 -12.40 2.52
N SER A 177 -14.91 -13.39 1.62
CA SER A 177 -14.10 -14.59 1.88
C SER A 177 -12.62 -14.28 1.84
N ASN A 178 -12.22 -13.23 1.11
CA ASN A 178 -10.84 -12.80 1.04
C ASN A 178 -10.46 -11.85 2.17
N GLY A 179 -11.39 -11.51 3.05
CA GLY A 179 -11.14 -10.52 4.07
C GLY A 179 -11.32 -9.09 3.63
N VAL A 180 -11.97 -8.86 2.49
CA VAL A 180 -12.27 -7.53 1.99
C VAL A 180 -13.77 -7.30 2.14
N ALA A 181 -14.13 -6.26 2.89
CA ALA A 181 -15.53 -6.00 3.17
C ALA A 181 -16.25 -5.47 1.94
N THR A 182 -17.53 -5.81 1.83
CA THR A 182 -18.40 -5.22 0.83
C THR A 182 -19.07 -3.98 1.39
N SER A 183 -19.56 -3.13 0.49
CA SER A 183 -20.26 -1.91 0.86
C SER A 183 -21.62 -1.92 0.16
N LEU A 184 -22.64 -2.41 0.86
CA LEU A 184 -24.00 -2.42 0.35
C LEU A 184 -24.42 -1.02 -0.06
N LYS A 185 -24.32 -0.70 -1.35
CA LYS A 185 -24.38 0.68 -1.80
C LYS A 185 -25.79 1.24 -1.73
N HIS A 186 -25.89 2.47 -1.23
CA HIS A 186 -27.08 3.30 -1.32
C HIS A 186 -28.27 2.68 -0.59
N PHE A 187 -28.03 2.31 0.67
CA PHE A 187 -29.11 1.84 1.53
C PHE A 187 -30.13 2.95 1.70
N ALA A 188 -31.09 3.02 0.79
CA ALA A 188 -32.01 4.15 0.73
C ALA A 188 -33.13 3.91 -0.26
N LEU A 189 -33.43 4.93 -1.06
CA LEU A 189 -34.35 4.84 -2.18
C LEU A 189 -33.76 5.59 -3.37
N ASN A 190 -32.43 5.51 -3.52
CA ASN A 190 -31.71 6.21 -4.58
C ASN A 190 -31.99 5.50 -5.91
N ASN A 191 -33.16 5.79 -6.47
CA ASN A 191 -33.62 5.15 -7.70
C ASN A 191 -33.50 6.05 -8.92
N HIS A 192 -33.03 7.28 -8.75
CA HIS A 192 -32.73 8.16 -9.87
C HIS A 192 -31.68 9.17 -9.45
N GLU A 193 -30.95 9.69 -10.42
CA GLU A 193 -29.80 10.54 -10.14
C GLU A 193 -30.09 12.03 -10.27
N LEU A 194 -31.18 12.41 -10.91
CA LEU A 194 -31.53 13.82 -11.03
C LEU A 194 -31.90 14.37 -9.66
N ASN A 195 -31.18 15.41 -9.22
CA ASN A 195 -31.39 16.02 -7.91
C ASN A 195 -31.19 15.00 -6.79
N ARG A 196 -30.21 14.10 -6.97
CA ARG A 196 -30.01 13.01 -6.02
C ARG A 196 -29.60 13.49 -4.64
N HIS A 197 -29.02 14.69 -4.53
CA HIS A 197 -28.60 15.21 -3.24
C HIS A 197 -29.71 15.92 -2.48
N THR A 198 -30.74 16.39 -3.17
CA THR A 198 -31.82 17.16 -2.57
C THR A 198 -33.17 16.55 -2.88
N THR A 199 -33.25 15.22 -2.89
CA THR A 199 -34.48 14.49 -3.20
C THR A 199 -34.97 13.77 -1.96
N ASN A 200 -36.20 14.08 -1.54
CA ASN A 200 -36.85 13.40 -0.42
C ASN A 200 -37.88 12.43 -0.98
N VAL A 201 -37.66 11.15 -0.74
CA VAL A 201 -38.53 10.10 -1.26
C VAL A 201 -39.68 9.87 -0.29
N ARG A 202 -40.91 9.95 -0.81
CA ARG A 202 -42.12 9.66 -0.04
C ARG A 202 -42.69 8.35 -0.54
N VAL A 203 -42.52 7.28 0.24
CA VAL A 203 -42.96 5.96 -0.15
C VAL A 203 -43.70 5.33 1.03
N SER A 204 -44.73 4.54 0.71
CA SER A 204 -45.50 3.87 1.73
C SER A 204 -44.68 2.77 2.41
N ASP A 205 -45.18 2.29 3.55
CA ASP A 205 -44.49 1.22 4.26
C ASP A 205 -44.59 -0.10 3.50
N ARG A 206 -45.68 -0.32 2.77
CA ARG A 206 -45.83 -1.56 2.02
C ARG A 206 -44.81 -1.64 0.88
N ALA A 207 -44.72 -0.58 0.07
CA ALA A 207 -43.75 -0.57 -1.02
C ALA A 207 -42.32 -0.59 -0.48
N LEU A 208 -42.10 0.01 0.69
CA LEU A 208 -40.77 -0.02 1.29
C LEU A 208 -40.38 -1.43 1.73
N ARG A 209 -41.32 -2.16 2.34
CA ARG A 209 -41.01 -3.48 2.88
C ARG A 209 -41.02 -4.58 1.82
N GLU A 210 -41.77 -4.40 0.73
CA GLU A 210 -41.93 -5.45 -0.26
C GLU A 210 -41.04 -5.28 -1.48
N ILE A 211 -40.50 -4.09 -1.74
CA ILE A 211 -39.77 -3.83 -2.97
C ILE A 211 -38.35 -3.35 -2.68
N TYR A 212 -38.24 -2.27 -1.90
CA TYR A 212 -36.97 -1.57 -1.79
C TYR A 212 -36.07 -2.10 -0.68
N LEU A 213 -36.64 -2.65 0.38
CA LEU A 213 -35.84 -3.17 1.50
C LEU A 213 -35.44 -4.64 1.39
N PRO A 214 -36.24 -5.53 0.77
CA PRO A 214 -35.85 -6.96 0.75
C PRO A 214 -34.42 -7.23 0.28
N ALA A 215 -33.95 -6.51 -0.73
CA ALA A 215 -32.59 -6.76 -1.22
C ALA A 215 -31.54 -6.40 -0.17
N PHE A 216 -31.79 -5.33 0.60
CA PHE A 216 -30.84 -4.92 1.62
C PHE A 216 -30.88 -5.84 2.84
N GLU A 217 -32.08 -6.28 3.25
CA GLU A 217 -32.20 -7.13 4.42
C GLU A 217 -31.51 -8.47 4.21
N ALA A 218 -31.63 -9.03 3.00
CA ALA A 218 -30.97 -10.30 2.72
C ALA A 218 -29.44 -10.14 2.74
N ALA A 219 -28.94 -9.01 2.25
CA ALA A 219 -27.50 -8.78 2.25
C ALA A 219 -26.96 -8.56 3.66
N VAL A 220 -27.80 -8.06 4.56
CA VAL A 220 -27.38 -7.80 5.94
C VAL A 220 -27.54 -9.03 6.81
N ARG A 221 -28.74 -9.62 6.80
CA ARG A 221 -29.01 -10.76 7.69
C ARG A 221 -28.33 -12.04 7.19
N GLU A 222 -28.37 -12.29 5.88
CA GLU A 222 -27.81 -13.51 5.33
C GLU A 222 -26.41 -13.31 4.76
N GLY A 223 -26.23 -12.28 3.92
CA GLY A 223 -24.91 -12.01 3.37
C GLY A 223 -23.88 -11.57 4.39
N LYS A 224 -24.32 -11.00 5.51
CA LYS A 224 -23.44 -10.57 6.59
C LYS A 224 -22.43 -9.52 6.11
N THR A 225 -22.93 -8.52 5.40
CA THR A 225 -22.07 -7.46 4.90
C THR A 225 -21.47 -6.67 6.05
N TRP A 226 -20.19 -6.34 5.92
CA TRP A 226 -19.46 -5.64 6.97
C TRP A 226 -19.55 -4.13 6.85
N THR A 227 -20.05 -3.60 5.74
CA THR A 227 -20.17 -2.17 5.54
C THR A 227 -21.42 -1.89 4.72
N VAL A 228 -22.18 -0.89 5.15
CA VAL A 228 -23.38 -0.45 4.44
C VAL A 228 -23.23 1.04 4.13
N MET A 229 -23.48 1.42 2.88
CA MET A 229 -23.32 2.79 2.44
C MET A 229 -24.68 3.47 2.32
N GLY A 230 -24.83 4.62 2.96
CA GLY A 230 -26.02 5.42 2.78
C GLY A 230 -25.94 6.27 1.53
N ALA A 231 -27.10 6.51 0.92
CA ALA A 231 -27.16 7.20 -0.36
C ALA A 231 -27.18 8.72 -0.15
N TYR A 232 -27.35 9.47 -1.24
CA TYR A 232 -27.37 10.92 -1.22
C TYR A 232 -28.74 11.50 -0.95
N ASN A 233 -29.81 10.76 -1.22
CA ASN A 233 -31.17 11.28 -1.17
C ASN A 233 -31.64 11.36 0.28
N LEU A 234 -32.90 11.71 0.47
CA LEU A 234 -33.50 11.88 1.79
C LEU A 234 -34.74 11.00 1.92
N TYR A 235 -35.02 10.58 3.16
CA TYR A 235 -36.21 9.82 3.48
C TYR A 235 -36.80 10.38 4.76
N ARG A 236 -38.07 10.80 4.71
CA ARG A 236 -38.73 11.48 5.82
C ARG A 236 -37.95 12.73 6.23
N ASP A 237 -37.54 13.51 5.22
CA ASP A 237 -36.82 14.77 5.41
C ASP A 237 -35.51 14.56 6.17
N GLN A 238 -34.86 13.42 5.96
CA GLN A 238 -33.57 13.13 6.58
C GLN A 238 -32.68 12.44 5.56
N HIS A 239 -31.47 12.95 5.38
CA HIS A 239 -30.50 12.28 4.52
C HIS A 239 -30.19 10.89 5.05
N LEU A 240 -30.05 9.94 4.15
CA LEU A 240 -29.90 8.54 4.54
C LEU A 240 -28.53 8.21 5.12
N CYS A 241 -27.55 9.10 4.96
CA CYS A 241 -26.28 8.91 5.65
C CYS A 241 -26.38 9.17 7.14
N HIS A 242 -27.48 9.77 7.60
CA HIS A 242 -27.77 10.01 9.01
C HIS A 242 -29.30 10.07 9.16
N ASN A 243 -29.94 8.94 8.89
CA ASN A 243 -31.40 8.80 8.95
C ASN A 243 -31.77 7.93 10.14
N GLN A 244 -32.51 8.49 11.09
CA GLN A 244 -32.85 7.75 12.30
C GLN A 244 -33.81 6.60 12.01
N TYR A 245 -34.62 6.72 10.96
CA TYR A 245 -35.65 5.72 10.72
C TYR A 245 -35.09 4.46 10.09
N LEU A 246 -34.18 4.59 9.12
CA LEU A 246 -33.66 3.43 8.41
C LEU A 246 -32.31 2.96 8.94
N LEU A 247 -31.47 3.85 9.44
CA LEU A 247 -30.16 3.42 9.96
C LEU A 247 -30.28 2.87 11.37
N ASN A 248 -31.08 3.50 12.23
CA ASN A 248 -31.22 3.05 13.61
C ASN A 248 -32.36 2.03 13.76
N ASP A 249 -33.59 2.43 13.47
CA ASP A 249 -34.74 1.59 13.76
C ASP A 249 -34.72 0.32 12.91
N VAL A 250 -34.43 0.44 11.62
CA VAL A 250 -34.52 -0.70 10.71
C VAL A 250 -33.21 -1.47 10.70
N LEU A 251 -32.11 -0.79 10.40
CA LEU A 251 -30.84 -1.46 10.17
C LEU A 251 -30.22 -1.99 11.46
N LYS A 252 -29.85 -1.09 12.37
CA LYS A 252 -29.11 -1.49 13.56
C LYS A 252 -29.97 -2.12 14.63
N ARG A 253 -31.27 -1.82 14.67
CA ARG A 253 -32.16 -2.35 15.70
C ARG A 253 -32.94 -3.57 15.20
N GLU A 254 -33.80 -3.38 14.19
CA GLU A 254 -34.65 -4.47 13.73
C GLU A 254 -33.84 -5.58 13.10
N TRP A 255 -32.85 -5.24 12.27
CA TRP A 255 -32.02 -6.22 11.59
C TRP A 255 -30.77 -6.59 12.38
N ASN A 256 -30.54 -5.94 13.52
CA ASN A 256 -29.39 -6.23 14.39
C ASN A 256 -28.08 -6.14 13.61
N TYR A 257 -27.87 -5.00 12.96
CA TYR A 257 -26.69 -4.79 12.14
C TYR A 257 -25.50 -4.41 13.03
N ASP A 258 -24.42 -5.19 12.93
CA ASP A 258 -23.22 -4.95 13.73
C ASP A 258 -22.08 -4.35 12.92
N GLY A 259 -22.27 -4.09 11.63
CA GLY A 259 -21.23 -3.56 10.79
C GLY A 259 -21.15 -2.04 10.84
N VAL A 260 -20.50 -1.49 9.83
CA VAL A 260 -20.26 -0.05 9.73
C VAL A 260 -21.26 0.54 8.74
N VAL A 261 -21.87 1.67 9.12
CA VAL A 261 -22.70 2.42 8.20
C VAL A 261 -21.87 3.56 7.62
N VAL A 262 -21.10 3.25 6.57
CA VAL A 262 -20.32 4.29 5.91
C VAL A 262 -21.24 5.18 5.08
N SER A 263 -20.75 6.37 4.76
CA SER A 263 -21.51 7.34 3.98
C SER A 263 -20.98 7.39 2.56
N ASP A 264 -21.87 7.69 1.62
CA ASP A 264 -21.44 7.96 0.26
C ASP A 264 -20.63 9.26 0.23
N TRP A 265 -19.69 9.32 -0.72
CA TRP A 265 -18.74 10.42 -0.77
C TRP A 265 -19.45 11.75 -1.03
N GLY A 266 -19.77 12.45 0.05
CA GLY A 266 -20.51 13.71 -0.01
C GLY A 266 -21.91 13.66 0.53
N GLY A 267 -22.31 12.56 1.16
CA GLY A 267 -23.67 12.39 1.65
C GLY A 267 -23.96 12.90 3.04
N THR A 268 -22.91 13.19 3.82
CA THR A 268 -23.11 13.73 5.16
C THR A 268 -23.26 15.25 5.09
N HIS A 269 -24.30 15.77 5.73
CA HIS A 269 -24.60 17.20 5.64
C HIS A 269 -24.96 17.81 6.99
N ASN A 270 -24.86 17.07 8.09
CA ASN A 270 -25.28 17.58 9.39
C ASN A 270 -24.45 16.90 10.48
N THR A 271 -23.96 17.70 11.43
CA THR A 271 -23.19 17.16 12.54
C THR A 271 -24.08 16.48 13.58
N ASP A 272 -25.21 17.12 13.92
CA ASP A 272 -26.07 16.57 14.96
C ASP A 272 -26.68 15.24 14.55
N GLU A 273 -27.14 15.14 13.30
CA GLU A 273 -27.74 13.89 12.85
C GLU A 273 -26.71 12.79 12.68
N ALA A 274 -25.48 13.14 12.26
CA ALA A 274 -24.44 12.13 12.08
C ALA A 274 -24.04 11.47 13.38
N VAL A 275 -24.32 12.10 14.53
CA VAL A 275 -23.96 11.53 15.82
C VAL A 275 -25.06 10.62 16.35
N ARG A 276 -26.31 11.06 16.27
CA ARG A 276 -27.42 10.33 16.86
C ARG A 276 -28.04 9.30 15.91
N HIS A 277 -28.13 9.62 14.63
CA HIS A 277 -28.82 8.75 13.68
C HIS A 277 -27.96 7.58 13.20
N GLY A 278 -26.73 7.45 13.70
CA GLY A 278 -25.95 6.25 13.45
C GLY A 278 -25.08 6.28 12.21
N LEU A 279 -24.19 7.27 12.11
CA LEU A 279 -23.19 7.31 11.07
C LEU A 279 -21.85 6.89 11.68
N ASP A 280 -21.25 5.83 11.13
CA ASP A 280 -20.05 5.25 11.69
C ASP A 280 -18.77 5.72 11.01
N LEU A 281 -18.79 5.95 9.71
CA LEU A 281 -17.59 6.33 8.97
C LEU A 281 -17.95 7.37 7.92
N GLU A 282 -17.27 8.51 7.95
CA GLU A 282 -17.55 9.65 7.09
C GLU A 282 -16.47 9.79 6.03
N PHE A 283 -16.90 10.05 4.79
CA PHE A 283 -15.97 10.16 3.66
C PHE A 283 -16.48 11.19 2.68
N GLY A 284 -15.55 11.92 2.05
CA GLY A 284 -15.87 12.80 0.95
C GLY A 284 -16.75 13.99 1.29
N THR A 285 -16.76 14.42 2.54
CA THR A 285 -17.58 15.57 2.93
C THR A 285 -17.06 16.85 2.28
N TRP A 286 -17.98 17.63 1.70
CA TRP A 286 -17.61 18.86 1.03
C TRP A 286 -17.04 19.87 2.03
N THR A 287 -16.00 20.57 1.61
CA THR A 287 -15.37 21.58 2.46
C THR A 287 -15.41 22.96 1.80
N ALA A 297 -9.26 20.63 6.08
CA ALA A 297 -10.43 20.12 5.36
C ALA A 297 -11.03 18.92 6.10
N TYR A 298 -10.21 17.89 6.30
CA TYR A 298 -10.69 16.69 6.99
C TYR A 298 -10.99 16.95 8.46
N ASP A 299 -10.37 17.97 9.07
CA ASP A 299 -10.76 18.36 10.41
C ASP A 299 -12.11 19.05 10.45
N SER A 300 -12.62 19.48 9.30
CA SER A 300 -13.90 20.17 9.21
C SER A 300 -15.06 19.24 8.90
N TYR A 301 -14.85 17.93 8.96
CA TYR A 301 -15.94 17.00 8.72
C TYR A 301 -16.97 17.06 9.84
N TYR A 302 -18.18 16.62 9.53
CA TYR A 302 -19.27 16.66 10.52
C TYR A 302 -19.01 15.75 11.70
N LEU A 303 -18.14 14.74 11.55
CA LEU A 303 -17.72 13.89 12.65
C LEU A 303 -16.26 14.15 13.04
N ALA A 304 -15.82 15.40 12.93
CA ALA A 304 -14.43 15.75 13.21
C ALA A 304 -14.44 16.83 14.29
N ARG A 305 -13.91 18.02 14.00
CA ARG A 305 -13.84 19.06 15.02
C ARG A 305 -15.20 19.49 15.55
N PRO A 306 -16.26 19.64 14.73
CA PRO A 306 -17.58 19.92 15.33
C PRO A 306 -18.02 18.87 16.32
N TYR A 307 -17.68 17.60 16.09
CA TYR A 307 -18.01 16.55 17.05
C TYR A 307 -17.11 16.61 18.27
N ALA A 308 -15.80 16.83 18.06
CA ALA A 308 -14.88 16.89 19.18
C ALA A 308 -15.16 18.07 20.09
N ASP A 309 -15.64 19.19 19.55
CA ASP A 309 -15.97 20.34 20.38
C ASP A 309 -17.25 20.12 21.17
N ALA A 310 -18.24 19.47 20.55
CA ALA A 310 -19.51 19.24 21.22
C ALA A 310 -19.36 18.23 22.37
N ILE A 311 -18.41 17.31 22.26
CA ILE A 311 -18.17 16.37 23.35
C ILE A 311 -17.50 17.07 24.52
N ALA A 312 -16.50 17.91 24.25
CA ALA A 312 -15.81 18.63 25.32
C ALA A 312 -16.72 19.67 25.96
N ALA A 313 -17.62 20.28 25.18
CA ALA A 313 -18.54 21.27 25.72
C ALA A 313 -19.65 20.66 26.55
N GLY A 314 -19.88 19.35 26.45
CA GLY A 314 -20.89 18.68 27.22
C GLY A 314 -22.22 18.46 26.53
N ARG A 315 -22.30 18.69 25.23
CA ARG A 315 -23.54 18.48 24.49
C ARG A 315 -23.72 17.04 24.05
N TYR A 316 -22.64 16.34 23.71
CA TYR A 316 -22.70 14.95 23.31
C TYR A 316 -21.80 14.12 24.22
N GLY A 317 -22.24 12.90 24.51
CA GLY A 317 -21.44 11.97 25.30
C GLY A 317 -20.50 11.16 24.43
N THR A 318 -19.71 10.32 25.09
CA THR A 318 -18.78 9.44 24.40
C THR A 318 -19.33 8.05 24.16
N ASP A 319 -20.53 7.75 24.68
CA ASP A 319 -21.12 6.44 24.46
C ASP A 319 -21.48 6.24 22.99
N GLU A 320 -22.15 7.24 22.39
CA GLU A 320 -22.43 7.17 20.96
C GLU A 320 -21.14 7.22 20.15
N LEU A 321 -20.11 7.89 20.66
CA LEU A 321 -18.81 7.88 19.99
C LEU A 321 -18.17 6.50 20.07
N ASP A 322 -18.26 5.86 21.25
CA ASP A 322 -17.68 4.53 21.40
C ASP A 322 -18.39 3.51 20.52
N ASP A 323 -19.70 3.67 20.30
CA ASP A 323 -20.41 2.77 19.40
C ASP A 323 -19.88 2.87 17.99
N LYS A 324 -19.60 4.08 17.51
CA LYS A 324 -18.99 4.25 16.20
C LYS A 324 -17.60 3.63 16.15
N VAL A 325 -16.80 3.86 17.19
CA VAL A 325 -15.46 3.27 17.24
C VAL A 325 -15.55 1.75 17.36
N ARG A 326 -16.54 1.25 18.11
CA ARG A 326 -16.71 -0.20 18.26
C ARG A 326 -16.96 -0.85 16.91
N ARG A 327 -17.73 -0.18 16.05
CA ARG A 327 -18.06 -0.76 14.74
C ARG A 327 -16.91 -0.60 13.75
N VAL A 328 -16.25 0.56 13.76
CA VAL A 328 -15.13 0.77 12.85
C VAL A 328 -13.98 -0.17 13.21
N LEU A 329 -13.73 -0.38 14.50
CA LEU A 329 -12.73 -1.35 14.91
C LEU A 329 -13.14 -2.77 14.52
N ARG A 330 -14.44 -3.08 14.64
CA ARG A 330 -14.91 -4.39 14.21
C ARG A 330 -14.70 -4.59 12.71
N LEU A 331 -14.88 -3.52 11.93
CA LEU A 331 -14.56 -3.58 10.51
C LEU A 331 -13.07 -3.79 10.28
N THR A 332 -12.24 -3.13 11.09
CA THR A 332 -10.79 -3.26 10.94
C THR A 332 -10.32 -4.65 11.36
N TYR A 333 -10.91 -5.20 12.42
CA TYR A 333 -10.52 -6.53 12.89
C TYR A 333 -10.99 -7.64 11.96
N ARG A 334 -12.02 -7.39 11.15
CA ARG A 334 -12.45 -8.35 10.14
C ARG A 334 -11.65 -8.25 8.85
N THR A 335 -10.81 -7.21 8.70
CA THR A 335 -10.09 -7.00 7.45
C THR A 335 -8.59 -6.88 7.68
N GLU A 336 -8.10 -5.66 7.88
CA GLU A 336 -6.66 -5.41 7.88
C GLU A 336 -5.96 -5.96 9.13
N MET A 337 -6.70 -6.19 10.22
CA MET A 337 -6.07 -6.70 11.43
C MET A 337 -5.72 -8.18 11.31
N ARG A 338 -6.36 -8.91 10.41
CA ARG A 338 -6.12 -10.33 10.25
C ARG A 338 -4.85 -10.58 9.45
N THR A 339 -4.37 -11.83 9.51
CA THR A 339 -3.22 -12.27 8.73
C THR A 339 -3.51 -13.47 7.85
N ASP A 340 -4.53 -14.28 8.17
CA ASP A 340 -4.84 -15.48 7.43
C ASP A 340 -5.55 -15.21 6.10
N ARG A 341 -5.73 -13.95 5.73
CA ARG A 341 -6.41 -13.64 4.48
C ARG A 341 -5.55 -14.04 3.29
N PRO A 342 -6.17 -14.39 2.16
CA PRO A 342 -5.38 -14.67 0.96
C PRO A 342 -4.76 -13.40 0.41
N ARG A 343 -3.55 -13.56 -0.14
CA ARG A 343 -2.82 -12.41 -0.65
C ARG A 343 -3.50 -11.80 -1.88
N GLY A 344 -4.11 -12.64 -2.71
CA GLY A 344 -4.77 -12.16 -3.91
C GLY A 344 -3.85 -12.11 -5.10
N ALA A 345 -4.44 -11.74 -6.25
CA ALA A 345 -3.70 -11.61 -7.49
C ALA A 345 -4.49 -10.67 -8.40
N MET A 346 -3.91 -10.35 -9.55
CA MET A 346 -4.56 -9.46 -10.50
C MET A 346 -4.21 -9.91 -11.92
N CYS A 347 -5.23 -9.95 -12.77
CA CYS A 347 -5.09 -10.34 -14.18
C CYS A 347 -4.56 -11.76 -14.31
N SER A 348 -5.15 -12.67 -13.54
CA SER A 348 -4.80 -14.08 -13.61
C SER A 348 -5.73 -14.81 -14.58
N GLU A 349 -5.34 -16.04 -14.92
CA GLU A 349 -6.16 -16.83 -15.84
C GLU A 349 -7.52 -17.15 -15.21
N GLU A 350 -7.56 -17.38 -13.90
CA GLU A 350 -8.82 -17.66 -13.23
C GLU A 350 -9.74 -16.44 -13.27
N HIS A 351 -9.20 -15.25 -12.98
CA HIS A 351 -10.03 -14.05 -12.94
C HIS A 351 -10.59 -13.72 -14.32
N TYR A 352 -9.78 -13.90 -15.36
CA TYR A 352 -10.30 -13.71 -16.72
C TYR A 352 -11.33 -14.77 -17.08
N ALA A 353 -11.12 -16.00 -16.60
CA ALA A 353 -12.07 -17.08 -16.87
C ALA A 353 -13.40 -16.84 -16.16
N VAL A 354 -13.37 -16.22 -14.98
CA VAL A 354 -14.60 -15.90 -14.27
C VAL A 354 -15.39 -14.83 -15.04
N ALA A 355 -14.72 -13.76 -15.45
CA ALA A 355 -15.38 -12.73 -16.25
C ALA A 355 -15.87 -13.28 -17.57
N ARG A 356 -15.16 -14.27 -18.12
CA ARG A 356 -15.62 -14.92 -19.35
C ARG A 356 -16.90 -15.71 -19.10
N ALA A 357 -16.95 -16.46 -17.99
CA ALA A 357 -18.13 -17.28 -17.70
C ALA A 357 -19.33 -16.40 -17.37
N VAL A 358 -19.13 -15.31 -16.64
CA VAL A 358 -20.23 -14.41 -16.32
C VAL A 358 -20.83 -13.82 -17.59
N GLY A 359 -19.99 -13.43 -18.53
CA GLY A 359 -20.49 -12.84 -19.76
C GLY A 359 -21.24 -13.82 -20.64
N ASN A 360 -20.75 -15.07 -20.72
CA ASN A 360 -21.42 -16.06 -21.55
C ASN A 360 -22.82 -16.38 -21.04
N GLU A 361 -23.03 -16.33 -19.72
CA GLU A 361 -24.34 -16.60 -19.15
C GLU A 361 -25.13 -15.32 -18.89
N ALA A 362 -24.57 -14.15 -19.16
CA ALA A 362 -25.29 -12.90 -19.00
C ALA A 362 -26.02 -12.47 -20.26
N ILE A 363 -25.46 -12.77 -21.43
CA ILE A 363 -26.09 -12.37 -22.69
C ILE A 363 -27.48 -12.99 -22.79
N VAL A 364 -28.47 -12.14 -23.00
CA VAL A 364 -29.87 -12.54 -23.07
C VAL A 364 -30.29 -12.57 -24.53
N LEU A 365 -30.73 -13.73 -25.00
CA LEU A 365 -31.22 -13.87 -26.37
C LEU A 365 -32.69 -13.46 -26.40
N LEU A 366 -32.96 -12.27 -26.95
CA LEU A 366 -34.32 -11.75 -26.98
C LEU A 366 -35.11 -12.31 -28.17
N LYS A 367 -34.61 -12.06 -29.37
CA LYS A 367 -35.25 -12.52 -30.60
C LYS A 367 -34.28 -13.37 -31.39
N ASN A 368 -34.80 -14.38 -32.10
CA ASN A 368 -34.01 -15.29 -32.92
C ASN A 368 -34.95 -15.88 -33.97
N ASP A 369 -35.34 -15.03 -34.92
CA ASP A 369 -36.32 -15.42 -35.93
C ASP A 369 -35.73 -16.45 -36.88
N LYS A 370 -36.47 -17.53 -37.13
CA LYS A 370 -36.10 -18.58 -38.06
C LYS A 370 -34.77 -19.24 -37.71
N ASN A 371 -34.38 -19.18 -36.43
CA ASN A 371 -33.14 -19.77 -35.95
C ASN A 371 -31.93 -19.29 -36.75
N ILE A 372 -31.89 -17.98 -36.98
CA ILE A 372 -30.75 -17.39 -37.70
C ILE A 372 -29.46 -17.59 -36.91
N LEU A 373 -29.54 -17.55 -35.58
CA LEU A 373 -28.42 -17.84 -34.70
C LEU A 373 -28.53 -19.26 -34.16
N PRO A 374 -27.41 -19.97 -33.97
CA PRO A 374 -26.02 -19.52 -34.14
C PRO A 374 -25.58 -19.48 -35.60
N LEU A 375 -24.53 -18.74 -35.90
CA LEU A 375 -24.03 -18.68 -37.26
C LEU A 375 -23.39 -20.02 -37.64
N PRO A 376 -23.38 -20.36 -38.93
CA PRO A 376 -22.74 -21.61 -39.35
C PRO A 376 -21.25 -21.59 -39.07
N ALA A 377 -20.65 -22.78 -39.12
CA ALA A 377 -19.21 -22.89 -38.87
C ALA A 377 -18.40 -22.23 -39.97
N ASP A 378 -18.92 -22.22 -41.20
CA ASP A 378 -18.25 -21.59 -42.34
C ASP A 378 -18.80 -20.19 -42.62
N ALA A 379 -19.25 -19.49 -41.59
CA ALA A 379 -19.84 -18.17 -41.78
C ALA A 379 -18.78 -17.17 -42.24
N ARG A 380 -19.07 -16.48 -43.35
CA ARG A 380 -18.17 -15.49 -43.91
C ARG A 380 -19.00 -14.28 -44.35
N ASN A 381 -18.31 -13.28 -44.89
CA ASN A 381 -18.95 -12.07 -45.42
C ASN A 381 -19.79 -11.37 -44.35
N LEU A 382 -19.25 -11.30 -43.14
CA LEU A 382 -19.95 -10.68 -42.02
C LEU A 382 -19.63 -9.19 -41.96
N LEU A 383 -20.66 -8.39 -41.69
CA LEU A 383 -20.53 -6.95 -41.57
C LEU A 383 -20.91 -6.53 -40.15
N VAL A 384 -20.01 -5.81 -39.47
CA VAL A 384 -20.25 -5.29 -38.14
C VAL A 384 -20.45 -3.79 -38.25
N VAL A 385 -21.53 -3.30 -37.65
CA VAL A 385 -21.88 -1.88 -37.69
C VAL A 385 -22.13 -1.40 -36.27
N GLY A 386 -21.64 -0.21 -35.96
CA GLY A 386 -21.89 0.42 -34.67
C GLY A 386 -20.65 0.99 -34.01
N GLU A 387 -20.86 2.02 -33.20
CA GLU A 387 -19.76 2.60 -32.43
C GLU A 387 -19.35 1.69 -31.28
N ASN A 388 -20.33 1.08 -30.60
CA ASN A 388 -20.08 0.19 -29.48
C ASN A 388 -19.35 -1.09 -29.88
N ALA A 389 -19.06 -1.28 -31.17
CA ALA A 389 -18.29 -2.43 -31.61
C ALA A 389 -16.79 -2.19 -31.51
N ILE A 390 -16.36 -0.94 -31.37
CA ILE A 390 -14.94 -0.61 -31.29
C ILE A 390 -14.69 0.36 -30.14
N LYS A 391 -15.71 0.60 -29.33
CA LYS A 391 -15.63 1.55 -28.23
C LYS A 391 -15.47 0.80 -26.91
N MET A 392 -14.53 1.25 -26.09
CA MET A 392 -14.30 0.64 -24.79
C MET A 392 -15.38 1.08 -23.81
N MET A 393 -15.88 0.13 -23.02
CA MET A 393 -16.93 0.39 -22.04
C MET A 393 -16.45 0.31 -20.61
N THR A 394 -15.14 0.17 -20.39
CA THR A 394 -14.60 0.07 -19.05
C THR A 394 -14.00 1.38 -18.54
N VAL A 395 -13.63 2.29 -19.44
CA VAL A 395 -13.07 3.58 -19.06
C VAL A 395 -14.18 4.63 -19.09
N GLY A 396 -14.14 5.56 -18.14
CA GLY A 396 -15.13 6.61 -18.04
C GLY A 396 -16.22 6.27 -17.04
N GLY A 397 -17.10 7.24 -16.83
CA GLY A 397 -18.20 7.09 -15.91
C GLY A 397 -17.91 7.47 -14.48
N GLY A 398 -16.81 8.17 -14.22
CA GLY A 398 -16.48 8.59 -12.88
C GLY A 398 -16.05 7.46 -11.96
N SER A 399 -16.95 7.07 -11.05
CA SER A 399 -16.61 6.02 -10.09
C SER A 399 -16.53 4.65 -10.75
N SER A 400 -17.22 4.47 -11.88
CA SER A 400 -17.17 3.20 -12.60
C SER A 400 -15.98 3.10 -13.55
N SER A 401 -15.11 4.11 -13.58
CA SER A 401 -13.97 4.09 -14.48
C SER A 401 -12.96 3.05 -14.01
N LEU A 402 -12.41 2.31 -14.97
CA LEU A 402 -11.43 1.27 -14.70
C LEU A 402 -10.33 1.33 -15.75
N LYS A 403 -9.11 1.04 -15.33
CA LYS A 403 -7.98 0.86 -16.24
C LYS A 403 -7.84 -0.64 -16.48
N ALA A 404 -8.57 -1.15 -17.45
CA ALA A 404 -8.51 -2.58 -17.77
C ALA A 404 -7.19 -2.89 -18.47
N GLN A 405 -6.52 -3.95 -18.01
CA GLN A 405 -5.31 -4.40 -18.69
C GLN A 405 -5.59 -4.75 -20.14
N ARG A 406 -6.74 -5.37 -20.40
CA ARG A 406 -7.19 -5.64 -21.76
C ARG A 406 -8.70 -5.59 -21.79
N GLU A 407 -9.25 -5.10 -22.90
CA GLU A 407 -10.70 -5.11 -23.13
C GLU A 407 -10.94 -5.55 -24.56
N VAL A 408 -11.44 -6.77 -24.73
CA VAL A 408 -11.70 -7.31 -26.06
C VAL A 408 -12.91 -6.60 -26.64
N LEU A 409 -12.69 -5.76 -27.65
CA LEU A 409 -13.79 -5.08 -28.30
C LEU A 409 -14.66 -6.08 -29.06
N PRO A 410 -15.95 -5.76 -29.26
CA PRO A 410 -16.81 -6.66 -30.04
C PRO A 410 -16.26 -6.98 -31.42
N LEU A 411 -15.59 -6.02 -32.08
CA LEU A 411 -14.99 -6.31 -33.37
C LEU A 411 -13.77 -7.24 -33.22
N ASP A 412 -13.01 -7.06 -32.15
CA ASP A 412 -11.85 -7.93 -31.92
C ASP A 412 -12.28 -9.35 -31.58
N GLY A 413 -13.36 -9.49 -30.83
CA GLY A 413 -13.83 -10.82 -30.47
C GLY A 413 -14.42 -11.57 -31.66
N LEU A 414 -15.15 -10.86 -32.52
CA LEU A 414 -15.73 -11.50 -33.70
C LEU A 414 -14.68 -11.81 -34.74
N ARG A 415 -13.63 -10.99 -34.86
CA ARG A 415 -12.56 -11.28 -35.80
C ARG A 415 -11.64 -12.39 -35.30
N ALA A 416 -11.51 -12.55 -33.99
CA ALA A 416 -10.74 -13.67 -33.45
C ALA A 416 -11.46 -14.99 -33.70
N ARG A 417 -12.80 -14.97 -33.68
CA ARG A 417 -13.56 -16.18 -33.95
C ARG A 417 -13.70 -16.44 -35.46
N PHE A 418 -13.72 -15.38 -36.27
CA PHE A 418 -13.81 -15.48 -37.72
C PHE A 418 -12.71 -14.61 -38.32
N GLY A 419 -11.52 -15.20 -38.50
CA GLY A 419 -10.36 -14.46 -38.95
C GLY A 419 -10.39 -14.14 -40.44
N ALA A 420 -9.23 -13.78 -40.96
CA ALA A 420 -9.03 -13.46 -42.39
C ALA A 420 -10.01 -12.34 -42.76
N ASP A 421 -10.63 -12.40 -43.94
CA ASP A 421 -11.58 -11.38 -44.38
C ASP A 421 -13.03 -11.79 -44.11
N ARG A 422 -13.25 -12.68 -43.14
CA ARG A 422 -14.60 -13.15 -42.84
C ARG A 422 -15.45 -12.12 -42.12
N VAL A 423 -14.86 -11.02 -41.63
CA VAL A 423 -15.58 -10.01 -40.88
C VAL A 423 -15.17 -8.63 -41.38
N ARG A 424 -16.12 -7.88 -41.90
CA ARG A 424 -15.93 -6.49 -42.28
C ARG A 424 -16.63 -5.58 -41.27
N PHE A 425 -16.22 -4.31 -41.28
CA PHE A 425 -16.74 -3.36 -40.29
C PHE A 425 -17.05 -2.02 -40.94
N GLU A 426 -18.15 -1.42 -40.52
CA GLU A 426 -18.50 -0.04 -40.86
C GLU A 426 -18.88 0.70 -39.58
N ARG A 427 -18.55 1.98 -39.54
CA ARG A 427 -18.78 2.78 -38.33
C ARG A 427 -20.28 2.88 -38.01
N GLY A 428 -21.06 3.43 -38.94
CA GLY A 428 -22.49 3.52 -38.74
C GLY A 428 -22.94 4.81 -38.11
N TYR A 429 -22.49 5.08 -36.89
CA TYR A 429 -22.89 6.27 -36.16
C TYR A 429 -21.75 6.70 -35.24
N VAL A 430 -21.88 7.93 -34.72
CA VAL A 430 -20.92 8.50 -33.78
C VAL A 430 -21.68 8.98 -32.56
N GLY A 431 -21.16 8.66 -31.38
CA GLY A 431 -21.76 9.12 -30.13
C GLY A 431 -20.88 10.13 -29.42
N ASP A 432 -19.78 9.65 -28.82
N ASP A 432 -19.78 9.67 -28.83
CA ASP A 432 -18.83 10.51 -28.14
CA ASP A 432 -18.83 10.53 -28.14
C ASP A 432 -17.42 10.01 -28.40
C ASP A 432 -17.42 10.02 -28.40
N VAL A 433 -16.47 10.93 -28.31
CA VAL A 433 -15.04 10.63 -28.54
C VAL A 433 -14.81 9.99 -29.91
N GLY A 443 -7.27 8.13 -25.03
CA GLY A 443 -6.26 7.26 -25.59
C GLY A 443 -6.76 6.42 -26.75
N GLN A 444 -8.08 6.43 -26.94
CA GLN A 444 -8.74 5.66 -28.00
C GLN A 444 -9.20 6.63 -29.07
N ASP A 445 -8.69 6.45 -30.30
CA ASP A 445 -8.97 7.37 -31.40
C ASP A 445 -10.23 6.88 -32.12
N LEU A 446 -11.38 7.41 -31.70
CA LEU A 446 -12.66 7.11 -32.31
C LEU A 446 -13.11 8.17 -33.30
N ARG A 447 -12.17 8.83 -33.96
CA ARG A 447 -12.47 9.90 -34.89
C ARG A 447 -13.00 9.35 -36.21
N ASP A 448 -14.03 9.98 -36.74
CA ASP A 448 -14.57 9.63 -38.06
C ASP A 448 -15.16 10.89 -38.67
N ASP A 449 -14.47 11.43 -39.66
CA ASP A 449 -14.86 12.70 -40.29
C ASP A 449 -15.84 12.45 -41.43
N ARG A 450 -17.04 12.01 -41.06
CA ARG A 450 -18.09 11.70 -42.02
C ARG A 450 -19.43 12.13 -41.46
N SER A 451 -20.30 12.64 -42.34
CA SER A 451 -21.60 13.11 -41.95
C SER A 451 -22.48 11.96 -41.47
N PRO A 452 -23.50 12.24 -40.66
CA PRO A 452 -24.42 11.17 -40.24
C PRO A 452 -25.15 10.52 -41.41
N GLU A 453 -25.38 11.27 -42.50
CA GLU A 453 -25.95 10.65 -43.69
C GLU A 453 -24.92 9.77 -44.39
N ARG A 454 -23.68 10.23 -44.48
CA ARG A 454 -22.64 9.45 -45.14
C ARG A 454 -22.31 8.19 -44.37
N LEU A 455 -22.33 8.26 -43.03
CA LEU A 455 -22.07 7.08 -42.22
C LEU A 455 -23.12 6.00 -42.46
N MET A 456 -24.39 6.41 -42.57
CA MET A 456 -25.46 5.43 -42.82
C MET A 456 -25.43 4.94 -44.26
N ALA A 457 -25.06 5.80 -45.20
CA ALA A 457 -25.01 5.39 -46.60
C ALA A 457 -23.92 4.35 -46.83
N ASP A 458 -22.79 4.49 -46.15
CA ASP A 458 -21.73 3.49 -46.27
C ASP A 458 -22.11 2.19 -45.56
N ALA A 459 -22.94 2.27 -44.52
CA ALA A 459 -23.34 1.08 -43.80
C ALA A 459 -24.38 0.27 -44.57
N VAL A 460 -25.32 0.95 -45.24
CA VAL A 460 -26.33 0.24 -46.00
C VAL A 460 -25.77 -0.27 -47.33
N ALA A 461 -24.76 0.40 -47.88
CA ALA A 461 -24.15 -0.08 -49.11
C ALA A 461 -23.40 -1.38 -48.87
N ALA A 462 -22.74 -1.51 -47.72
CA ALA A 462 -22.07 -2.75 -47.37
C ALA A 462 -23.04 -3.80 -46.83
N ALA A 463 -24.19 -3.38 -46.31
CA ALA A 463 -25.17 -4.34 -45.80
C ALA A 463 -25.82 -5.13 -46.93
N ARG A 464 -25.91 -4.54 -48.13
CA ARG A 464 -26.46 -5.25 -49.27
C ARG A 464 -25.58 -6.44 -49.66
N GLN A 465 -24.27 -6.25 -49.64
CA GLN A 465 -23.31 -7.30 -50.03
C GLN A 465 -22.74 -8.00 -48.81
N ALA A 466 -23.60 -8.49 -47.92
CA ALA A 466 -23.18 -9.15 -46.71
C ALA A 466 -24.16 -10.26 -46.37
N ASP A 467 -23.62 -11.40 -45.91
CA ASP A 467 -24.47 -12.51 -45.51
C ASP A 467 -25.24 -12.20 -44.24
N TYR A 468 -24.57 -11.55 -43.27
CA TYR A 468 -25.20 -11.17 -42.02
C TYR A 468 -24.77 -9.76 -41.65
N VAL A 469 -25.61 -9.10 -40.86
CA VAL A 469 -25.34 -7.75 -40.37
C VAL A 469 -25.34 -7.82 -38.85
N LEU A 470 -24.17 -7.64 -38.23
CA LEU A 470 -24.02 -7.70 -36.79
C LEU A 470 -23.89 -6.26 -36.26
N PHE A 471 -25.03 -5.67 -35.93
CA PHE A 471 -25.04 -4.32 -35.38
C PHE A 471 -24.81 -4.36 -33.87
N VAL A 472 -23.80 -3.61 -33.42
CA VAL A 472 -23.43 -3.55 -32.01
C VAL A 472 -23.59 -2.09 -31.58
N GLY A 473 -24.72 -1.79 -30.93
CA GLY A 473 -25.03 -0.46 -30.49
C GLY A 473 -25.35 -0.43 -29.00
N GLY A 474 -26.17 0.55 -28.61
CA GLY A 474 -26.58 0.70 -27.23
C GLY A 474 -26.21 2.09 -26.70
N LEU A 475 -25.89 2.11 -25.41
CA LEU A 475 -25.53 3.35 -24.72
C LEU A 475 -24.02 3.40 -24.53
N ASN A 476 -23.56 4.17 -23.54
CA ASN A 476 -22.15 4.25 -23.18
C ASN A 476 -22.08 4.75 -21.74
N LYS A 477 -20.88 5.16 -21.31
CA LYS A 477 -20.67 5.65 -19.96
C LYS A 477 -20.60 7.18 -19.89
N SER A 478 -21.00 7.87 -20.95
CA SER A 478 -21.02 9.32 -20.91
C SER A 478 -22.24 9.81 -20.11
N ALA A 479 -22.23 11.12 -19.82
CA ALA A 479 -23.33 11.71 -19.07
C ALA A 479 -24.62 11.67 -19.88
N GLY A 480 -25.69 11.16 -19.26
CA GLY A 480 -26.95 10.99 -19.93
C GLY A 480 -27.28 9.58 -20.34
N GLN A 481 -26.37 8.63 -20.14
CA GLN A 481 -26.62 7.24 -20.49
C GLN A 481 -26.43 6.34 -19.27
N ASP A 482 -25.39 5.52 -19.29
CA ASP A 482 -25.05 4.69 -18.14
C ASP A 482 -23.95 5.38 -17.33
N CYS A 483 -24.33 6.50 -16.71
CA CYS A 483 -23.41 7.30 -15.91
C CYS A 483 -24.04 7.58 -14.56
N GLU A 484 -23.21 7.99 -13.61
CA GLU A 484 -23.63 8.07 -12.21
C GLU A 484 -24.24 9.41 -11.83
N ASP A 485 -23.83 10.51 -12.46
CA ASP A 485 -24.26 11.84 -12.04
C ASP A 485 -25.34 12.43 -12.94
N SER A 486 -26.06 11.60 -13.67
CA SER A 486 -27.10 12.09 -14.57
C SER A 486 -28.09 10.97 -14.85
N ASP A 487 -29.17 11.31 -15.54
CA ASP A 487 -30.19 10.37 -15.96
C ASP A 487 -30.33 10.40 -17.48
N ARG A 488 -31.12 9.47 -18.00
CA ARG A 488 -31.37 9.41 -19.43
C ARG A 488 -32.45 10.39 -19.83
N ALA A 489 -32.32 10.94 -21.05
CA ALA A 489 -33.33 11.86 -21.56
C ALA A 489 -34.59 11.13 -21.97
N GLY A 490 -34.48 9.85 -22.33
CA GLY A 490 -35.65 9.10 -22.73
C GLY A 490 -35.32 7.62 -22.87
N LEU A 491 -36.29 6.88 -23.41
CA LEU A 491 -36.14 5.45 -23.60
C LEU A 491 -35.54 5.09 -24.96
N ALA A 492 -35.60 6.01 -25.92
CA ALA A 492 -35.11 5.72 -27.26
C ALA A 492 -33.58 5.63 -27.29
N LEU A 493 -33.07 5.01 -28.33
CA LEU A 493 -31.63 4.92 -28.51
C LEU A 493 -31.07 6.27 -28.94
N PRO A 494 -29.98 6.72 -28.36
CA PRO A 494 -29.42 8.03 -28.73
C PRO A 494 -28.68 7.97 -30.05
N TYR A 495 -28.24 9.15 -30.51
CA TYR A 495 -27.47 9.32 -31.73
C TYR A 495 -28.19 8.79 -32.96
N GLY A 496 -29.51 8.69 -32.91
CA GLY A 496 -30.29 8.25 -34.06
C GLY A 496 -30.03 6.82 -34.47
N GLN A 497 -29.91 5.91 -33.51
CA GLN A 497 -29.68 4.50 -33.83
C GLN A 497 -30.91 3.82 -34.39
N ASP A 498 -32.11 4.35 -34.12
CA ASP A 498 -33.33 3.76 -34.65
C ASP A 498 -33.36 3.84 -36.17
N ALA A 499 -33.00 4.99 -36.73
CA ALA A 499 -32.97 5.12 -38.18
C ALA A 499 -31.84 4.29 -38.80
N LEU A 500 -30.78 4.04 -38.05
CA LEU A 500 -29.68 3.24 -38.57
C LEU A 500 -30.02 1.75 -38.59
N ILE A 501 -30.68 1.25 -37.53
CA ILE A 501 -31.06 -0.14 -37.49
C ILE A 501 -32.16 -0.44 -38.50
N ALA A 502 -33.09 0.50 -38.68
CA ALA A 502 -34.14 0.32 -39.68
C ALA A 502 -33.58 0.32 -41.09
N ALA A 503 -32.56 1.15 -41.35
CA ALA A 503 -31.96 1.21 -42.68
C ALA A 503 -31.14 -0.04 -42.96
N LEU A 504 -30.50 -0.62 -41.94
CA LEU A 504 -29.76 -1.86 -42.14
C LEU A 504 -30.69 -3.05 -42.29
N ALA A 505 -31.83 -3.04 -41.58
CA ALA A 505 -32.79 -4.13 -41.70
C ALA A 505 -33.48 -4.12 -43.06
N LYS A 506 -33.70 -2.93 -43.63
CA LYS A 506 -34.30 -2.86 -44.95
C LYS A 506 -33.32 -3.32 -46.04
N ALA A 507 -32.05 -2.94 -45.91
CA ALA A 507 -31.06 -3.35 -46.89
C ALA A 507 -30.70 -4.83 -46.76
N ASN A 508 -30.98 -5.44 -45.62
CA ASN A 508 -30.66 -6.84 -45.41
C ASN A 508 -31.56 -7.43 -44.34
N PRO A 509 -32.36 -8.45 -44.67
CA PRO A 509 -33.23 -9.07 -43.64
C PRO A 509 -32.46 -9.85 -42.59
N ARG A 510 -31.18 -10.14 -42.82
CA ARG A 510 -30.36 -10.86 -41.85
C ARG A 510 -29.50 -9.89 -41.04
N THR A 511 -30.19 -8.97 -40.35
CA THR A 511 -29.55 -8.00 -39.48
C THR A 511 -29.73 -8.43 -38.03
N ILE A 512 -28.65 -8.38 -37.26
CA ILE A 512 -28.64 -8.79 -35.87
C ILE A 512 -28.22 -7.61 -35.01
N VAL A 513 -28.96 -7.38 -33.93
CA VAL A 513 -28.75 -6.22 -33.06
C VAL A 513 -28.21 -6.70 -31.72
N LEU A 514 -27.10 -6.10 -31.29
CA LEU A 514 -26.50 -6.35 -29.99
C LEU A 514 -26.56 -5.07 -29.18
N ASN A 515 -27.30 -5.09 -28.08
CA ASN A 515 -27.59 -3.89 -27.29
C ASN A 515 -26.69 -3.87 -26.05
N ILE A 516 -25.84 -2.86 -25.95
CA ILE A 516 -24.95 -2.67 -24.81
C ILE A 516 -25.54 -1.54 -23.97
N SER A 517 -26.29 -1.91 -22.92
CA SER A 517 -26.93 -0.92 -22.06
C SER A 517 -27.27 -1.56 -20.73
N GLY A 518 -27.32 -0.73 -19.69
CA GLY A 518 -27.73 -1.17 -18.38
C GLY A 518 -29.19 -0.89 -18.12
N ASN A 519 -29.83 -0.19 -19.04
CA ASN A 519 -31.24 0.15 -18.99
C ASN A 519 -31.93 -0.33 -20.25
N PRO A 520 -33.23 -0.62 -20.19
CA PRO A 520 -33.96 -1.01 -21.40
C PRO A 520 -34.01 0.13 -22.41
N VAL A 521 -34.04 -0.23 -23.68
CA VAL A 521 -34.07 0.74 -24.77
C VAL A 521 -35.30 0.49 -25.61
N ALA A 522 -35.78 1.57 -26.25
CA ALA A 522 -36.93 1.44 -27.15
C ALA A 522 -36.53 0.70 -28.42
N MET A 523 -37.45 -0.11 -28.92
CA MET A 523 -37.21 -0.96 -30.10
C MET A 523 -38.36 -0.80 -31.08
N PRO A 524 -38.41 0.31 -31.82
CA PRO A 524 -39.39 0.42 -32.91
C PRO A 524 -39.06 -0.47 -34.09
N TRP A 525 -37.83 -0.98 -34.16
CA TRP A 525 -37.36 -1.87 -35.22
C TRP A 525 -37.42 -3.34 -34.81
N LYS A 526 -38.26 -3.67 -33.81
CA LYS A 526 -38.29 -5.04 -33.30
C LYS A 526 -38.74 -6.03 -34.37
N ASN A 527 -39.76 -5.68 -35.15
CA ASN A 527 -40.30 -6.57 -36.17
C ASN A 527 -39.50 -6.55 -37.45
N ASP A 528 -38.45 -5.73 -37.55
CA ASP A 528 -37.63 -5.66 -38.74
C ASP A 528 -36.30 -6.39 -38.60
N VAL A 529 -35.91 -6.74 -37.37
CA VAL A 529 -34.61 -7.34 -37.09
C VAL A 529 -34.77 -8.84 -36.91
N ALA A 530 -33.80 -9.61 -37.43
CA ALA A 530 -33.86 -11.05 -37.31
C ALA A 530 -33.60 -11.51 -35.88
N ALA A 531 -32.50 -11.06 -35.29
CA ALA A 531 -32.10 -11.49 -33.96
C ALA A 531 -31.69 -10.29 -33.12
N ILE A 532 -32.11 -10.28 -31.86
CA ILE A 532 -31.80 -9.22 -30.91
C ILE A 532 -31.23 -9.84 -29.65
N LEU A 533 -30.11 -9.29 -29.17
CA LEU A 533 -29.45 -9.78 -27.97
C LEU A 533 -29.16 -8.62 -27.03
N GLN A 534 -29.41 -8.83 -25.74
CA GLN A 534 -29.06 -7.88 -24.69
C GLN A 534 -27.74 -8.34 -24.08
N VAL A 535 -26.64 -7.72 -24.51
CA VAL A 535 -25.31 -8.20 -24.15
C VAL A 535 -24.68 -7.45 -22.99
N TRP A 536 -25.28 -6.35 -22.54
CA TRP A 536 -24.80 -5.59 -21.39
C TRP A 536 -23.39 -5.07 -21.56
N MET A 537 -22.80 -4.58 -20.47
CA MET A 537 -21.40 -4.18 -20.42
C MET A 537 -20.62 -5.29 -19.73
N LEU A 538 -19.85 -6.07 -20.51
CA LEU A 538 -19.19 -7.25 -20.00
C LEU A 538 -17.76 -7.01 -19.52
N GLY A 539 -17.15 -5.91 -19.92
CA GLY A 539 -15.85 -5.54 -19.39
C GLY A 539 -14.71 -6.14 -20.20
N SER A 540 -13.80 -6.83 -19.51
CA SER A 540 -12.57 -7.28 -20.13
C SER A 540 -12.83 -8.29 -21.24
N GLU A 541 -13.56 -9.36 -20.93
CA GLU A 541 -13.86 -10.42 -21.90
C GLU A 541 -15.20 -10.18 -22.59
N ALA A 542 -15.41 -8.95 -23.05
CA ALA A 542 -16.69 -8.59 -23.67
C ALA A 542 -16.81 -9.17 -25.07
N GLY A 543 -15.86 -8.86 -25.95
CA GLY A 543 -15.94 -9.33 -27.32
C GLY A 543 -15.83 -10.83 -27.44
N HIS A 544 -15.12 -11.47 -26.51
CA HIS A 544 -14.99 -12.93 -26.56
C HIS A 544 -16.28 -13.61 -26.15
N SER A 545 -16.99 -13.06 -25.17
CA SER A 545 -18.27 -13.64 -24.76
C SER A 545 -19.30 -13.52 -25.86
N MET A 546 -19.28 -12.41 -26.61
CA MET A 546 -20.22 -12.24 -27.72
C MET A 546 -19.96 -13.26 -28.82
N ALA A 547 -18.68 -13.47 -29.17
CA ALA A 547 -18.35 -14.43 -30.21
C ALA A 547 -18.72 -15.85 -29.81
N ASP A 548 -18.61 -16.19 -28.52
CA ASP A 548 -19.02 -17.51 -28.07
C ASP A 548 -20.52 -17.72 -28.24
N VAL A 549 -21.31 -16.66 -28.13
CA VAL A 549 -22.76 -16.78 -28.29
C VAL A 549 -23.15 -16.70 -29.75
N ILE A 550 -22.56 -15.77 -30.50
CA ILE A 550 -22.92 -15.60 -31.91
C ILE A 550 -22.52 -16.84 -32.71
N SER A 551 -21.30 -17.34 -32.50
CA SER A 551 -20.84 -18.50 -33.25
C SER A 551 -21.54 -19.78 -32.83
N GLY A 552 -21.89 -19.90 -31.55
CA GLY A 552 -22.53 -21.07 -31.03
C GLY A 552 -21.70 -21.87 -30.05
N ASP A 553 -20.48 -21.42 -29.72
CA ASP A 553 -19.65 -22.13 -28.76
C ASP A 553 -20.23 -22.12 -27.36
N ALA A 554 -21.27 -21.33 -27.12
CA ALA A 554 -21.95 -21.30 -25.83
C ALA A 554 -23.43 -21.05 -26.06
N ASN A 555 -24.27 -21.73 -25.29
CA ASN A 555 -25.72 -21.59 -25.41
C ASN A 555 -26.19 -20.44 -24.55
N PRO A 556 -26.86 -19.43 -25.11
CA PRO A 556 -27.31 -18.30 -24.30
C PRO A 556 -28.29 -18.74 -23.22
N SER A 557 -27.99 -18.38 -21.97
CA SER A 557 -28.80 -18.77 -20.83
C SER A 557 -29.18 -17.57 -19.97
N GLY A 558 -29.10 -16.36 -20.52
CA GLY A 558 -29.40 -15.17 -19.74
C GLY A 558 -30.87 -14.80 -19.80
N LYS A 559 -31.37 -14.27 -18.69
CA LYS A 559 -32.73 -13.77 -18.58
C LYS A 559 -32.70 -12.30 -18.21
N LEU A 560 -33.74 -11.57 -18.62
CA LEU A 560 -33.79 -10.14 -18.37
C LEU A 560 -34.04 -9.86 -16.89
N PRO A 561 -33.19 -9.10 -16.21
CA PRO A 561 -33.45 -8.73 -14.82
C PRO A 561 -34.44 -7.59 -14.67
N PHE A 562 -34.93 -7.01 -15.76
CA PHE A 562 -35.94 -5.96 -15.71
C PHE A 562 -36.93 -6.18 -16.85
N THR A 563 -38.00 -5.39 -16.83
CA THR A 563 -39.00 -5.42 -17.89
C THR A 563 -38.59 -4.43 -18.97
N SER A 564 -38.29 -4.96 -20.17
CA SER A 564 -37.95 -4.10 -21.30
C SER A 564 -39.19 -3.41 -21.83
N TYR A 565 -39.46 -2.20 -21.35
CA TYR A 565 -40.67 -1.49 -21.74
C TYR A 565 -40.64 -1.12 -23.22
N ALA A 566 -41.80 -1.21 -23.86
CA ALA A 566 -41.93 -0.78 -25.25
C ALA A 566 -42.01 0.74 -25.36
N ALA A 567 -42.57 1.40 -24.35
CA ALA A 567 -42.66 2.85 -24.33
C ALA A 567 -42.37 3.32 -22.90
N LEU A 568 -42.10 4.62 -22.78
CA LEU A 568 -41.74 5.17 -21.48
C LEU A 568 -42.91 5.18 -20.50
N ASP A 569 -44.13 5.38 -21.00
CA ASP A 569 -45.30 5.44 -20.13
C ASP A 569 -45.76 4.06 -19.66
N GLN A 570 -45.12 2.98 -20.12
CA GLN A 570 -45.44 1.66 -19.60
C GLN A 570 -44.86 1.41 -18.22
N CYS A 571 -44.01 2.30 -17.72
CA CYS A 571 -43.47 2.20 -16.37
C CYS A 571 -44.39 2.91 -15.40
N GLY A 572 -44.61 2.28 -14.24
CA GLY A 572 -45.52 2.84 -13.25
C GLY A 572 -45.06 4.17 -12.70
N ALA A 573 -43.74 4.39 -12.64
CA ALA A 573 -43.23 5.64 -12.13
C ALA A 573 -43.48 6.80 -13.10
N HIS A 574 -43.54 6.51 -14.40
CA HIS A 574 -43.73 7.54 -15.41
C HIS A 574 -45.18 7.68 -15.87
N ALA A 575 -45.97 6.60 -15.79
CA ALA A 575 -47.37 6.70 -16.17
C ALA A 575 -48.14 7.60 -15.21
N LEU A 576 -47.85 7.50 -13.91
CA LEU A 576 -48.49 8.33 -12.90
C LEU A 576 -47.81 9.69 -12.74
N GLY A 577 -46.82 10.00 -13.56
CA GLY A 577 -46.14 11.29 -13.51
C GLY A 577 -45.48 11.57 -12.18
N ALA A 578 -44.48 10.78 -11.82
CA ALA A 578 -43.81 10.93 -10.54
C ALA A 578 -42.38 10.41 -10.62
N TYR A 579 -41.65 10.82 -11.65
CA TYR A 579 -40.25 10.42 -11.78
C TYR A 579 -39.32 11.45 -11.12
N PRO A 580 -39.35 12.74 -11.52
CA PRO A 580 -38.36 13.66 -10.96
C PRO A 580 -38.71 14.14 -9.57
N GLY A 581 -40.00 14.25 -9.29
CA GLY A 581 -40.48 14.83 -8.05
C GLY A 581 -40.97 16.25 -8.25
N GLN A 582 -41.24 16.90 -7.13
CA GLN A 582 -41.73 18.27 -7.12
C GLN A 582 -40.76 19.16 -6.33
N LYS A 583 -40.34 20.25 -6.96
CA LYS A 583 -39.45 21.20 -6.30
C LYS A 583 -40.23 22.04 -5.30
N ARG A 584 -39.73 22.11 -4.08
CA ARG A 584 -40.38 22.91 -3.05
C ARG A 584 -40.22 24.40 -3.34
N ALA A 585 -41.16 25.19 -2.82
CA ALA A 585 -41.16 26.62 -3.10
C ALA A 585 -39.97 27.32 -2.47
N ASP A 586 -39.84 27.22 -1.15
CA ASP A 586 -38.74 27.89 -0.46
C ASP A 586 -37.47 27.06 -0.47
N SER A 587 -37.53 25.84 0.06
CA SER A 587 -36.34 25.01 0.16
C SER A 587 -35.92 24.49 -1.21
N GLU A 588 -34.73 23.90 -1.25
CA GLU A 588 -34.18 23.31 -2.46
C GLU A 588 -34.43 21.81 -2.54
N ILE A 589 -35.18 21.25 -1.60
CA ILE A 589 -35.43 19.82 -1.56
C ILE A 589 -36.51 19.45 -2.56
N TRP A 590 -36.30 18.36 -3.28
CA TRP A 590 -37.29 17.82 -4.20
C TRP A 590 -38.05 16.68 -3.52
N ASP A 591 -39.35 16.63 -3.75
CA ASP A 591 -40.23 15.63 -3.15
C ASP A 591 -40.76 14.72 -4.25
N VAL A 592 -40.22 13.51 -4.33
CA VAL A 592 -40.71 12.48 -5.24
C VAL A 592 -41.64 11.56 -4.47
N ASP A 593 -42.78 11.24 -5.07
CA ASP A 593 -43.82 10.43 -4.43
C ASP A 593 -43.97 9.14 -5.22
N TYR A 594 -43.53 8.02 -4.64
CA TYR A 594 -43.65 6.73 -5.30
C TYR A 594 -45.12 6.34 -5.41
N LYS A 595 -45.78 6.77 -6.47
CA LYS A 595 -47.22 6.57 -6.61
C LYS A 595 -47.56 5.17 -7.09
N GLU A 596 -46.66 4.50 -7.80
CA GLU A 596 -46.94 3.14 -8.25
C GLU A 596 -46.89 2.14 -7.11
N ASP A 597 -46.31 2.52 -5.97
CA ASP A 597 -46.30 1.71 -4.74
C ASP A 597 -45.58 0.40 -5.04
N ILE A 598 -46.14 -0.76 -4.70
CA ILE A 598 -45.44 -2.03 -4.92
C ILE A 598 -45.39 -2.40 -6.40
N PHE A 599 -46.25 -1.83 -7.22
CA PHE A 599 -46.35 -2.21 -8.64
C PHE A 599 -45.21 -1.55 -9.41
N VAL A 600 -44.04 -2.16 -9.32
CA VAL A 600 -42.82 -1.66 -9.95
C VAL A 600 -42.33 -2.71 -10.94
N GLY A 601 -42.05 -2.28 -12.17
CA GLY A 601 -41.53 -3.19 -13.17
C GLY A 601 -42.62 -4.07 -13.75
N TYR A 602 -42.39 -5.39 -13.72
CA TYR A 602 -43.39 -6.31 -14.25
C TYR A 602 -44.65 -6.36 -13.40
N ARG A 603 -44.57 -5.90 -12.15
CA ARG A 603 -45.77 -5.83 -11.31
C ARG A 603 -46.74 -4.76 -11.79
N TRP A 604 -46.29 -3.85 -12.65
CA TRP A 604 -47.17 -2.82 -13.20
C TRP A 604 -47.77 -3.22 -14.54
N VAL A 605 -46.96 -3.80 -15.43
CA VAL A 605 -47.47 -4.20 -16.74
C VAL A 605 -48.41 -5.40 -16.62
N ASP A 606 -48.28 -6.21 -15.57
CA ASP A 606 -49.19 -7.33 -15.39
C ASP A 606 -50.56 -6.86 -14.89
N ARG A 607 -50.58 -5.91 -13.96
CA ARG A 607 -51.85 -5.38 -13.48
C ARG A 607 -52.56 -4.59 -14.57
N GLN A 608 -51.83 -3.71 -15.25
CA GLN A 608 -52.40 -2.89 -16.31
C GLN A 608 -52.57 -3.66 -17.62
N ARG A 609 -52.12 -4.92 -17.67
CA ARG A 609 -52.23 -5.76 -18.86
C ARG A 609 -51.61 -5.09 -20.08
N LEU A 610 -50.40 -4.58 -19.90
CA LEU A 610 -49.64 -3.95 -20.96
C LEU A 610 -48.67 -4.95 -21.58
N GLN A 611 -48.32 -4.71 -22.86
CA GLN A 611 -47.47 -5.62 -23.60
C GLN A 611 -46.13 -4.96 -23.89
N PRO A 612 -45.10 -5.24 -23.10
CA PRO A 612 -43.77 -4.68 -23.39
C PRO A 612 -43.12 -5.43 -24.54
N ASN A 613 -41.92 -4.98 -24.92
CA ASN A 613 -41.15 -5.67 -25.94
C ASN A 613 -40.74 -7.06 -25.47
N PHE A 614 -40.17 -7.15 -24.27
CA PHE A 614 -39.76 -8.41 -23.68
C PHE A 614 -40.00 -8.31 -22.18
N PRO A 615 -40.71 -9.27 -21.59
CA PRO A 615 -41.09 -9.17 -20.17
C PRO A 615 -39.90 -9.50 -19.26
N PHE A 616 -40.16 -9.43 -17.96
CA PHE A 616 -39.15 -9.76 -16.96
C PHE A 616 -38.83 -11.25 -17.01
N GLY A 617 -37.56 -11.58 -16.83
CA GLY A 617 -37.15 -12.98 -16.87
C GLY A 617 -37.21 -13.61 -18.24
N HIS A 618 -37.26 -12.80 -19.30
CA HIS A 618 -37.30 -13.32 -20.66
C HIS A 618 -35.89 -13.65 -21.14
N GLY A 619 -35.77 -14.74 -21.89
CA GLY A 619 -34.49 -15.17 -22.42
C GLY A 619 -34.56 -16.47 -23.19
N LEU A 620 -34.24 -16.42 -24.48
CA LEU A 620 -34.35 -17.58 -25.35
C LEU A 620 -33.11 -18.48 -25.19
N SER A 621 -33.01 -19.48 -26.06
CA SER A 621 -31.87 -20.40 -26.03
C SER A 621 -31.79 -21.09 -27.39
N TYR A 622 -30.58 -21.59 -27.70
CA TYR A 622 -30.40 -22.34 -28.94
C TYR A 622 -31.03 -23.71 -28.90
N THR A 623 -31.61 -24.12 -27.76
CA THR A 623 -32.35 -25.35 -27.63
C THR A 623 -33.71 -25.05 -27.03
N THR A 624 -34.52 -26.09 -26.84
CA THR A 624 -35.86 -25.94 -26.29
C THR A 624 -35.96 -26.69 -24.97
N PHE A 625 -36.93 -26.28 -24.16
CA PHE A 625 -37.18 -26.89 -22.85
C PHE A 625 -38.67 -27.14 -22.68
N ALA A 626 -39.02 -28.32 -22.19
CA ALA A 626 -40.39 -28.72 -21.96
C ALA A 626 -40.65 -28.88 -20.47
N TYR A 627 -41.80 -28.42 -20.02
CA TYR A 627 -42.18 -28.47 -18.62
C TYR A 627 -43.30 -29.49 -18.41
N GLY A 628 -43.14 -30.34 -17.42
CA GLY A 628 -44.18 -31.29 -17.05
C GLY A 628 -45.23 -30.65 -16.16
N ARG A 629 -46.09 -31.50 -15.62
CA ARG A 629 -47.14 -31.04 -14.72
C ARG A 629 -46.56 -30.72 -13.35
N LEU A 630 -46.98 -29.59 -12.79
CA LEU A 630 -46.56 -29.22 -11.45
C LEU A 630 -47.12 -30.22 -10.43
N GLN A 631 -46.24 -30.69 -9.55
CA GLN A 631 -46.60 -31.70 -8.57
C GLN A 631 -46.79 -31.03 -7.21
N LEU A 632 -48.04 -30.94 -6.77
CA LEU A 632 -48.38 -30.36 -5.48
C LEU A 632 -48.79 -31.46 -4.50
N PRO A 633 -48.50 -31.29 -3.21
CA PRO A 633 -48.96 -32.27 -2.22
C PRO A 633 -50.46 -32.15 -1.98
N GLN A 634 -51.04 -33.26 -1.53
CA GLN A 634 -52.47 -33.32 -1.27
C GLN A 634 -52.84 -32.48 -0.03
N SER A 637 -55.35 -27.97 0.58
CA SER A 637 -55.75 -27.74 1.96
C SER A 637 -54.56 -27.87 2.89
N VAL A 638 -53.35 -27.71 2.34
CA VAL A 638 -52.14 -27.80 3.14
C VAL A 638 -52.00 -26.56 4.02
N ALA A 639 -51.41 -26.73 5.19
CA ALA A 639 -51.20 -25.61 6.10
C ALA A 639 -50.12 -24.68 5.57
N VAL A 640 -50.00 -23.52 6.21
CA VAL A 640 -48.99 -22.54 5.85
C VAL A 640 -47.61 -23.12 6.15
N PRO A 641 -46.72 -23.20 5.16
CA PRO A 641 -45.40 -23.79 5.40
C PRO A 641 -44.52 -22.88 6.23
N THR A 642 -43.44 -23.46 6.75
CA THR A 642 -42.44 -22.75 7.52
C THR A 642 -41.05 -23.10 6.99
N ALA A 643 -40.02 -22.60 7.66
CA ALA A 643 -38.65 -22.91 7.26
C ALA A 643 -38.31 -24.36 7.55
N SER A 644 -38.89 -24.94 8.59
CA SER A 644 -38.65 -26.34 8.95
C SER A 644 -39.59 -27.29 8.23
N ALA A 645 -40.76 -26.83 7.80
CA ALA A 645 -41.72 -27.64 7.06
C ALA A 645 -42.18 -26.84 5.85
N PRO A 646 -41.38 -26.81 4.78
CA PRO A 646 -41.72 -26.02 3.60
C PRO A 646 -42.73 -26.73 2.72
N LEU A 647 -43.30 -25.97 1.78
CA LEU A 647 -44.23 -26.50 0.80
C LEU A 647 -43.42 -26.97 -0.40
N ARG A 648 -43.25 -28.28 -0.54
CA ARG A 648 -42.43 -28.84 -1.60
C ARG A 648 -43.22 -28.92 -2.90
N VAL A 649 -42.70 -28.30 -3.95
CA VAL A 649 -43.28 -28.37 -5.28
C VAL A 649 -42.22 -28.91 -6.23
N SER A 650 -42.68 -29.62 -7.27
CA SER A 650 -41.78 -30.23 -8.23
C SER A 650 -42.34 -30.07 -9.63
N VAL A 651 -41.43 -29.90 -10.59
CA VAL A 651 -41.81 -29.75 -12.00
C VAL A 651 -40.77 -30.45 -12.86
N PRO A 652 -41.18 -31.36 -13.75
CA PRO A 652 -40.21 -31.99 -14.65
C PRO A 652 -39.68 -30.99 -15.68
N ILE A 653 -38.38 -31.04 -15.90
CA ILE A 653 -37.71 -30.21 -16.90
C ILE A 653 -36.95 -31.13 -17.84
N ALA A 654 -37.08 -30.89 -19.15
CA ALA A 654 -36.42 -31.71 -20.14
C ALA A 654 -35.92 -30.83 -21.28
N ASN A 655 -34.75 -31.19 -21.82
CA ASN A 655 -34.18 -30.52 -22.98
C ASN A 655 -34.65 -31.25 -24.22
N THR A 656 -35.63 -30.67 -24.92
CA THR A 656 -36.22 -31.27 -26.11
C THR A 656 -35.59 -30.75 -27.40
N GLY A 657 -34.28 -30.44 -27.37
CA GLY A 657 -33.59 -29.95 -28.55
C GLY A 657 -32.39 -30.79 -28.92
N THR A 658 -31.57 -30.28 -29.83
CA THR A 658 -30.37 -30.99 -30.28
C THR A 658 -29.09 -30.45 -29.66
N ARG A 659 -29.13 -29.31 -28.97
CA ARG A 659 -27.95 -28.70 -28.40
C ARG A 659 -28.09 -28.64 -26.88
N ALA A 660 -26.94 -28.66 -26.19
CA ALA A 660 -26.93 -28.52 -24.75
C ALA A 660 -27.08 -27.05 -24.36
N GLY A 661 -27.72 -26.82 -23.23
CA GLY A 661 -27.96 -25.46 -22.77
C GLY A 661 -28.45 -25.44 -21.35
N GLN A 662 -28.57 -24.22 -20.81
CA GLN A 662 -29.04 -24.00 -19.46
C GLN A 662 -30.36 -23.24 -19.50
N GLU A 663 -31.25 -23.57 -18.58
CA GLU A 663 -32.56 -22.93 -18.48
C GLU A 663 -32.78 -22.43 -17.06
N VAL A 664 -33.31 -21.21 -16.95
CA VAL A 664 -33.60 -20.59 -15.66
C VAL A 664 -35.09 -20.84 -15.39
N VAL A 665 -35.38 -21.87 -14.60
CA VAL A 665 -36.75 -22.18 -14.23
C VAL A 665 -37.20 -21.21 -13.14
N GLN A 666 -38.25 -20.46 -13.42
CA GLN A 666 -38.72 -19.39 -12.54
C GLN A 666 -40.06 -19.75 -11.94
N VAL A 667 -40.19 -19.60 -10.63
CA VAL A 667 -41.40 -19.92 -9.89
C VAL A 667 -42.07 -18.62 -9.48
N TYR A 668 -43.37 -18.51 -9.74
CA TYR A 668 -44.14 -17.33 -9.39
C TYR A 668 -45.34 -17.74 -8.55
N VAL A 669 -45.72 -16.86 -7.62
CA VAL A 669 -46.84 -17.09 -6.71
C VAL A 669 -47.87 -16.00 -6.92
N ARG A 670 -49.14 -16.38 -6.93
CA ARG A 670 -50.25 -15.46 -7.14
C ARG A 670 -51.32 -15.72 -6.09
N GLU A 671 -51.78 -14.66 -5.43
CA GLU A 671 -52.87 -14.75 -4.46
C GLU A 671 -54.16 -14.31 -5.16
N LEU A 672 -55.15 -15.20 -5.17
CA LEU A 672 -56.37 -14.94 -5.94
C LEU A 672 -57.22 -13.86 -5.29
N ARG A 673 -57.40 -13.92 -3.96
CA ARG A 673 -58.24 -12.97 -3.24
C ARG A 673 -57.48 -12.46 -2.02
N PRO A 674 -56.68 -11.41 -2.18
CA PRO A 674 -55.96 -10.84 -1.05
C PRO A 674 -56.76 -9.72 -0.39
N LYS A 675 -56.30 -9.30 0.79
CA LYS A 675 -56.92 -8.19 1.49
C LYS A 675 -56.52 -6.86 0.85
N VAL A 676 -55.24 -6.55 0.84
CA VAL A 676 -54.72 -5.34 0.21
C VAL A 676 -54.40 -5.63 -1.25
N ASP A 677 -53.91 -4.64 -1.97
CA ASP A 677 -53.57 -4.83 -3.37
C ASP A 677 -52.27 -5.63 -3.49
N ARG A 678 -52.28 -6.64 -4.35
CA ARG A 678 -51.11 -7.46 -4.63
C ARG A 678 -51.01 -7.68 -6.13
N PRO A 679 -49.79 -7.82 -6.64
CA PRO A 679 -49.62 -7.97 -8.10
C PRO A 679 -50.23 -9.27 -8.62
N GLU A 680 -50.27 -9.37 -9.95
CA GLU A 680 -50.80 -10.57 -10.58
C GLU A 680 -49.91 -11.78 -10.31
N ARG A 681 -48.61 -11.57 -10.13
CA ARG A 681 -47.67 -12.63 -9.80
C ARG A 681 -46.36 -12.00 -9.35
N GLU A 682 -45.67 -12.68 -8.45
CA GLU A 682 -44.40 -12.20 -7.91
C GLU A 682 -43.38 -13.33 -7.93
N LEU A 683 -42.14 -12.99 -8.28
CA LEU A 683 -41.07 -13.98 -8.28
C LEU A 683 -40.72 -14.39 -6.87
N LYS A 684 -40.73 -15.70 -6.61
CA LYS A 684 -40.47 -16.23 -5.27
C LYS A 684 -39.42 -17.33 -5.22
N ALA A 685 -39.01 -17.88 -6.36
CA ALA A 685 -37.98 -18.91 -6.40
C ALA A 685 -37.53 -19.09 -7.84
N PHE A 686 -36.29 -19.54 -8.00
CA PHE A 686 -35.76 -19.86 -9.32
C PHE A 686 -34.52 -20.73 -9.16
N ARG A 687 -34.26 -21.56 -10.17
CA ARG A 687 -33.08 -22.40 -10.19
C ARG A 687 -32.62 -22.58 -11.62
N LYS A 688 -31.31 -22.45 -11.85
CA LYS A 688 -30.72 -22.57 -13.17
C LYS A 688 -30.10 -23.97 -13.29
N VAL A 689 -30.56 -24.74 -14.27
CA VAL A 689 -30.15 -26.12 -14.45
C VAL A 689 -29.64 -26.31 -15.87
N MET A 690 -28.58 -27.11 -16.02
CA MET A 690 -28.01 -27.44 -17.31
C MET A 690 -28.45 -28.85 -17.70
N LEU A 691 -28.97 -28.98 -18.92
CA LEU A 691 -29.51 -30.25 -19.40
C LEU A 691 -28.89 -30.61 -20.74
N GLN A 692 -28.49 -31.87 -20.87
CA GLN A 692 -28.02 -32.39 -22.14
C GLN A 692 -29.20 -32.64 -23.07
N PRO A 693 -28.96 -32.72 -24.38
CA PRO A 693 -30.06 -32.98 -25.32
C PRO A 693 -30.76 -34.29 -25.01
N GLY A 694 -32.05 -34.19 -24.66
CA GLY A 694 -32.86 -35.34 -24.35
C GLY A 694 -32.92 -35.70 -22.87
N GLU A 695 -32.15 -35.03 -22.02
CA GLU A 695 -32.13 -35.35 -20.60
C GLU A 695 -33.29 -34.66 -19.89
N ARG A 696 -33.90 -35.39 -18.94
CA ARG A 696 -35.02 -34.88 -18.17
C ARG A 696 -34.70 -35.01 -16.69
N GLN A 697 -34.92 -33.93 -15.94
CA GLN A 697 -34.69 -33.89 -14.50
C GLN A 697 -35.95 -33.42 -13.79
N ILE A 698 -35.92 -33.50 -12.46
CA ILE A 698 -37.00 -33.04 -11.59
C ILE A 698 -36.43 -31.99 -10.65
N LEU A 699 -37.06 -30.82 -10.62
CA LEU A 699 -36.62 -29.71 -9.77
C LEU A 699 -37.61 -29.56 -8.62
N THR A 700 -37.12 -29.72 -7.40
CA THR A 700 -37.95 -29.60 -6.20
C THR A 700 -37.64 -28.28 -5.51
N PHE A 701 -38.68 -27.46 -5.33
CA PHE A 701 -38.56 -26.18 -4.66
C PHE A 701 -39.22 -26.25 -3.29
N ASP A 702 -38.54 -25.71 -2.28
CA ASP A 702 -39.06 -25.66 -0.92
C ASP A 702 -39.55 -24.24 -0.63
N LEU A 703 -40.87 -24.05 -0.71
CA LEU A 703 -41.49 -22.76 -0.49
C LEU A 703 -41.95 -22.67 0.96
N ASP A 704 -41.47 -21.67 1.68
CA ASP A 704 -41.87 -21.44 3.06
C ASP A 704 -42.82 -20.24 3.11
N GLU A 705 -42.95 -19.61 4.28
CA GLU A 705 -43.88 -18.50 4.45
C GLU A 705 -43.48 -17.27 3.65
N THR A 706 -42.19 -17.15 3.28
CA THR A 706 -41.73 -15.98 2.53
C THR A 706 -42.21 -15.97 1.09
N ALA A 707 -42.84 -17.04 0.62
CA ALA A 707 -43.37 -17.10 -0.74
C ALA A 707 -44.83 -16.70 -0.84
N PHE A 708 -45.55 -16.63 0.28
CA PHE A 708 -46.96 -16.31 0.27
C PHE A 708 -47.33 -15.15 1.17
N ARG A 709 -46.36 -14.52 1.83
CA ARG A 709 -46.63 -13.45 2.78
C ARG A 709 -46.56 -12.09 2.11
N TYR A 710 -47.23 -11.12 2.73
CA TYR A 710 -47.20 -9.72 2.32
C TYR A 710 -47.00 -8.85 3.56
N TYR A 711 -46.87 -7.55 3.35
CA TYR A 711 -46.67 -6.60 4.44
C TYR A 711 -47.86 -5.64 4.47
N ASP A 712 -48.61 -5.66 5.57
N ASP A 712 -48.61 -5.66 5.57
CA ASP A 712 -49.74 -4.76 5.77
CA ASP A 712 -49.74 -4.76 5.76
C ASP A 712 -49.30 -3.60 6.66
C ASP A 712 -49.29 -3.60 6.65
N ASP A 713 -49.48 -2.37 6.16
CA ASP A 713 -49.04 -1.19 6.89
C ASP A 713 -49.85 -0.92 8.14
N LYS A 714 -51.01 -1.54 8.31
CA LYS A 714 -51.80 -1.33 9.52
C LYS A 714 -51.24 -2.10 10.71
N GLN A 715 -50.88 -3.37 10.49
CA GLN A 715 -50.33 -4.20 11.56
C GLN A 715 -48.83 -4.08 11.69
N GLN A 716 -48.14 -3.53 10.70
CA GLN A 716 -46.68 -3.35 10.72
C GLN A 716 -45.96 -4.68 10.94
N GLN A 717 -46.40 -5.69 10.20
CA GLN A 717 -45.79 -7.02 10.29
C GLN A 717 -45.97 -7.74 8.97
N TRP A 718 -45.33 -8.90 8.86
CA TRP A 718 -45.49 -9.79 7.72
C TRP A 718 -46.49 -10.87 8.09
N VAL A 719 -47.63 -10.88 7.40
CA VAL A 719 -48.72 -11.83 7.70
C VAL A 719 -49.03 -12.63 6.45
N VAL A 720 -49.57 -13.82 6.66
CA VAL A 720 -50.00 -14.71 5.57
C VAL A 720 -51.51 -14.83 5.63
N ASN A 721 -52.17 -14.52 4.52
CA ASN A 721 -53.62 -14.59 4.43
C ASN A 721 -54.04 -15.96 3.90
N ALA A 722 -54.98 -16.59 4.59
CA ALA A 722 -55.47 -17.89 4.15
C ALA A 722 -56.32 -17.76 2.90
N GLY A 723 -56.16 -18.70 1.98
CA GLY A 723 -56.90 -18.67 0.74
C GLY A 723 -56.18 -19.47 -0.32
N GLU A 724 -56.68 -19.34 -1.55
CA GLU A 724 -56.11 -20.06 -2.68
C GLU A 724 -54.91 -19.32 -3.25
N PHE A 725 -53.81 -20.03 -3.45
CA PHE A 725 -52.61 -19.49 -4.07
C PHE A 725 -52.28 -20.31 -5.31
N GLU A 726 -52.01 -19.61 -6.41
CA GLU A 726 -51.66 -20.26 -7.67
C GLU A 726 -50.14 -20.19 -7.85
N ILE A 727 -49.50 -21.35 -7.85
CA ILE A 727 -48.06 -21.44 -8.07
C ILE A 727 -47.82 -21.60 -9.57
N GLN A 728 -47.14 -20.61 -10.16
CA GLN A 728 -46.88 -20.58 -11.58
C GLN A 728 -45.40 -20.80 -11.84
N ILE A 729 -45.08 -21.67 -12.79
CA ILE A 729 -43.70 -21.99 -13.14
C ILE A 729 -43.56 -21.93 -14.66
N GLY A 730 -42.56 -21.18 -15.13
CA GLY A 730 -42.35 -21.03 -16.56
C GLY A 730 -40.96 -20.51 -16.85
N SER A 731 -40.72 -20.25 -18.13
CA SER A 731 -39.44 -19.76 -18.62
C SER A 731 -39.32 -18.24 -18.55
N SER A 732 -40.35 -17.54 -18.08
CA SER A 732 -40.35 -16.09 -17.98
C SER A 732 -41.48 -15.68 -17.06
N SER A 733 -41.63 -14.36 -16.87
CA SER A 733 -42.73 -13.85 -16.06
C SER A 733 -44.07 -13.95 -16.80
N ARG A 734 -44.04 -14.14 -18.12
CA ARG A 734 -45.26 -14.33 -18.90
C ARG A 734 -45.30 -15.65 -19.64
N ASP A 735 -44.16 -16.32 -19.85
CA ASP A 735 -44.13 -17.62 -20.52
C ASP A 735 -44.33 -18.74 -19.50
N ILE A 736 -45.48 -18.68 -18.83
CA ILE A 736 -45.81 -19.67 -17.80
C ILE A 736 -46.13 -20.99 -18.48
N ARG A 737 -45.34 -22.02 -18.18
CA ARG A 737 -45.50 -23.32 -18.81
C ARG A 737 -46.41 -24.24 -18.01
N THR A 738 -46.46 -24.10 -16.69
CA THR A 738 -47.30 -24.94 -15.86
C THR A 738 -47.80 -24.13 -14.67
N LYS A 739 -49.02 -24.42 -14.24
CA LYS A 739 -49.63 -23.73 -13.12
C LYS A 739 -50.50 -24.71 -12.34
N ALA A 740 -50.70 -24.42 -11.06
CA ALA A 740 -51.53 -25.25 -10.21
C ALA A 740 -51.91 -24.45 -8.97
N LYS A 741 -53.17 -24.59 -8.55
CA LYS A 741 -53.71 -23.87 -7.42
C LYS A 741 -53.63 -24.71 -6.15
N ILE A 742 -53.53 -24.02 -5.01
CA ILE A 742 -53.44 -24.68 -3.71
C ILE A 742 -54.03 -23.74 -2.66
N ARG A 743 -54.64 -24.33 -1.64
CA ARG A 743 -55.28 -23.57 -0.57
C ARG A 743 -54.47 -23.72 0.72
N LEU A 744 -54.22 -22.59 1.38
CA LEU A 744 -53.49 -22.56 2.64
C LEU A 744 -54.42 -22.15 3.78
N GLN A 745 -54.14 -22.69 4.96
CA GLN A 745 -54.95 -22.38 6.14
C GLN A 745 -54.06 -22.22 7.37
N SER B 19 -13.93 -29.74 -8.00
CA SER B 19 -13.64 -28.31 -7.94
C SER B 19 -12.65 -28.00 -6.82
N HIS B 20 -12.01 -29.02 -6.28
CA HIS B 20 -11.07 -28.88 -5.17
C HIS B 20 -9.69 -29.35 -5.64
N MET B 21 -9.00 -28.48 -6.37
CA MET B 21 -7.64 -28.78 -6.78
C MET B 21 -6.68 -28.66 -5.60
N GLN B 22 -5.51 -29.26 -5.76
CA GLN B 22 -4.49 -29.19 -4.72
C GLN B 22 -3.76 -27.86 -4.78
N THR B 23 -3.31 -27.39 -3.62
CA THR B 23 -2.65 -26.10 -3.53
C THR B 23 -1.36 -26.10 -4.35
N LEU B 24 -1.19 -25.06 -5.16
CA LEU B 24 0.01 -24.96 -5.99
C LEU B 24 1.24 -24.89 -5.10
N PRO B 25 2.36 -25.48 -5.52
CA PRO B 25 3.54 -25.56 -4.62
C PRO B 25 4.06 -24.20 -4.19
N TYR B 26 4.08 -23.21 -5.08
CA TYR B 26 4.60 -21.91 -4.70
C TYR B 26 3.65 -21.14 -3.79
N LEU B 27 2.39 -21.56 -3.71
CA LEU B 27 1.42 -20.96 -2.80
C LEU B 27 1.16 -21.83 -1.57
N ASP B 28 2.00 -22.83 -1.33
CA ASP B 28 1.80 -23.75 -0.22
C ASP B 28 2.74 -23.37 0.92
N PRO B 29 2.21 -22.87 2.05
CA PRO B 29 3.10 -22.52 3.17
C PRO B 29 3.77 -23.71 3.82
N THR B 30 3.23 -24.92 3.65
CA THR B 30 3.80 -26.11 4.28
C THR B 30 5.04 -26.63 3.57
N LEU B 31 5.37 -26.10 2.41
CA LEU B 31 6.55 -26.54 1.67
C LEU B 31 7.75 -25.67 1.99
N PRO B 32 8.96 -26.19 1.83
CA PRO B 32 10.16 -25.37 2.05
C PRO B 32 10.23 -24.19 1.09
N ILE B 33 11.05 -23.21 1.45
CA ILE B 33 11.10 -21.96 0.69
C ILE B 33 11.70 -22.21 -0.69
N GLU B 34 12.75 -23.03 -0.78
CA GLU B 34 13.39 -23.26 -2.07
C GLU B 34 12.50 -24.07 -3.00
N ARG B 35 11.59 -24.88 -2.45
CA ARG B 35 10.64 -25.59 -3.30
C ARG B 35 9.62 -24.64 -3.90
N ARG B 36 9.19 -23.63 -3.14
CA ARG B 36 8.21 -22.68 -3.64
C ARG B 36 8.81 -21.76 -4.69
N ILE B 37 10.09 -21.36 -4.51
CA ILE B 37 10.74 -20.50 -5.48
C ILE B 37 10.92 -21.22 -6.80
N ASP B 38 11.29 -22.51 -6.76
CA ASP B 38 11.45 -23.27 -7.98
C ASP B 38 10.14 -23.40 -8.74
N ASP B 39 9.04 -23.65 -8.02
CA ASP B 39 7.74 -23.78 -8.70
C ASP B 39 7.27 -22.43 -9.24
N ALA B 40 7.48 -21.35 -8.48
CA ALA B 40 7.12 -20.03 -8.97
C ALA B 40 7.95 -19.63 -10.19
N LEU B 41 9.22 -20.05 -10.23
CA LEU B 41 10.08 -19.73 -11.36
C LEU B 41 9.61 -20.45 -12.62
N ALA B 42 9.14 -21.70 -12.47
CA ALA B 42 8.70 -22.46 -13.63
C ALA B 42 7.38 -21.97 -14.20
N ARG B 43 6.61 -21.20 -13.42
CA ARG B 43 5.33 -20.68 -13.87
C ARG B 43 5.41 -19.28 -14.44
N MET B 44 6.56 -18.61 -14.30
CA MET B 44 6.72 -17.26 -14.80
C MET B 44 7.21 -17.27 -16.24
N THR B 45 6.67 -16.37 -17.05
CA THR B 45 7.16 -16.21 -18.41
C THR B 45 8.46 -15.42 -18.40
N THR B 46 9.12 -15.39 -19.56
CA THR B 46 10.36 -14.63 -19.68
C THR B 46 10.11 -13.14 -19.46
N ALA B 47 8.99 -12.62 -19.97
CA ALA B 47 8.65 -11.23 -19.74
C ALA B 47 8.38 -10.97 -18.26
N GLU B 48 7.75 -11.91 -17.57
CA GLU B 48 7.51 -11.75 -16.14
C GLU B 48 8.81 -11.86 -15.34
N LYS B 49 9.77 -12.67 -15.83
CA LYS B 49 11.05 -12.77 -15.15
C LYS B 49 11.85 -11.49 -15.30
N ILE B 50 11.81 -10.86 -16.48
CA ILE B 50 12.56 -9.64 -16.71
C ILE B 50 11.92 -8.46 -16.01
N ALA B 51 10.59 -8.42 -15.96
CA ALA B 51 9.91 -7.35 -15.23
C ALA B 51 10.17 -7.43 -13.75
N LEU B 52 10.45 -8.63 -13.23
CA LEU B 52 10.66 -8.81 -11.80
C LEU B 52 11.99 -8.22 -11.34
N ILE B 53 12.98 -8.13 -12.22
CA ILE B 53 14.34 -7.76 -11.82
C ILE B 53 14.62 -6.27 -11.98
N HIS B 54 13.70 -5.49 -12.53
CA HIS B 54 13.86 -4.04 -12.61
C HIS B 54 12.62 -3.37 -12.07
N ALA B 55 12.69 -2.05 -11.94
CA ALA B 55 11.67 -1.28 -11.25
C ALA B 55 10.49 -0.95 -12.14
N GLN B 56 9.35 -0.69 -11.51
CA GLN B 56 8.18 -0.13 -12.19
C GLN B 56 7.87 1.29 -11.76
N SER B 57 8.42 1.75 -10.64
CA SER B 57 8.24 3.11 -10.18
C SER B 57 9.59 3.59 -9.63
N LYS B 58 9.56 4.66 -8.83
CA LYS B 58 10.79 5.18 -8.24
C LYS B 58 11.29 4.27 -7.13
N PHE B 59 10.39 3.63 -6.38
CA PHE B 59 10.79 2.82 -5.23
C PHE B 59 10.03 1.50 -5.19
N SER B 60 9.63 0.96 -6.34
CA SER B 60 8.83 -0.26 -6.34
C SER B 60 9.16 -1.10 -7.56
N SER B 61 9.03 -2.42 -7.39
CA SER B 61 9.11 -3.41 -8.45
C SER B 61 7.76 -4.09 -8.62
N PRO B 62 7.41 -4.51 -9.84
CA PRO B 62 6.03 -4.98 -10.07
C PRO B 62 5.73 -6.33 -9.47
N GLY B 63 6.71 -7.22 -9.35
CA GLY B 63 6.38 -8.56 -8.91
C GLY B 63 5.73 -9.35 -10.02
N VAL B 64 4.95 -10.36 -9.64
CA VAL B 64 4.19 -11.17 -10.58
C VAL B 64 2.72 -11.06 -10.18
N LYS B 65 2.01 -10.10 -10.78
CA LYS B 65 0.61 -9.88 -10.43
C LYS B 65 -0.27 -11.05 -10.84
N ARG B 66 0.13 -11.79 -11.88
CA ARG B 66 -0.68 -12.91 -12.34
C ARG B 66 -0.65 -14.07 -11.36
N LEU B 67 0.51 -14.32 -10.75
CA LEU B 67 0.66 -15.43 -9.81
C LEU B 67 0.40 -15.04 -8.37
N GLY B 68 0.22 -13.75 -8.08
CA GLY B 68 0.00 -13.30 -6.73
C GLY B 68 1.26 -13.00 -5.94
N ILE B 69 2.41 -12.92 -6.59
CA ILE B 69 3.66 -12.57 -5.93
C ILE B 69 3.69 -11.07 -5.73
N PRO B 70 3.72 -10.58 -4.49
CA PRO B 70 3.47 -9.15 -4.25
C PRO B 70 4.64 -8.29 -4.70
N GLU B 71 4.39 -6.98 -4.67
CA GLU B 71 5.40 -5.99 -5.04
C GLU B 71 6.41 -5.80 -3.92
N LEU B 72 7.63 -5.43 -4.31
CA LEU B 72 8.67 -5.05 -3.37
C LEU B 72 8.76 -3.54 -3.33
N TRP B 73 8.53 -2.96 -2.16
CA TRP B 73 8.55 -1.51 -1.98
C TRP B 73 9.78 -1.13 -1.17
N MET B 74 10.74 -0.48 -1.82
CA MET B 74 11.93 0.02 -1.14
C MET B 74 11.62 1.36 -0.49
N THR B 75 12.14 1.55 0.72
CA THR B 75 11.99 2.81 1.44
C THR B 75 13.36 3.33 1.84
N ASP B 76 13.52 4.65 1.79
CA ASP B 76 14.79 5.27 2.11
C ASP B 76 14.92 5.51 3.61
N GLY B 77 16.10 5.92 4.02
CA GLY B 77 16.35 6.30 5.39
C GLY B 77 16.84 5.14 6.24
N PRO B 78 18.14 5.13 6.54
CA PRO B 78 18.64 4.22 7.59
C PRO B 78 18.27 4.68 8.99
N HIS B 79 17.79 5.92 9.14
CA HIS B 79 17.40 6.47 10.43
C HIS B 79 15.89 6.66 10.57
N GLY B 80 15.12 6.34 9.53
CA GLY B 80 13.69 6.53 9.58
C GLY B 80 13.08 6.15 8.25
N ILE B 81 11.77 6.35 8.15
CA ILE B 81 11.01 6.04 6.95
C ILE B 81 10.81 7.32 6.15
N ARG B 82 11.34 7.35 4.94
CA ARG B 82 11.17 8.51 4.08
C ARG B 82 9.69 8.71 3.75
N PRO B 83 9.22 9.95 3.69
CA PRO B 83 7.82 10.19 3.29
C PRO B 83 7.55 9.66 1.89
N GLU B 84 6.27 9.38 1.64
CA GLU B 84 5.86 8.83 0.35
C GLU B 84 6.08 9.84 -0.76
N VAL B 85 6.69 9.41 -1.85
CA VAL B 85 6.94 10.25 -3.00
C VAL B 85 5.95 9.90 -4.11
N LEU B 86 5.91 10.74 -5.14
CA LEU B 86 5.08 10.46 -6.29
C LEU B 86 5.58 9.19 -7.00
N TRP B 87 4.76 8.67 -7.91
CA TRP B 87 5.04 7.39 -8.54
C TRP B 87 6.35 7.42 -9.31
N ASP B 88 6.63 8.52 -10.00
CA ASP B 88 7.81 8.62 -10.85
C ASP B 88 8.82 9.66 -10.39
N GLU B 89 8.39 10.70 -9.68
CA GLU B 89 9.27 11.82 -9.33
C GLU B 89 9.81 11.67 -7.91
N TRP B 90 10.84 12.46 -7.63
CA TRP B 90 11.34 12.58 -6.26
C TRP B 90 10.46 13.47 -5.40
N GLU B 91 9.52 14.19 -6.00
CA GLU B 91 8.67 15.11 -5.26
C GLU B 91 7.80 14.35 -4.26
N GLN B 92 7.53 15.00 -3.13
CA GLN B 92 6.69 14.39 -2.10
C GLN B 92 5.26 14.24 -2.60
N ALA B 93 4.68 13.06 -2.34
CA ALA B 93 3.33 12.77 -2.80
C ALA B 93 2.26 13.57 -2.06
N GLY B 94 2.60 14.21 -0.95
CA GLY B 94 1.63 14.98 -0.21
C GLY B 94 0.79 14.19 0.76
N TRP B 95 1.24 13.01 1.16
CA TRP B 95 0.49 12.20 2.11
C TRP B 95 0.61 12.77 3.52
N THR B 96 -0.45 12.59 4.31
CA THR B 96 -0.51 13.10 5.67
C THR B 96 -0.43 11.99 6.71
N ASN B 97 0.00 10.79 6.31
CA ASN B 97 0.10 9.67 7.23
C ASN B 97 1.52 9.12 7.32
N ASP B 98 2.49 9.78 6.71
CA ASP B 98 3.87 9.29 6.66
C ASP B 98 4.79 10.06 7.61
N SER B 99 4.24 10.64 8.67
CA SER B 99 5.06 11.26 9.71
C SER B 99 5.66 10.16 10.58
N CYS B 100 6.99 10.09 10.62
CA CYS B 100 7.70 9.00 11.27
C CYS B 100 8.40 9.50 12.53
N VAL B 101 9.13 8.58 13.17
CA VAL B 101 10.01 8.90 14.28
C VAL B 101 11.44 8.91 13.74
N ALA B 102 12.09 10.07 13.80
CA ALA B 102 13.45 10.22 13.30
C ALA B 102 14.42 9.70 14.35
N PHE B 103 15.09 8.59 14.05
CA PHE B 103 16.06 8.02 14.96
C PHE B 103 17.42 8.68 14.76
N PRO B 104 18.31 8.57 15.75
CA PRO B 104 19.65 9.17 15.60
C PRO B 104 20.40 8.56 14.44
N ALA B 105 21.29 9.37 13.84
CA ALA B 105 22.06 8.93 12.70
C ALA B 105 22.96 7.75 13.08
N LEU B 106 23.38 7.00 12.05
CA LEU B 106 24.19 5.81 12.30
C LEU B 106 25.54 6.15 12.89
N THR B 107 26.07 7.36 12.60
CA THR B 107 27.29 7.79 13.26
C THR B 107 27.06 8.04 14.75
N ALA B 108 25.82 8.27 15.17
CA ALA B 108 25.53 8.37 16.59
C ALA B 108 25.27 7.00 17.20
N LEU B 109 24.56 6.13 16.48
CA LEU B 109 24.33 4.78 16.96
C LEU B 109 25.65 4.04 17.16
N ALA B 110 26.60 4.22 16.23
CA ALA B 110 27.91 3.62 16.39
C ALA B 110 28.66 4.22 17.57
N ALA B 111 28.41 5.50 17.87
CA ALA B 111 29.07 6.14 19.01
C ALA B 111 28.57 5.60 20.34
N THR B 112 27.44 4.89 20.35
CA THR B 112 26.96 4.28 21.59
C THR B 112 27.82 3.11 22.01
N TRP B 113 28.41 2.40 21.05
CA TRP B 113 29.17 1.17 21.31
C TRP B 113 28.33 0.15 22.06
N ASN B 114 27.02 0.20 21.86
CA ASN B 114 26.06 -0.67 22.55
C ASN B 114 25.36 -1.51 21.49
N SER B 115 25.72 -2.79 21.40
CA SER B 115 25.07 -3.67 20.42
C SER B 115 23.63 -3.95 20.79
N ALA B 116 23.29 -3.93 22.08
CA ALA B 116 21.91 -4.19 22.49
C ALA B 116 20.97 -3.11 21.98
N LEU B 117 21.42 -1.85 21.99
CA LEU B 117 20.58 -0.77 21.48
C LEU B 117 20.50 -0.80 19.96
N SER B 118 21.57 -1.25 19.29
CA SER B 118 21.54 -1.31 17.84
C SER B 118 20.46 -2.24 17.33
N GLN B 119 20.18 -3.33 18.06
CA GLN B 119 19.09 -4.21 17.67
C GLN B 119 17.74 -3.57 17.97
N ALA B 120 17.60 -2.93 19.14
CA ALA B 120 16.38 -2.19 19.44
C ALA B 120 16.18 -1.04 18.47
N TYR B 121 17.28 -0.45 17.99
CA TYR B 121 17.20 0.57 16.95
C TYR B 121 16.60 -0.02 15.67
N GLY B 122 17.13 -1.17 15.24
CA GLY B 122 16.63 -1.77 14.00
C GLY B 122 15.22 -2.33 14.14
N LYS B 123 14.91 -2.91 15.29
CA LYS B 123 13.57 -3.47 15.49
C LYS B 123 12.52 -2.38 15.47
N ALA B 124 12.81 -1.23 16.08
CA ALA B 124 11.85 -0.13 16.06
C ALA B 124 11.70 0.45 14.66
N LEU B 125 12.79 0.49 13.90
CA LEU B 125 12.71 0.97 12.52
C LEU B 125 11.97 -0.02 11.63
N GLY B 126 12.19 -1.31 11.84
CA GLY B 126 11.49 -2.31 11.05
C GLY B 126 9.99 -2.29 11.27
N GLU B 127 9.57 -2.04 12.51
CA GLU B 127 8.14 -1.93 12.79
C GLU B 127 7.53 -0.73 12.07
N GLU B 128 8.27 0.37 11.98
CA GLU B 128 7.78 1.52 11.23
C GLU B 128 7.76 1.25 9.74
N ALA B 129 8.71 0.46 9.24
CA ALA B 129 8.68 0.07 7.83
C ALA B 129 7.50 -0.84 7.54
N ARG B 130 7.20 -1.76 8.46
CA ARG B 130 6.03 -2.63 8.30
C ARG B 130 4.75 -1.81 8.29
N TRP B 131 4.67 -0.77 9.13
CA TRP B 131 3.48 0.06 9.15
C TRP B 131 3.27 0.76 7.82
N ARG B 132 4.35 1.24 7.20
CA ARG B 132 4.28 1.89 5.90
C ARG B 132 4.22 0.90 4.75
N ASN B 133 4.16 -0.41 5.04
CA ASN B 133 4.10 -1.46 4.02
C ASN B 133 5.29 -1.36 3.06
N LYS B 134 6.49 -1.33 3.63
CA LYS B 134 7.72 -1.22 2.87
C LYS B 134 8.48 -2.54 2.97
N SER B 135 8.96 -3.04 1.82
CA SER B 135 9.61 -4.34 1.79
C SER B 135 11.06 -4.28 2.24
N VAL B 136 11.81 -3.31 1.73
CA VAL B 136 13.24 -3.21 1.99
C VAL B 136 13.56 -1.81 2.48
N VAL B 137 14.31 -1.72 3.58
CA VAL B 137 14.82 -0.45 4.08
C VAL B 137 16.20 -0.24 3.49
N LEU B 138 16.41 0.90 2.82
CA LEU B 138 17.69 1.22 2.22
C LEU B 138 18.67 1.63 3.31
N GLY B 139 19.21 0.60 3.98
CA GLY B 139 20.12 0.80 5.08
C GLY B 139 20.54 -0.53 5.68
N PRO B 140 21.61 -0.52 6.47
CA PRO B 140 22.45 0.62 6.86
C PRO B 140 23.64 0.82 5.94
N GLY B 141 24.37 1.93 6.11
CA GLY B 141 25.60 2.18 5.38
C GLY B 141 26.80 2.02 6.30
N VAL B 142 27.79 1.25 5.84
CA VAL B 142 28.96 0.94 6.65
C VAL B 142 30.23 1.24 5.88
N ASN B 143 30.20 2.29 5.06
CA ASN B 143 31.42 2.72 4.37
C ASN B 143 32.39 3.33 5.36
N ILE B 144 33.64 2.88 5.31
CA ILE B 144 34.66 3.35 6.25
C ILE B 144 34.94 4.83 6.01
N ALA B 145 34.92 5.61 7.08
CA ALA B 145 35.25 7.03 7.00
C ALA B 145 36.71 7.22 6.62
N ARG B 146 37.02 7.18 5.33
CA ARG B 146 38.41 7.35 4.90
C ARG B 146 38.87 8.78 5.07
N THR B 147 38.00 9.74 4.75
CA THR B 147 38.34 11.15 4.84
C THR B 147 37.27 11.89 5.64
N PRO B 148 37.66 12.90 6.42
CA PRO B 148 36.66 13.68 7.17
C PRO B 148 35.86 14.65 6.31
N LEU B 149 36.09 14.68 5.00
CA LEU B 149 35.36 15.57 4.10
C LEU B 149 34.18 14.88 3.41
N ASN B 150 34.05 13.56 3.55
CA ASN B 150 32.95 12.86 2.91
C ASN B 150 31.63 13.29 3.52
N GLY B 151 30.77 13.90 2.71
CA GLY B 151 29.51 14.44 3.19
C GLY B 151 28.51 13.41 3.63
N ARG B 152 28.73 12.13 3.31
CA ARG B 152 27.79 11.07 3.64
C ARG B 152 28.26 10.21 4.81
N ASN B 153 29.32 10.62 5.50
CA ASN B 153 29.82 9.86 6.65
C ASN B 153 28.88 9.92 7.85
N PHE B 154 27.90 10.83 7.85
CA PHE B 154 26.99 10.94 8.98
C PHE B 154 26.05 9.74 9.10
N GLU B 155 25.81 9.02 8.00
CA GLU B 155 24.97 7.82 8.03
C GLU B 155 25.79 6.54 7.93
N TYR B 156 27.07 6.59 8.31
CA TYR B 156 27.92 5.42 8.40
C TYR B 156 28.28 5.17 9.86
N MET B 157 29.15 4.18 10.09
CA MET B 157 29.49 3.76 11.45
C MET B 157 30.97 3.97 11.75
N GLY B 158 31.50 5.10 11.30
CA GLY B 158 32.85 5.49 11.67
C GLY B 158 33.94 5.02 10.72
N GLU B 159 35.16 4.86 11.25
CA GLU B 159 36.31 4.50 10.45
C GLU B 159 36.92 3.15 10.82
N ASP B 160 36.41 2.48 11.87
CA ASP B 160 36.96 1.20 12.28
C ASP B 160 36.17 0.06 11.66
N PRO B 161 36.82 -0.97 11.12
CA PRO B 161 36.08 -2.08 10.52
C PRO B 161 35.47 -3.02 11.55
N TYR B 162 36.06 -3.10 12.74
CA TYR B 162 35.51 -3.96 13.77
C TYR B 162 34.33 -3.31 14.48
N LEU B 163 34.41 -2.01 14.76
CA LEU B 163 33.31 -1.31 15.41
C LEU B 163 32.07 -1.33 14.52
N ALA B 164 32.24 -1.02 13.23
CA ALA B 164 31.10 -1.03 12.32
C ALA B 164 30.53 -2.42 12.15
N ALA B 165 31.38 -3.45 12.19
CA ALA B 165 30.91 -4.81 11.99
C ALA B 165 30.05 -5.29 13.15
N ARG B 166 30.49 -5.04 14.38
N ARG B 166 30.50 -5.05 14.38
CA ARG B 166 29.74 -5.48 15.55
CA ARG B 166 29.74 -5.48 15.55
C ARG B 166 28.54 -4.60 15.84
C ARG B 166 28.51 -4.62 15.81
N MET B 167 28.37 -3.49 15.11
CA MET B 167 27.21 -2.64 15.26
C MET B 167 26.26 -2.71 14.07
N VAL B 168 26.67 -3.29 12.95
CA VAL B 168 25.77 -3.48 11.82
C VAL B 168 24.96 -4.77 11.96
N VAL B 169 25.51 -5.79 12.62
CA VAL B 169 24.85 -7.08 12.77
C VAL B 169 23.59 -6.94 13.62
N PRO B 170 23.62 -6.29 14.79
CA PRO B 170 22.36 -6.08 15.53
C PRO B 170 21.36 -5.22 14.77
N TYR B 171 21.85 -4.24 14.00
CA TYR B 171 20.96 -3.43 13.18
C TYR B 171 20.20 -4.28 12.18
N ILE B 172 20.89 -5.21 11.52
CA ILE B 172 20.24 -6.07 10.53
C ILE B 172 19.35 -7.09 11.21
N TYR B 173 19.77 -7.61 12.36
CA TYR B 173 18.92 -8.55 13.10
C TYR B 173 17.63 -7.87 13.56
N GLY B 174 17.71 -6.59 13.93
CA GLY B 174 16.53 -5.89 14.42
C GLY B 174 15.49 -5.67 13.34
N VAL B 175 15.92 -5.13 12.20
CA VAL B 175 14.99 -4.83 11.11
C VAL B 175 14.39 -6.11 10.55
N GLN B 176 15.24 -7.08 10.22
CA GLN B 176 14.77 -8.31 9.59
C GLN B 176 13.97 -9.20 10.54
N SER B 177 13.98 -8.90 11.85
CA SER B 177 13.11 -9.62 12.76
C SER B 177 11.64 -9.30 12.53
N ASN B 178 11.35 -8.13 11.95
CA ASN B 178 9.99 -7.74 11.61
C ASN B 178 9.57 -8.18 10.21
N GLY B 179 10.47 -8.80 9.46
CA GLY B 179 10.18 -9.22 8.10
C GLY B 179 10.56 -8.22 7.04
N VAL B 180 11.31 -7.18 7.37
CA VAL B 180 11.74 -6.15 6.42
C VAL B 180 13.23 -6.33 6.18
N ALA B 181 13.63 -6.36 4.92
CA ALA B 181 15.03 -6.58 4.57
C ALA B 181 15.85 -5.32 4.79
N THR B 182 17.11 -5.52 5.14
CA THR B 182 18.09 -4.45 5.20
C THR B 182 18.88 -4.40 3.90
N SER B 183 19.38 -3.21 3.56
CA SER B 183 20.12 -3.00 2.33
C SER B 183 21.51 -2.49 2.69
N LEU B 184 22.52 -3.37 2.62
CA LEU B 184 23.90 -2.95 2.81
C LEU B 184 24.26 -1.84 1.83
N LYS B 185 24.21 -0.60 2.30
CA LYS B 185 24.35 0.54 1.41
C LYS B 185 25.79 0.67 0.91
N HIS B 186 25.93 0.84 -0.41
CA HIS B 186 27.20 1.19 -1.03
C HIS B 186 28.26 0.11 -0.80
N PHE B 187 27.91 -1.12 -1.19
CA PHE B 187 28.88 -2.21 -1.16
C PHE B 187 29.99 -1.92 -2.15
N ALA B 188 31.02 -1.20 -1.70
CA ALA B 188 32.07 -0.71 -2.59
C ALA B 188 33.19 -0.04 -1.82
N LEU B 189 33.75 0.99 -2.43
CA LEU B 189 34.73 1.86 -1.79
C LEU B 189 34.26 3.32 -1.87
N ASN B 190 32.95 3.52 -1.79
CA ASN B 190 32.34 4.86 -1.88
C ASN B 190 32.63 5.61 -0.59
N ASN B 191 33.84 6.17 -0.53
CA ASN B 191 34.31 6.86 0.67
C ASN B 191 34.34 8.37 0.52
N HIS B 192 33.91 8.90 -0.63
CA HIS B 192 33.77 10.34 -0.80
C HIS B 192 32.76 10.58 -1.93
N GLU B 193 31.98 11.64 -1.77
CA GLU B 193 30.88 11.95 -2.68
C GLU B 193 31.31 12.71 -3.93
N LEU B 194 32.51 13.29 -3.94
CA LEU B 194 32.97 14.04 -5.10
C LEU B 194 33.23 13.10 -6.26
N ASN B 195 32.58 13.37 -7.41
CA ASN B 195 32.72 12.54 -8.61
C ASN B 195 32.40 11.08 -8.32
N ARG B 196 31.37 10.84 -7.50
CA ARG B 196 31.05 9.49 -7.07
C ARG B 196 30.58 8.60 -8.21
N HIS B 197 30.11 9.19 -9.31
CA HIS B 197 29.62 8.39 -10.44
C HIS B 197 30.73 8.00 -11.41
N THR B 198 31.89 8.66 -11.36
CA THR B 198 32.97 8.38 -12.30
C THR B 198 34.30 8.13 -11.58
N THR B 199 34.27 7.73 -10.32
CA THR B 199 35.47 7.51 -9.54
C THR B 199 35.82 6.02 -9.54
N ASN B 200 37.02 5.70 -10.02
CA ASN B 200 37.54 4.35 -10.00
C ASN B 200 38.57 4.24 -8.88
N VAL B 201 38.24 3.47 -7.85
CA VAL B 201 39.12 3.33 -6.69
C VAL B 201 40.16 2.26 -6.98
N ARG B 202 41.43 2.61 -6.79
CA ARG B 202 42.55 1.68 -6.95
C ARG B 202 43.18 1.48 -5.58
N VAL B 203 42.69 0.47 -4.86
CA VAL B 203 43.13 0.17 -3.51
C VAL B 203 43.78 -1.22 -3.51
N SER B 204 44.79 -1.39 -2.67
CA SER B 204 45.49 -2.66 -2.56
C SER B 204 44.57 -3.73 -1.99
N ASP B 205 44.93 -4.99 -2.25
CA ASP B 205 44.14 -6.10 -1.73
C ASP B 205 44.25 -6.22 -0.22
N ARG B 206 45.43 -5.89 0.34
CA ARG B 206 45.58 -5.93 1.79
C ARG B 206 44.68 -4.92 2.47
N ALA B 207 44.67 -3.68 1.96
CA ALA B 207 43.78 -2.66 2.51
C ALA B 207 42.32 -2.96 2.22
N LEU B 208 42.04 -3.78 1.20
CA LEU B 208 40.66 -4.12 0.88
C LEU B 208 40.08 -5.10 1.89
N ARG B 209 40.87 -6.11 2.28
CA ARG B 209 40.35 -7.17 3.14
C ARG B 209 40.37 -6.82 4.62
N GLU B 210 41.18 -5.82 5.02
CA GLU B 210 41.33 -5.50 6.43
C GLU B 210 40.63 -4.22 6.85
N ILE B 211 40.17 -3.39 5.91
CA ILE B 211 39.60 -2.09 6.27
C ILE B 211 38.19 -1.96 5.71
N TYR B 212 38.03 -2.13 4.41
CA TYR B 212 36.78 -1.77 3.74
C TYR B 212 35.80 -2.94 3.61
N LEU B 213 36.28 -4.19 3.65
CA LEU B 213 35.42 -5.35 3.52
C LEU B 213 34.93 -5.95 4.84
N PRO B 214 35.72 -5.98 5.92
CA PRO B 214 35.25 -6.65 7.15
C PRO B 214 33.87 -6.23 7.62
N ALA B 215 33.48 -4.97 7.43
CA ALA B 215 32.15 -4.54 7.82
C ALA B 215 31.08 -5.18 6.94
N PHE B 216 31.32 -5.25 5.63
CA PHE B 216 30.34 -5.84 4.73
C PHE B 216 30.31 -7.36 4.84
N GLU B 217 31.43 -7.99 5.20
CA GLU B 217 31.45 -9.44 5.32
C GLU B 217 30.68 -9.91 6.55
N ALA B 218 30.89 -9.25 7.69
CA ALA B 218 30.16 -9.61 8.89
C ALA B 218 28.67 -9.32 8.76
N ALA B 219 28.31 -8.35 7.92
CA ALA B 219 26.90 -8.04 7.69
C ALA B 219 26.24 -9.03 6.74
N VAL B 220 27.01 -9.82 6.00
CA VAL B 220 26.47 -10.77 5.05
C VAL B 220 26.46 -12.17 5.66
N ARG B 221 27.62 -12.64 6.11
CA ARG B 221 27.72 -14.00 6.63
C ARG B 221 27.15 -14.12 8.04
N GLU B 222 27.27 -13.09 8.86
CA GLU B 222 26.74 -13.11 10.22
C GLU B 222 25.43 -12.34 10.35
N GLY B 223 25.37 -11.14 9.78
CA GLY B 223 24.13 -10.36 9.82
C GLY B 223 23.02 -10.95 8.98
N LYS B 224 23.36 -11.75 7.97
CA LYS B 224 22.38 -12.42 7.10
C LYS B 224 21.46 -11.41 6.43
N THR B 225 22.05 -10.35 5.88
CA THR B 225 21.27 -9.34 5.19
C THR B 225 20.68 -9.91 3.90
N TRP B 226 19.46 -9.48 3.59
CA TRP B 226 18.75 -9.98 2.41
C TRP B 226 18.96 -9.10 1.18
N THR B 227 19.53 -7.92 1.34
CA THR B 227 19.77 -7.00 0.24
C THR B 227 21.11 -6.32 0.45
N VAL B 228 21.91 -6.24 -0.61
CA VAL B 228 23.21 -5.59 -0.58
C VAL B 228 23.27 -4.61 -1.75
N MET B 229 23.41 -3.32 -1.44
CA MET B 229 23.36 -2.28 -2.46
C MET B 229 24.77 -1.93 -2.93
N GLY B 230 24.97 -1.96 -4.24
CA GLY B 230 26.22 -1.49 -4.80
C GLY B 230 26.23 0.02 -4.96
N ALA B 231 27.43 0.60 -4.95
CA ALA B 231 27.57 2.04 -4.98
C ALA B 231 27.74 2.55 -6.41
N TYR B 232 27.83 3.88 -6.55
CA TYR B 232 27.98 4.50 -7.86
C TYR B 232 29.41 4.42 -8.40
N ASN B 233 30.41 4.29 -7.52
CA ASN B 233 31.79 4.35 -7.96
C ASN B 233 32.18 3.07 -8.71
N LEU B 234 33.42 3.04 -9.18
CA LEU B 234 33.93 1.93 -9.96
C LEU B 234 35.10 1.27 -9.23
N TYR B 235 35.37 0.02 -9.60
CA TYR B 235 36.50 -0.72 -9.06
C TYR B 235 37.02 -1.64 -10.16
N ARG B 236 38.30 -1.50 -10.49
CA ARG B 236 38.92 -2.23 -11.59
C ARG B 236 38.18 -2.00 -12.91
N ASP B 237 37.92 -0.72 -13.18
CA ASP B 237 37.28 -0.28 -14.43
C ASP B 237 35.89 -0.89 -14.62
N GLN B 238 35.19 -1.15 -13.51
CA GLN B 238 33.83 -1.68 -13.56
C GLN B 238 33.01 -1.05 -12.45
N HIS B 239 31.80 -0.60 -12.79
CA HIS B 239 30.90 -0.07 -11.78
C HIS B 239 30.55 -1.16 -10.77
N LEU B 240 30.30 -0.74 -9.52
CA LEU B 240 30.03 -1.69 -8.46
C LEU B 240 28.60 -2.21 -8.46
N CYS B 241 27.70 -1.59 -9.21
CA CYS B 241 26.37 -2.18 -9.37
C CYS B 241 26.39 -3.37 -10.31
N HIS B 242 27.51 -3.63 -11.00
CA HIS B 242 27.71 -4.78 -11.86
C HIS B 242 29.21 -5.01 -11.98
N ASN B 243 29.83 -5.39 -10.86
CA ASN B 243 31.27 -5.62 -10.76
C ASN B 243 31.50 -7.12 -10.54
N GLN B 244 32.20 -7.75 -11.48
CA GLN B 244 32.40 -9.19 -11.42
C GLN B 244 33.29 -9.58 -10.24
N TYR B 245 34.18 -8.69 -9.81
CA TYR B 245 35.17 -9.07 -8.80
C TYR B 245 34.55 -9.10 -7.40
N LEU B 246 33.77 -8.08 -7.04
CA LEU B 246 33.22 -7.98 -5.70
C LEU B 246 31.82 -8.53 -5.56
N LEU B 247 31.00 -8.47 -6.62
CA LEU B 247 29.64 -8.99 -6.51
C LEU B 247 29.60 -10.51 -6.71
N ASN B 248 30.30 -11.02 -7.72
CA ASN B 248 30.28 -12.44 -8.02
C ASN B 248 31.37 -13.20 -7.28
N ASP B 249 32.63 -12.83 -7.51
CA ASP B 249 33.74 -13.62 -6.98
C ASP B 249 33.84 -13.53 -5.46
N VAL B 250 33.51 -12.39 -4.88
CA VAL B 250 33.65 -12.18 -3.45
C VAL B 250 32.32 -12.36 -2.72
N LEU B 251 31.28 -11.63 -3.14
CA LEU B 251 30.02 -11.66 -2.40
C LEU B 251 29.29 -12.98 -2.61
N LYS B 252 28.88 -13.27 -3.85
CA LYS B 252 28.01 -14.42 -4.09
C LYS B 252 28.74 -15.75 -4.02
N ARG B 253 30.01 -15.79 -4.44
CA ARG B 253 30.74 -17.06 -4.46
C ARG B 253 31.50 -17.29 -3.15
N GLU B 254 32.42 -16.38 -2.81
CA GLU B 254 33.27 -16.58 -1.64
C GLU B 254 32.46 -16.52 -0.35
N TRP B 255 31.61 -15.51 -0.21
CA TRP B 255 30.81 -15.35 1.00
C TRP B 255 29.51 -16.14 0.94
N ASN B 256 29.22 -16.81 -0.18
CA ASN B 256 28.02 -17.64 -0.35
C ASN B 256 26.76 -16.83 -0.08
N TYR B 257 26.69 -15.65 -0.69
CA TYR B 257 25.56 -14.75 -0.51
C TYR B 257 24.36 -15.23 -1.32
N ASP B 258 23.21 -15.34 -0.66
CA ASP B 258 21.99 -15.84 -1.29
C ASP B 258 20.91 -14.76 -1.39
N GLY B 259 21.27 -13.50 -1.18
CA GLY B 259 20.32 -12.40 -1.23
C GLY B 259 20.27 -11.73 -2.58
N VAL B 260 19.88 -10.45 -2.57
CA VAL B 260 19.70 -9.66 -3.78
C VAL B 260 20.73 -8.54 -3.79
N VAL B 261 21.31 -8.30 -4.96
CA VAL B 261 22.23 -7.18 -5.16
C VAL B 261 21.44 -6.11 -5.90
N VAL B 262 20.88 -5.18 -5.13
CA VAL B 262 20.11 -4.07 -5.68
C VAL B 262 21.08 -2.94 -6.03
N SER B 263 20.87 -2.34 -7.19
CA SER B 263 21.69 -1.21 -7.60
C SER B 263 21.24 0.07 -6.89
N ASP B 264 22.20 0.95 -6.63
CA ASP B 264 21.86 2.28 -6.15
C ASP B 264 21.17 3.05 -7.27
N TRP B 265 20.23 3.91 -6.87
CA TRP B 265 19.38 4.61 -7.83
C TRP B 265 20.21 5.43 -8.83
N GLY B 266 20.56 4.79 -9.94
CA GLY B 266 21.40 5.40 -10.95
C GLY B 266 22.73 4.72 -11.17
N GLY B 267 23.01 3.59 -10.51
CA GLY B 267 24.32 2.98 -10.58
C GLY B 267 24.55 2.05 -11.75
N THR B 268 23.47 1.60 -12.38
CA THR B 268 23.58 0.71 -13.53
C THR B 268 23.85 1.52 -14.79
N HIS B 269 24.80 1.04 -15.60
CA HIS B 269 25.19 1.77 -16.81
C HIS B 269 25.47 0.88 -18.01
N ASN B 270 25.42 -0.44 -17.86
CA ASN B 270 25.72 -1.33 -18.98
C ASN B 270 24.89 -2.61 -18.86
N THR B 271 24.21 -2.97 -19.94
CA THR B 271 23.38 -4.17 -19.93
C THR B 271 24.25 -5.43 -19.83
N ASP B 272 25.29 -5.52 -20.65
CA ASP B 272 26.12 -6.72 -20.68
C ASP B 272 26.76 -7.01 -19.33
N GLU B 273 27.21 -5.95 -18.63
CA GLU B 273 27.79 -6.15 -17.31
C GLU B 273 26.72 -6.46 -16.28
N ALA B 274 25.54 -5.84 -16.41
CA ALA B 274 24.47 -6.09 -15.44
C ALA B 274 23.98 -7.53 -15.49
N VAL B 275 24.15 -8.20 -16.64
CA VAL B 275 23.65 -9.56 -16.78
C VAL B 275 24.65 -10.56 -16.19
N ARG B 276 25.93 -10.41 -16.54
CA ARG B 276 26.93 -11.43 -16.22
C ARG B 276 27.69 -11.15 -14.93
N HIS B 277 27.65 -9.93 -14.39
CA HIS B 277 28.41 -9.61 -13.19
C HIS B 277 27.59 -9.69 -11.91
N GLY B 278 26.29 -9.94 -12.00
CA GLY B 278 25.51 -10.23 -10.81
C GLY B 278 24.66 -9.08 -10.28
N LEU B 279 23.95 -8.38 -11.15
CA LEU B 279 23.00 -7.34 -10.75
C LEU B 279 21.60 -7.95 -10.74
N ASP B 280 21.06 -8.20 -9.56
CA ASP B 280 19.78 -8.89 -9.43
C ASP B 280 18.59 -7.96 -9.53
N LEU B 281 18.70 -6.74 -9.00
CA LEU B 281 17.58 -5.81 -8.97
C LEU B 281 18.06 -4.43 -9.34
N GLU B 282 17.41 -3.81 -10.32
CA GLU B 282 17.82 -2.51 -10.86
C GLU B 282 16.80 -1.46 -10.45
N PHE B 283 17.30 -0.28 -10.07
CA PHE B 283 16.45 0.81 -9.61
C PHE B 283 17.06 2.16 -9.99
N GLY B 284 16.19 3.10 -10.34
CA GLY B 284 16.62 4.48 -10.57
C GLY B 284 17.55 4.70 -11.73
N THR B 285 17.49 3.85 -12.75
CA THR B 285 18.39 3.98 -13.89
C THR B 285 18.03 5.21 -14.71
N TRP B 286 19.03 6.00 -15.04
CA TRP B 286 18.85 7.21 -15.85
C TRP B 286 18.48 6.85 -17.29
N GLY B 293 19.17 12.52 -13.92
CA GLY B 293 18.00 13.26 -14.37
C GLY B 293 16.69 12.57 -14.05
N ALA B 294 16.06 11.99 -15.07
CA ALA B 294 14.80 11.29 -14.94
C ALA B 294 15.02 9.79 -15.01
N SER B 295 14.08 9.05 -14.45
CA SER B 295 14.14 7.59 -14.42
C SER B 295 12.76 6.98 -14.59
N ASN B 296 11.93 7.60 -15.43
CA ASN B 296 10.58 7.15 -15.66
C ASN B 296 10.43 6.26 -16.90
N ALA B 297 11.53 5.98 -17.60
CA ALA B 297 11.50 5.10 -18.77
C ALA B 297 11.94 3.71 -18.32
N TYR B 298 10.99 2.98 -17.72
CA TYR B 298 11.32 1.71 -17.09
C TYR B 298 11.55 0.59 -18.10
N ASP B 299 11.02 0.71 -19.32
CA ASP B 299 11.32 -0.26 -20.36
C ASP B 299 12.73 -0.13 -20.89
N SER B 300 13.36 1.03 -20.70
CA SER B 300 14.70 1.29 -21.20
C SER B 300 15.79 0.98 -20.18
N TYR B 301 15.44 0.33 -19.07
CA TYR B 301 16.46 -0.07 -18.11
C TYR B 301 17.41 -1.10 -18.74
N TYR B 302 18.60 -1.19 -18.17
CA TYR B 302 19.60 -2.13 -18.68
C TYR B 302 19.23 -3.59 -18.44
N LEU B 303 18.24 -3.85 -17.59
CA LEU B 303 17.73 -5.20 -17.36
C LEU B 303 16.25 -5.30 -17.76
N ALA B 304 15.85 -4.55 -18.78
CA ALA B 304 14.45 -4.54 -19.22
C ALA B 304 14.44 -4.98 -20.68
N ARG B 305 13.98 -4.13 -21.60
CA ARG B 305 13.92 -4.53 -23.01
C ARG B 305 15.28 -4.84 -23.62
N PRO B 306 16.36 -4.07 -23.36
CA PRO B 306 17.67 -4.49 -23.89
C PRO B 306 18.08 -5.88 -23.46
N TYR B 307 17.75 -6.27 -22.23
CA TYR B 307 17.96 -7.66 -21.82
C TYR B 307 17.02 -8.60 -22.56
N ALA B 308 15.76 -8.18 -22.75
CA ALA B 308 14.79 -9.03 -23.45
C ALA B 308 15.16 -9.21 -24.90
N ASP B 309 15.58 -8.14 -25.58
CA ASP B 309 15.96 -8.25 -26.98
C ASP B 309 17.22 -9.10 -27.16
N ALA B 310 18.11 -9.08 -26.17
CA ALA B 310 19.33 -9.88 -26.23
C ALA B 310 19.04 -11.36 -25.98
N ILE B 311 18.07 -11.68 -25.13
CA ILE B 311 17.67 -13.07 -24.94
C ILE B 311 16.94 -13.58 -26.17
N ALA B 312 16.07 -12.75 -26.75
CA ALA B 312 15.38 -13.15 -27.98
C ALA B 312 16.34 -13.33 -29.13
N ALA B 313 17.41 -12.54 -29.18
CA ALA B 313 18.41 -12.65 -30.24
C ALA B 313 19.39 -13.79 -29.99
N GLY B 314 19.38 -14.40 -28.81
CA GLY B 314 20.27 -15.49 -28.51
C GLY B 314 21.61 -15.10 -27.91
N ARG B 315 21.79 -13.82 -27.57
CA ARG B 315 23.06 -13.40 -26.96
C ARG B 315 23.21 -13.99 -25.56
N TYR B 316 22.15 -13.94 -24.76
CA TYR B 316 22.12 -14.59 -23.46
C TYR B 316 20.99 -15.61 -23.43
N GLY B 317 21.15 -16.64 -22.60
CA GLY B 317 20.09 -17.60 -22.39
C GLY B 317 19.17 -17.18 -21.27
N THR B 318 18.88 -18.09 -20.33
CA THR B 318 18.10 -17.76 -19.15
C THR B 318 18.82 -18.11 -17.85
N ASP B 319 20.08 -18.53 -17.93
CA ASP B 319 20.82 -18.89 -16.73
C ASP B 319 20.97 -17.68 -15.80
N GLU B 320 21.60 -16.61 -16.29
CA GLU B 320 21.75 -15.41 -15.48
C GLU B 320 20.41 -14.80 -15.11
N LEU B 321 19.41 -14.95 -15.97
CA LEU B 321 18.08 -14.43 -15.68
C LEU B 321 17.41 -15.23 -14.56
N ASP B 322 17.46 -16.55 -14.65
CA ASP B 322 16.85 -17.39 -13.61
C ASP B 322 17.56 -17.22 -12.28
N ASP B 323 18.87 -16.97 -12.29
CA ASP B 323 19.59 -16.71 -11.04
C ASP B 323 19.12 -15.41 -10.41
N LYS B 324 18.95 -14.36 -11.22
CA LYS B 324 18.46 -13.09 -10.69
C LYS B 324 17.02 -13.22 -10.20
N VAL B 325 16.19 -13.99 -10.90
CA VAL B 325 14.81 -14.16 -10.48
C VAL B 325 14.73 -15.03 -9.23
N ARG B 326 15.59 -16.06 -9.15
CA ARG B 326 15.59 -16.91 -7.97
C ARG B 326 15.96 -16.14 -6.71
N ARG B 327 16.79 -15.10 -6.85
CA ARG B 327 17.17 -14.31 -5.68
C ARG B 327 16.11 -13.27 -5.33
N VAL B 328 15.51 -12.63 -6.33
CA VAL B 328 14.46 -11.65 -6.06
C VAL B 328 13.22 -12.34 -5.49
N LEU B 329 12.91 -13.54 -5.99
CA LEU B 329 11.82 -14.31 -5.41
C LEU B 329 12.13 -14.71 -3.97
N ARG B 330 13.39 -15.08 -3.70
CA ARG B 330 13.79 -15.41 -2.33
C ARG B 330 13.62 -14.21 -1.41
N LEU B 331 13.92 -13.00 -1.90
CA LEU B 331 13.68 -11.80 -1.12
C LEU B 331 12.19 -11.57 -0.93
N THR B 332 11.37 -11.92 -1.92
CA THR B 332 9.93 -11.74 -1.79
C THR B 332 9.33 -12.73 -0.81
N TYR B 333 9.82 -13.97 -0.82
CA TYR B 333 9.32 -14.97 0.13
C TYR B 333 9.74 -14.67 1.56
N ARG B 334 10.91 -14.05 1.74
CA ARG B 334 11.35 -13.66 3.06
C ARG B 334 10.61 -12.44 3.61
N THR B 335 9.83 -11.75 2.76
CA THR B 335 9.18 -10.52 3.18
C THR B 335 7.67 -10.57 2.92
N GLU B 336 7.26 -10.19 1.72
CA GLU B 336 5.83 -9.99 1.45
C GLU B 336 5.05 -11.31 1.42
N MET B 337 5.71 -12.41 1.07
CA MET B 337 5.00 -13.69 1.04
C MET B 337 4.75 -14.26 2.43
N ARG B 338 5.42 -13.74 3.45
CA ARG B 338 5.23 -14.26 4.80
C ARG B 338 3.86 -13.87 5.34
N THR B 339 3.48 -14.55 6.42
CA THR B 339 2.20 -14.31 7.09
C THR B 339 2.33 -13.94 8.55
N ASP B 340 3.35 -14.45 9.25
CA ASP B 340 3.56 -14.18 10.66
C ASP B 340 4.39 -12.94 10.92
N ARG B 341 4.38 -11.97 10.00
CA ARG B 341 5.12 -10.75 10.23
C ARG B 341 4.32 -9.81 11.14
N PRO B 342 4.99 -9.09 12.04
CA PRO B 342 4.27 -8.11 12.87
C PRO B 342 3.79 -6.93 12.02
N ARG B 343 2.61 -6.42 12.37
CA ARG B 343 2.06 -5.29 11.63
C ARG B 343 2.86 -4.02 11.89
N GLY B 344 3.52 -3.92 13.05
CA GLY B 344 4.30 -2.75 13.37
C GLY B 344 3.43 -1.57 13.76
N ALA B 345 4.10 -0.45 14.02
CA ALA B 345 3.43 0.77 14.40
C ALA B 345 4.34 1.94 14.05
N MET B 346 3.80 3.15 14.23
CA MET B 346 4.54 4.36 13.95
C MET B 346 4.19 5.42 14.98
N CYS B 347 5.20 6.16 15.43
CA CYS B 347 5.04 7.24 16.42
C CYS B 347 4.46 6.70 17.73
N SER B 348 4.92 5.52 18.14
CA SER B 348 4.50 4.92 19.39
C SER B 348 5.44 5.32 20.52
N GLU B 349 4.98 5.10 21.75
CA GLU B 349 5.78 5.45 22.92
C GLU B 349 7.09 4.66 22.96
N GLU B 350 7.06 3.41 22.50
CA GLU B 350 8.27 2.60 22.53
C GLU B 350 9.29 3.10 21.50
N HIS B 351 8.82 3.54 20.33
CA HIS B 351 9.73 4.01 19.30
C HIS B 351 10.40 5.32 19.71
N TYR B 352 9.66 6.19 20.40
CA TYR B 352 10.26 7.42 20.91
C TYR B 352 11.25 7.12 22.03
N ALA B 353 10.98 6.09 22.83
CA ALA B 353 11.89 5.74 23.92
C ALA B 353 13.19 5.14 23.37
N VAL B 354 13.13 4.42 22.26
CA VAL B 354 14.35 3.87 21.67
C VAL B 354 15.24 4.99 21.14
N ALA B 355 14.66 5.91 20.36
CA ALA B 355 15.42 7.06 19.89
C ALA B 355 15.93 7.91 21.05
N ARG B 356 15.16 8.00 22.13
CA ARG B 356 15.62 8.72 23.32
C ARG B 356 16.77 7.98 24.00
N ALA B 357 16.67 6.66 24.10
CA ALA B 357 17.72 5.89 24.77
C ALA B 357 19.00 5.83 23.94
N VAL B 358 18.87 5.82 22.60
CA VAL B 358 20.05 5.81 21.75
C VAL B 358 20.79 7.14 21.87
N GLY B 359 20.06 8.25 21.89
CA GLY B 359 20.69 9.55 21.98
C GLY B 359 21.39 9.77 23.32
N ASN B 360 20.81 9.26 24.41
CA ASN B 360 21.43 9.41 25.71
C ASN B 360 22.79 8.71 25.79
N GLU B 361 22.97 7.64 25.02
CA GLU B 361 24.22 6.91 24.99
C GLU B 361 25.07 7.23 23.77
N ALA B 362 24.59 8.11 22.87
CA ALA B 362 25.35 8.48 21.69
C ALA B 362 26.18 9.74 21.90
N ILE B 363 25.74 10.62 22.80
CA ILE B 363 26.46 11.87 23.04
C ILE B 363 27.82 11.56 23.64
N VAL B 364 28.88 12.08 23.01
CA VAL B 364 30.25 11.86 23.45
C VAL B 364 30.72 13.08 24.22
N LEU B 365 31.20 12.86 25.44
CA LEU B 365 31.76 13.94 26.26
C LEU B 365 33.25 14.06 25.92
N LEU B 366 33.61 15.09 25.17
CA LEU B 366 34.99 15.27 24.75
C LEU B 366 35.82 15.94 25.84
N LYS B 367 35.40 17.13 26.27
CA LYS B 367 36.12 17.90 27.26
C LYS B 367 35.18 18.27 28.40
N ASN B 368 35.68 18.22 29.63
CA ASN B 368 34.91 18.59 30.81
C ASN B 368 35.90 19.09 31.87
N ASP B 369 36.36 20.33 31.68
CA ASP B 369 37.38 20.90 32.55
C ASP B 369 36.76 21.42 33.83
N LYS B 370 37.44 21.14 34.96
CA LYS B 370 37.00 21.55 36.30
C LYS B 370 35.61 21.03 36.66
N ASN B 371 35.16 19.98 35.99
CA ASN B 371 33.86 19.36 36.25
C ASN B 371 32.73 20.38 36.20
N ILE B 372 32.73 21.19 35.14
CA ILE B 372 31.67 22.17 34.96
C ILE B 372 30.35 21.47 34.67
N LEU B 373 30.39 20.34 33.96
CA LEU B 373 29.23 19.51 33.67
C LEU B 373 29.18 18.33 34.62
N PRO B 374 27.97 17.91 35.04
CA PRO B 374 26.65 18.45 34.68
C PRO B 374 26.33 19.76 35.40
N LEU B 375 25.31 20.47 34.94
CA LEU B 375 24.91 21.70 35.60
C LEU B 375 24.24 21.38 36.94
N PRO B 376 24.42 22.23 37.94
CA PRO B 376 23.81 21.97 39.26
C PRO B 376 22.29 22.04 39.19
N ALA B 377 21.66 21.52 40.24
CA ALA B 377 20.20 21.44 40.30
C ALA B 377 19.54 22.80 40.38
N ASP B 378 20.28 23.86 40.69
CA ASP B 378 19.76 25.22 40.77
C ASP B 378 20.26 26.09 39.63
N ALA B 379 20.41 25.48 38.45
CA ALA B 379 20.94 26.19 37.28
C ALA B 379 19.93 27.23 36.81
N ARG B 380 20.19 28.49 37.13
CA ARG B 380 19.35 29.61 36.71
C ARG B 380 20.17 30.53 35.82
N ASN B 381 19.48 31.18 34.87
CA ASN B 381 20.09 32.14 33.96
C ASN B 381 21.13 31.45 33.07
N LEU B 382 20.66 30.84 31.98
CA LEU B 382 21.50 30.15 31.02
C LEU B 382 21.35 30.79 29.65
N LEU B 383 22.46 30.91 28.93
CA LEU B 383 22.47 31.49 27.59
C LEU B 383 22.74 30.40 26.57
N VAL B 384 21.86 30.28 25.58
CA VAL B 384 22.02 29.35 24.47
C VAL B 384 22.34 30.15 23.23
N VAL B 385 23.39 29.75 22.51
CA VAL B 385 23.85 30.44 21.31
C VAL B 385 24.06 29.43 20.21
N GLY B 386 23.64 29.78 18.99
CA GLY B 386 23.86 28.95 17.83
C GLY B 386 22.62 28.73 16.99
N GLU B 387 22.83 28.54 15.69
CA GLU B 387 21.71 28.25 14.80
C GLU B 387 21.21 26.82 15.00
N ASN B 388 22.12 25.88 15.22
CA ASN B 388 21.74 24.49 15.43
C ASN B 388 20.90 24.28 16.68
N ALA B 389 20.83 25.28 17.57
CA ALA B 389 19.95 25.18 18.73
C ALA B 389 18.48 25.31 18.36
N ILE B 390 18.19 25.93 17.21
CA ILE B 390 16.81 26.11 16.75
C ILE B 390 16.58 25.58 15.35
N LYS B 391 17.58 24.95 14.73
CA LYS B 391 17.48 24.48 13.36
C LYS B 391 17.17 22.99 13.34
N MET B 392 16.13 22.62 12.59
CA MET B 392 15.77 21.21 12.47
C MET B 392 16.82 20.46 11.68
N MET B 393 17.07 19.21 12.08
CA MET B 393 18.06 18.37 11.42
C MET B 393 17.46 17.13 10.77
N THR B 394 16.14 16.94 10.82
CA THR B 394 15.51 15.77 10.24
C THR B 394 15.11 15.97 8.78
N VAL B 395 14.76 17.20 8.40
CA VAL B 395 14.37 17.50 7.03
C VAL B 395 15.60 17.89 6.23
N GLY B 396 15.62 17.54 4.95
CA GLY B 396 16.74 17.86 4.08
C GLY B 396 17.75 16.76 3.98
N GLY B 397 18.76 17.00 3.14
CA GLY B 397 19.82 16.05 2.93
C GLY B 397 19.58 15.05 1.82
N GLY B 398 18.51 15.20 1.05
CA GLY B 398 18.21 14.29 -0.03
C GLY B 398 17.56 13.00 0.43
N SER B 399 18.30 11.89 0.37
CA SER B 399 17.76 10.60 0.79
C SER B 399 17.57 10.53 2.30
N SER B 400 18.31 11.32 3.07
CA SER B 400 18.18 11.31 4.52
C SER B 400 17.04 12.19 5.02
N SER B 401 16.26 12.79 4.13
CA SER B 401 15.15 13.63 4.54
C SER B 401 14.08 12.80 5.23
N LEU B 402 13.48 13.35 6.28
CA LEU B 402 12.46 12.67 7.06
C LEU B 402 11.43 13.68 7.53
N LYS B 403 10.16 13.33 7.39
CA LYS B 403 9.07 14.11 7.98
C LYS B 403 8.80 13.55 9.37
N ALA B 404 9.53 14.05 10.36
CA ALA B 404 9.32 13.61 11.72
C ALA B 404 8.01 14.15 12.26
N GLN B 405 7.32 13.34 13.06
CA GLN B 405 6.08 13.80 13.70
C GLN B 405 6.35 15.02 14.58
N ARG B 406 7.50 15.03 15.25
CA ARG B 406 7.94 16.18 16.02
C ARG B 406 9.44 16.06 16.25
N GLU B 407 10.13 17.19 16.25
CA GLU B 407 11.57 17.24 16.49
C GLU B 407 11.83 18.19 17.65
N VAL B 408 12.35 17.67 18.75
CA VAL B 408 12.67 18.48 19.92
C VAL B 408 13.99 19.18 19.68
N LEU B 409 13.93 20.50 19.47
CA LEU B 409 15.13 21.27 19.21
C LEU B 409 15.98 21.38 20.48
N PRO B 410 17.29 21.56 20.34
CA PRO B 410 18.14 21.68 21.54
C PRO B 410 17.71 22.81 22.47
N LEU B 411 17.25 23.94 21.92
CA LEU B 411 16.78 25.02 22.78
C LEU B 411 15.51 24.62 23.53
N ASP B 412 14.55 24.03 22.83
CA ASP B 412 13.31 23.61 23.48
C ASP B 412 13.55 22.48 24.47
N GLY B 413 14.49 21.59 24.17
CA GLY B 413 14.82 20.53 25.12
C GLY B 413 15.48 21.04 26.37
N LEU B 414 16.36 22.03 26.23
CA LEU B 414 16.99 22.64 27.40
C LEU B 414 16.04 23.55 28.16
N ARG B 415 14.97 24.02 27.52
CA ARG B 415 14.00 24.87 28.20
C ARG B 415 13.07 24.03 29.08
N ALA B 416 12.59 22.90 28.58
CA ALA B 416 11.69 22.06 29.37
C ALA B 416 12.39 21.40 30.55
N ARG B 417 13.73 21.30 30.52
CA ARG B 417 14.48 20.68 31.59
C ARG B 417 14.96 21.70 32.63
N PHE B 418 15.36 22.88 32.19
CA PHE B 418 15.87 23.90 33.10
C PHE B 418 14.91 25.07 33.31
N GLY B 419 13.70 25.00 32.76
CA GLY B 419 12.77 26.10 32.89
C GLY B 419 12.90 27.11 31.76
N ALA B 420 11.77 27.46 31.13
CA ALA B 420 11.81 28.38 30.00
C ALA B 420 12.27 29.77 30.44
N ASP B 421 11.85 30.22 31.62
CA ASP B 421 12.24 31.54 32.09
C ASP B 421 13.68 31.58 32.56
N ARG B 422 14.30 30.42 32.79
CA ARG B 422 15.69 30.34 33.22
C ARG B 422 16.65 30.15 32.05
N VAL B 423 16.16 30.18 30.82
CA VAL B 423 16.97 29.94 29.62
C VAL B 423 16.69 31.05 28.62
N ARG B 424 17.75 31.71 28.15
CA ARG B 424 17.66 32.74 27.13
C ARG B 424 18.48 32.32 25.92
N PHE B 425 18.21 32.98 24.79
CA PHE B 425 18.81 32.57 23.53
C PHE B 425 19.29 33.77 22.74
N GLU B 426 20.44 33.59 22.08
CA GLU B 426 20.95 34.53 21.08
C GLU B 426 21.31 33.74 19.83
N ARG B 427 21.03 34.32 18.66
CA ARG B 427 21.22 33.59 17.41
C ARG B 427 22.68 33.23 17.19
N GLY B 428 23.57 34.21 17.25
CA GLY B 428 24.99 33.94 17.10
C GLY B 428 25.47 33.98 15.66
N TYR B 429 24.98 33.04 14.84
CA TYR B 429 25.36 32.97 13.43
C TYR B 429 24.17 32.51 12.62
N VAL B 430 24.31 32.60 11.29
CA VAL B 430 23.28 32.20 10.35
C VAL B 430 23.89 31.24 9.34
N GLY B 431 23.20 30.12 9.09
CA GLY B 431 23.67 29.14 8.14
C GLY B 431 22.83 29.06 6.88
N ASP B 432 21.71 28.35 6.95
CA ASP B 432 20.80 28.24 5.81
C ASP B 432 19.39 28.00 6.35
N VAL B 433 18.49 27.57 5.47
CA VAL B 433 17.11 27.27 5.85
C VAL B 433 16.49 26.30 4.86
N THR B 442 11.10 22.59 7.78
CA THR B 442 9.66 22.32 7.83
C THR B 442 8.90 23.55 8.30
N GLY B 443 8.78 24.54 7.43
CA GLY B 443 8.09 25.77 7.78
C GLY B 443 8.79 26.64 8.78
N GLN B 444 10.06 26.35 9.09
CA GLN B 444 10.82 27.16 10.04
C GLN B 444 11.32 28.43 9.37
N ASP B 445 10.94 29.58 9.93
CA ASP B 445 11.41 30.87 9.43
C ASP B 445 12.66 31.24 10.21
N LEU B 446 13.78 30.61 9.82
CA LEU B 446 15.06 30.82 10.47
C LEU B 446 15.78 32.06 10.00
N ARG B 447 15.10 32.96 9.29
CA ARG B 447 15.73 34.19 8.81
C ARG B 447 16.01 35.13 9.98
N ASP B 448 17.11 35.86 9.87
CA ASP B 448 17.53 36.82 10.89
C ASP B 448 18.16 38.01 10.19
N ASP B 449 17.55 39.19 10.36
CA ASP B 449 17.96 40.40 9.65
C ASP B 449 19.13 41.13 10.30
N ARG B 450 19.95 40.45 11.09
CA ARG B 450 21.12 41.04 11.72
C ARG B 450 22.39 40.58 11.02
N SER B 451 23.33 41.50 10.86
CA SER B 451 24.58 41.20 10.19
C SER B 451 25.39 40.18 10.99
N PRO B 452 26.33 39.49 10.34
CA PRO B 452 27.14 38.50 11.08
C PRO B 452 27.94 39.09 12.23
N GLU B 453 28.44 40.32 12.09
CA GLU B 453 29.18 40.92 13.20
C GLU B 453 28.26 41.43 14.30
N ARG B 454 27.08 41.93 13.94
CA ARG B 454 26.14 42.37 14.96
C ARG B 454 25.55 41.19 15.72
N LEU B 455 25.37 40.05 15.06
CA LEU B 455 24.93 38.84 15.75
C LEU B 455 25.93 38.42 16.81
N MET B 456 27.22 38.57 16.53
CA MET B 456 28.25 38.21 17.50
C MET B 456 28.38 39.24 18.61
N ALA B 457 28.10 40.51 18.32
CA ALA B 457 28.29 41.57 19.32
C ALA B 457 27.33 41.40 20.50
N ASP B 458 26.03 41.32 20.21
CA ASP B 458 25.04 41.17 21.28
C ASP B 458 24.94 39.75 21.81
N ALA B 459 25.58 38.78 21.17
CA ALA B 459 25.64 37.43 21.72
C ALA B 459 26.68 37.31 22.81
N VAL B 460 27.88 37.89 22.59
CA VAL B 460 28.89 37.92 23.63
C VAL B 460 28.55 38.95 24.68
N ALA B 461 27.70 39.93 24.36
CA ALA B 461 27.25 40.88 25.36
C ALA B 461 26.34 40.23 26.40
N ALA B 462 25.57 39.21 25.98
CA ALA B 462 24.78 38.44 26.92
C ALA B 462 25.59 37.36 27.62
N ALA B 463 26.73 36.96 27.05
CA ALA B 463 27.58 35.97 27.69
C ALA B 463 28.29 36.54 28.92
N ARG B 464 28.51 37.86 28.95
CA ARG B 464 29.14 38.48 30.11
C ARG B 464 28.23 38.43 31.33
N GLN B 465 26.91 38.51 31.13
CA GLN B 465 25.94 38.50 32.21
C GLN B 465 25.22 37.17 32.35
N ALA B 466 25.82 36.08 31.88
CA ALA B 466 25.22 34.77 31.93
C ALA B 466 26.04 33.84 32.82
N ASP B 467 25.35 32.95 33.54
CA ASP B 467 26.04 31.98 34.38
C ASP B 467 26.74 30.93 33.52
N TYR B 468 26.01 30.32 32.60
CA TYR B 468 26.55 29.33 31.69
C TYR B 468 26.17 29.70 30.27
N VAL B 469 27.05 29.38 29.32
CA VAL B 469 26.84 29.64 27.90
C VAL B 469 26.86 28.30 27.18
N LEU B 470 25.70 27.86 26.72
CA LEU B 470 25.55 26.60 25.99
C LEU B 470 25.52 26.91 24.50
N PHE B 471 26.63 26.64 23.81
CA PHE B 471 26.71 26.86 22.38
C PHE B 471 26.36 25.57 21.64
N VAL B 472 25.40 25.66 20.73
CA VAL B 472 24.94 24.51 19.96
C VAL B 472 25.21 24.83 18.49
N GLY B 473 26.39 24.44 18.01
CA GLY B 473 26.75 24.69 16.63
C GLY B 473 27.05 23.40 15.87
N GLY B 474 27.89 23.50 14.84
CA GLY B 474 28.29 22.34 14.06
C GLY B 474 27.86 22.49 12.60
N LEU B 475 27.62 21.35 11.96
CA LEU B 475 27.26 21.30 10.56
C LEU B 475 25.74 21.19 10.42
N ASN B 476 25.28 20.89 9.21
CA ASN B 476 23.87 20.66 8.93
C ASN B 476 23.76 19.71 7.75
N LYS B 477 22.58 19.66 7.13
CA LYS B 477 22.32 18.75 6.01
C LYS B 477 22.30 19.48 4.67
N SER B 478 22.96 20.62 4.56
CA SER B 478 23.07 21.33 3.29
C SER B 478 24.22 20.78 2.47
N ALA B 479 24.21 21.10 1.18
CA ALA B 479 25.24 20.62 0.27
C ALA B 479 26.61 21.15 0.69
N GLY B 480 27.51 20.24 1.04
CA GLY B 480 28.83 20.58 1.50
C GLY B 480 29.09 20.28 2.97
N GLN B 481 28.06 19.87 3.72
CA GLN B 481 28.21 19.54 5.14
C GLN B 481 27.89 18.06 5.28
N ASP B 482 26.88 17.70 6.07
CA ASP B 482 26.44 16.31 6.20
C ASP B 482 25.32 16.06 5.20
N CYS B 483 25.71 15.90 3.94
CA CYS B 483 24.75 15.71 2.86
C CYS B 483 25.39 14.89 1.76
N GLU B 484 24.57 14.12 1.05
CA GLU B 484 25.05 13.28 -0.03
C GLU B 484 25.37 14.14 -1.26
N ASP B 485 26.00 13.50 -2.25
CA ASP B 485 26.33 14.09 -3.54
C ASP B 485 27.29 15.26 -3.42
N SER B 486 27.87 15.49 -2.25
CA SER B 486 28.81 16.60 -2.06
C SER B 486 29.75 16.27 -0.91
N ASP B 487 30.89 16.95 -0.91
CA ASP B 487 31.90 16.81 0.13
C ASP B 487 32.19 18.17 0.76
N ARG B 488 32.85 18.13 1.91
CA ARG B 488 33.20 19.36 2.63
C ARG B 488 34.41 20.02 1.98
N ALA B 489 34.47 21.34 2.11
CA ALA B 489 35.61 22.10 1.60
C ALA B 489 36.81 22.02 2.52
N GLY B 490 36.60 21.69 3.79
CA GLY B 490 37.71 21.60 4.73
C GLY B 490 37.23 21.09 6.07
N LEU B 491 38.16 21.08 7.02
CA LEU B 491 37.87 20.60 8.37
C LEU B 491 37.26 21.66 9.27
N ALA B 492 37.51 22.93 8.99
CA ALA B 492 37.03 24.00 9.85
C ALA B 492 35.51 24.13 9.77
N LEU B 493 34.92 24.65 10.83
CA LEU B 493 33.48 24.88 10.85
C LEU B 493 33.11 26.01 9.88
N PRO B 494 32.03 25.87 9.14
CA PRO B 494 31.60 26.91 8.21
C PRO B 494 30.90 28.05 8.96
N TYR B 495 30.51 29.07 8.20
CA TYR B 495 29.79 30.24 8.72
C TYR B 495 30.59 31.01 9.76
N GLY B 496 31.90 30.81 9.80
CA GLY B 496 32.75 31.52 10.74
C GLY B 496 32.45 31.21 12.20
N GLN B 497 32.29 29.92 12.52
CA GLN B 497 32.00 29.53 13.90
C GLN B 497 33.24 29.55 14.79
N ASP B 498 34.44 29.50 14.20
CA ASP B 498 35.65 29.55 15.00
C ASP B 498 35.81 30.90 15.70
N ALA B 499 35.35 31.99 15.08
CA ALA B 499 35.45 33.29 15.71
C ALA B 499 34.35 33.52 16.74
N LEU B 500 33.16 32.96 16.51
CA LEU B 500 32.06 33.15 17.45
C LEU B 500 32.31 32.40 18.75
N ILE B 501 32.89 31.20 18.67
CA ILE B 501 33.16 30.42 19.88
C ILE B 501 34.30 31.05 20.66
N ALA B 502 35.33 31.54 19.97
CA ALA B 502 36.45 32.17 20.67
C ALA B 502 36.03 33.47 21.35
N ALA B 503 35.03 34.16 20.81
CA ALA B 503 34.56 35.39 21.44
C ALA B 503 33.66 35.09 22.63
N LEU B 504 32.86 34.02 22.56
CA LEU B 504 32.03 33.65 23.69
C LEU B 504 32.87 33.11 24.84
N ALA B 505 33.94 32.38 24.53
CA ALA B 505 34.84 31.87 25.57
C ALA B 505 35.69 32.98 26.18
N LYS B 506 35.93 34.07 25.45
CA LYS B 506 36.69 35.18 26.00
C LYS B 506 35.85 36.02 26.96
N ALA B 507 34.56 36.17 26.70
CA ALA B 507 33.66 36.93 27.56
C ALA B 507 33.08 36.09 28.68
N ASN B 508 33.19 34.76 28.62
CA ASN B 508 32.68 33.88 29.65
C ASN B 508 33.44 32.56 29.62
N PRO B 509 34.23 32.25 30.66
CA PRO B 509 35.00 31.00 30.64
C PRO B 509 34.14 29.76 30.76
N ARG B 510 32.89 29.88 31.19
CA ARG B 510 31.98 28.73 31.30
C ARG B 510 31.20 28.50 30.01
N THR B 511 31.92 28.44 28.89
CA THR B 511 31.31 28.21 27.59
C THR B 511 31.29 26.73 27.27
N ILE B 512 30.11 26.20 26.96
CA ILE B 512 29.90 24.81 26.64
C ILE B 512 29.53 24.72 25.16
N VAL B 513 30.25 23.90 24.41
CA VAL B 513 30.08 23.77 22.97
C VAL B 513 29.41 22.44 22.67
N LEU B 514 28.27 22.49 22.00
CA LEU B 514 27.58 21.30 21.51
C LEU B 514 27.74 21.27 19.99
N ASN B 515 28.47 20.27 19.51
CA ASN B 515 28.82 20.17 18.09
C ASN B 515 27.93 19.12 17.43
N ILE B 516 27.17 19.55 16.42
CA ILE B 516 26.30 18.66 15.65
C ILE B 516 26.98 18.43 14.31
N SER B 517 27.57 17.24 14.13
CA SER B 517 28.25 16.92 12.89
C SER B 517 28.40 15.41 12.77
N GLY B 518 28.46 14.93 11.53
CA GLY B 518 28.71 13.53 11.26
C GLY B 518 30.17 13.28 10.95
N ASN B 519 30.93 14.35 10.78
CA ASN B 519 32.36 14.34 10.54
C ASN B 519 33.09 15.14 11.62
N PRO B 520 34.36 14.84 11.87
CA PRO B 520 35.12 15.66 12.81
C PRO B 520 35.30 17.07 12.28
N VAL B 521 35.45 18.02 13.21
CA VAL B 521 35.59 19.43 12.87
C VAL B 521 36.83 19.98 13.54
N ALA B 522 37.41 21.00 12.93
CA ALA B 522 38.58 21.67 13.50
C ALA B 522 38.16 22.45 14.74
N MET B 523 39.02 22.42 15.76
CA MET B 523 38.75 23.07 17.05
C MET B 523 39.96 23.89 17.48
N PRO B 524 40.17 25.06 16.90
CA PRO B 524 41.21 25.97 17.39
C PRO B 524 40.85 26.68 18.69
N TRP B 525 39.75 26.29 19.33
CA TRP B 525 39.24 26.94 20.53
C TRP B 525 39.03 25.95 21.68
N LYS B 526 39.58 24.73 21.57
CA LYS B 526 39.34 23.72 22.61
C LYS B 526 39.98 24.08 23.94
N ASN B 527 41.01 24.91 23.93
CA ASN B 527 41.68 25.32 25.16
C ASN B 527 41.03 26.51 25.83
N ASP B 528 40.12 27.20 25.13
CA ASP B 528 39.44 28.35 25.69
C ASP B 528 38.08 28.00 26.30
N VAL B 529 37.39 27.02 25.72
CA VAL B 529 36.08 26.63 26.22
C VAL B 529 36.24 25.64 27.37
N ALA B 530 35.16 25.48 28.14
CA ALA B 530 35.19 24.60 29.31
C ALA B 530 34.75 23.18 28.97
N ALA B 531 33.71 23.02 28.17
CA ALA B 531 33.17 21.70 27.84
C ALA B 531 32.87 21.60 26.36
N ILE B 532 33.18 20.44 25.78
CA ILE B 532 32.90 20.15 24.38
C ILE B 532 32.20 18.81 24.30
N LEU B 533 31.10 18.76 23.55
CA LEU B 533 30.33 17.53 23.38
C LEU B 533 30.03 17.31 21.91
N GLN B 534 30.11 16.06 21.47
CA GLN B 534 29.72 15.65 20.13
C GLN B 534 28.35 15.00 20.24
N VAL B 535 27.30 15.75 19.90
CA VAL B 535 25.93 15.28 20.09
C VAL B 535 25.30 14.70 18.82
N TRP B 536 25.97 14.81 17.68
CA TRP B 536 25.48 14.27 16.41
C TRP B 536 24.11 14.80 16.04
N MET B 537 23.44 14.13 15.10
CA MET B 537 22.07 14.43 14.71
C MET B 537 21.18 13.33 15.29
N LEU B 538 20.52 13.62 16.40
CA LEU B 538 19.77 12.61 17.14
C LEU B 538 18.35 12.44 16.62
N GLY B 539 17.81 13.39 15.87
CA GLY B 539 16.51 13.23 15.25
C GLY B 539 15.39 13.79 16.13
N SER B 540 14.41 12.95 16.42
CA SER B 540 13.20 13.37 17.13
C SER B 540 13.50 13.87 18.54
N GLU B 541 13.94 12.96 19.41
CA GLU B 541 14.24 13.29 20.80
C GLU B 541 15.63 13.91 20.98
N ALA B 542 16.04 14.79 20.06
CA ALA B 542 17.38 15.36 20.12
C ALA B 542 17.54 16.28 21.32
N GLY B 543 16.63 17.25 21.48
CA GLY B 543 16.74 18.18 22.59
C GLY B 543 16.60 17.52 23.95
N HIS B 544 15.77 16.48 24.05
CA HIS B 544 15.60 15.79 25.33
C HIS B 544 16.81 14.94 25.68
N SER B 545 17.51 14.41 24.68
CA SER B 545 18.71 13.63 24.96
C SER B 545 19.88 14.54 25.33
N MET B 546 19.96 15.73 24.75
CA MET B 546 21.01 16.67 25.13
C MET B 546 20.77 17.22 26.53
N ALA B 547 19.50 17.51 26.87
CA ALA B 547 19.19 18.03 28.19
C ALA B 547 19.44 16.99 29.27
N ASP B 548 19.24 15.70 28.97
CA ASP B 548 19.52 14.66 29.95
C ASP B 548 21.00 14.59 30.28
N VAL B 549 21.88 14.91 29.32
CA VAL B 549 23.31 14.89 29.58
C VAL B 549 23.76 16.17 30.26
N ILE B 550 23.26 17.32 29.79
CA ILE B 550 23.66 18.59 30.36
C ILE B 550 23.21 18.71 31.82
N SER B 551 22.02 18.20 32.13
CA SER B 551 21.50 18.30 33.49
C SER B 551 22.09 17.23 34.41
N GLY B 552 22.50 16.10 33.86
CA GLY B 552 23.02 15.00 34.66
C GLY B 552 22.07 13.84 34.83
N ASP B 553 20.85 13.92 34.26
CA ASP B 553 19.92 12.80 34.34
C ASP B 553 20.43 11.57 33.59
N ALA B 554 21.32 11.75 32.62
CA ALA B 554 21.93 10.66 31.90
C ALA B 554 23.44 10.85 31.93
N ASN B 555 24.15 9.84 32.41
CA ASN B 555 25.61 9.89 32.45
C ASN B 555 26.16 9.68 31.05
N PRO B 556 26.98 10.59 30.54
CA PRO B 556 27.53 10.41 29.18
C PRO B 556 28.37 9.15 29.08
N SER B 557 28.13 8.38 28.01
CA SER B 557 28.84 7.12 27.81
C SER B 557 29.22 6.89 26.36
N GLY B 558 29.09 7.89 25.50
CA GLY B 558 29.42 7.69 24.09
C GLY B 558 30.91 7.81 23.83
N LYS B 559 31.39 6.98 22.92
CA LYS B 559 32.78 6.99 22.47
C LYS B 559 32.83 7.36 20.99
N LEU B 560 33.88 8.06 20.61
CA LEU B 560 33.99 8.51 19.23
C LEU B 560 34.22 7.32 18.29
N PRO B 561 33.53 7.28 17.15
CA PRO B 561 33.78 6.24 16.15
C PRO B 561 34.81 6.63 15.10
N PHE B 562 35.43 7.80 15.22
CA PHE B 562 36.49 8.24 14.30
C PHE B 562 37.53 9.01 15.09
N THR B 563 38.51 9.55 14.36
CA THR B 563 39.56 10.37 14.95
C THR B 563 39.25 11.84 14.70
N SER B 564 39.14 12.62 15.78
CA SER B 564 38.89 14.05 15.69
C SER B 564 40.22 14.74 15.41
N TYR B 565 40.50 14.94 14.12
CA TYR B 565 41.77 15.53 13.72
C TYR B 565 41.84 17.00 14.12
N ALA B 566 43.04 17.44 14.51
CA ALA B 566 43.27 18.86 14.76
C ALA B 566 43.51 19.64 13.47
N ALA B 567 43.81 18.95 12.38
CA ALA B 567 44.00 19.58 11.08
C ALA B 567 43.74 18.52 10.00
N LEU B 568 43.44 19.02 8.79
CA LEU B 568 43.09 18.11 7.71
C LEU B 568 44.28 17.25 7.27
N ASP B 569 45.50 17.75 7.44
CA ASP B 569 46.67 16.98 7.03
C ASP B 569 46.95 15.80 7.96
N GLN B 570 46.28 15.71 9.10
CA GLN B 570 46.45 14.56 9.98
C GLN B 570 45.77 13.31 9.45
N CYS B 571 44.89 13.44 8.45
CA CYS B 571 44.27 12.28 7.83
C CYS B 571 45.19 11.70 6.78
N GLY B 572 45.34 10.38 6.79
CA GLY B 572 46.26 9.73 5.86
C GLY B 572 45.89 9.94 4.41
N ALA B 573 44.60 10.02 4.11
CA ALA B 573 44.17 10.24 2.73
C ALA B 573 44.54 11.64 2.23
N HIS B 574 44.57 12.62 3.12
CA HIS B 574 44.94 13.98 2.74
C HIS B 574 46.42 14.25 2.95
N ALA B 575 47.08 13.54 3.86
CA ALA B 575 48.51 13.72 4.07
C ALA B 575 49.30 13.26 2.85
N LEU B 576 48.89 12.14 2.26
CA LEU B 576 49.58 11.57 1.10
C LEU B 576 49.09 12.16 -0.22
N GLY B 577 48.19 13.14 -0.18
CA GLY B 577 47.70 13.78 -1.39
C GLY B 577 46.97 12.85 -2.32
N ALA B 578 45.87 12.26 -1.83
CA ALA B 578 45.11 11.31 -2.63
C ALA B 578 43.67 11.23 -2.17
N TYR B 579 42.96 12.35 -2.24
CA TYR B 579 41.56 12.41 -1.82
C TYR B 579 40.62 12.48 -3.02
N PRO B 580 40.79 13.43 -3.96
CA PRO B 580 39.83 13.50 -5.07
C PRO B 580 40.16 12.54 -6.21
N GLY B 581 41.44 12.19 -6.34
CA GLY B 581 41.88 11.39 -7.46
C GLY B 581 42.38 12.25 -8.60
N GLN B 582 42.66 11.58 -9.72
CA GLN B 582 43.16 12.22 -10.92
C GLN B 582 42.27 11.82 -12.09
N LYS B 583 41.73 12.82 -12.79
CA LYS B 583 40.90 12.56 -13.96
C LYS B 583 41.76 12.04 -15.10
N ARG B 584 41.26 11.01 -15.79
CA ARG B 584 41.98 10.46 -16.93
C ARG B 584 42.06 11.49 -18.07
N ALA B 585 43.10 11.36 -18.89
CA ALA B 585 43.33 12.34 -19.95
C ALA B 585 42.22 12.30 -21.00
N ASP B 586 42.02 11.14 -21.62
CA ASP B 586 41.01 10.98 -22.66
C ASP B 586 39.77 10.26 -22.15
N SER B 587 39.30 10.63 -20.96
CA SER B 587 38.14 9.97 -20.36
C SER B 587 37.57 10.90 -19.28
N GLU B 588 36.43 10.49 -18.74
CA GLU B 588 35.79 11.20 -17.65
C GLU B 588 35.91 10.45 -16.32
N ILE B 589 36.71 9.40 -16.27
CA ILE B 589 36.88 8.59 -15.07
C ILE B 589 37.97 9.19 -14.21
N TRP B 590 37.81 9.11 -12.89
CA TRP B 590 38.78 9.58 -11.93
C TRP B 590 39.43 8.39 -11.23
N ASP B 591 40.75 8.33 -11.26
CA ASP B 591 41.51 7.26 -10.61
C ASP B 591 42.04 7.79 -9.28
N VAL B 592 41.48 7.29 -8.19
CA VAL B 592 41.93 7.64 -6.85
C VAL B 592 42.73 6.46 -6.29
N ASP B 593 43.86 6.76 -5.65
CA ASP B 593 44.74 5.76 -5.08
C ASP B 593 44.67 5.85 -3.56
N TYR B 594 44.24 4.76 -2.93
CA TYR B 594 44.19 4.70 -1.46
C TYR B 594 45.60 4.41 -0.94
N LYS B 595 46.45 5.43 -1.04
CA LYS B 595 47.86 5.27 -0.69
C LYS B 595 48.09 5.07 0.80
N GLU B 596 47.14 5.48 1.66
CA GLU B 596 47.29 5.22 3.08
C GLU B 596 47.20 3.74 3.40
N ASP B 597 46.63 2.94 2.50
CA ASP B 597 46.57 1.47 2.60
C ASP B 597 45.78 1.12 3.87
N ILE B 598 46.29 0.24 4.74
CA ILE B 598 45.54 -0.14 5.92
C ILE B 598 45.54 0.94 6.98
N PHE B 599 46.46 1.90 6.90
CA PHE B 599 46.58 2.96 7.91
C PHE B 599 45.52 4.02 7.64
N VAL B 600 44.33 3.79 8.17
CA VAL B 600 43.19 4.70 8.00
C VAL B 600 42.71 5.13 9.37
N GLY B 601 42.56 6.43 9.57
CA GLY B 601 42.03 6.93 10.83
C GLY B 601 43.06 6.90 11.92
N TYR B 602 42.72 6.27 13.06
CA TYR B 602 43.66 6.21 14.17
C TYR B 602 44.85 5.31 13.86
N ARG B 603 44.73 4.42 12.89
CA ARG B 603 45.88 3.61 12.47
C ARG B 603 46.97 4.45 11.84
N TRP B 604 46.63 5.62 11.29
CA TRP B 604 47.60 6.52 10.68
C TRP B 604 48.27 7.43 11.73
N VAL B 605 47.47 8.02 12.62
CA VAL B 605 48.03 8.94 13.60
C VAL B 605 48.84 8.21 14.67
N ASP B 606 48.56 6.92 14.90
CA ASP B 606 49.37 6.16 15.85
C ASP B 606 50.73 5.81 15.26
N ARG B 607 50.79 5.54 13.95
CA ARG B 607 52.05 5.23 13.31
C ARG B 607 52.90 6.48 13.13
N GLN B 608 52.28 7.60 12.76
CA GLN B 608 53.00 8.85 12.54
C GLN B 608 53.22 9.64 13.82
N ARG B 609 52.84 9.09 14.98
CA ARG B 609 53.03 9.74 16.28
C ARG B 609 52.34 11.10 16.34
N LEU B 610 51.23 11.24 15.62
CA LEU B 610 50.48 12.49 15.62
C LEU B 610 49.53 12.54 16.81
N GLN B 611 49.23 13.77 17.25
CA GLN B 611 48.38 14.00 18.42
C GLN B 611 47.12 14.73 18.00
N PRO B 612 45.99 14.05 17.83
CA PRO B 612 44.75 14.73 17.46
C PRO B 612 44.14 15.44 18.66
N ASN B 613 43.06 16.17 18.39
CA ASN B 613 42.32 16.82 19.47
C ASN B 613 41.70 15.80 20.40
N PHE B 614 41.05 14.78 19.83
CA PHE B 614 40.47 13.69 20.59
C PHE B 614 40.59 12.44 19.72
N PRO B 615 41.09 11.33 20.27
CA PRO B 615 41.37 10.16 19.42
C PRO B 615 40.18 9.22 19.28
N PHE B 616 40.37 8.15 18.52
CA PHE B 616 39.31 7.17 18.34
C PHE B 616 38.96 6.50 19.66
N GLY B 617 37.66 6.32 19.89
CA GLY B 617 37.18 5.73 21.13
C GLY B 617 37.23 6.62 22.33
N HIS B 618 37.43 7.93 22.15
CA HIS B 618 37.48 8.85 23.27
C HIS B 618 36.09 9.08 23.83
N GLY B 619 35.99 9.11 25.16
CA GLY B 619 34.72 9.35 25.81
C GLY B 619 34.83 9.51 27.31
N LEU B 620 34.44 10.68 27.81
CA LEU B 620 34.47 10.98 29.24
C LEU B 620 33.10 10.73 29.86
N SER B 621 33.10 10.62 31.18
CA SER B 621 31.88 10.39 31.94
C SER B 621 31.90 11.25 33.19
N TYR B 622 30.75 11.34 33.86
CA TYR B 622 30.64 12.06 35.12
C TYR B 622 31.14 11.25 36.30
N THR B 623 31.90 10.19 36.05
CA THR B 623 32.42 9.32 37.10
C THR B 623 33.63 8.58 36.57
N THR B 624 34.71 8.59 37.35
CA THR B 624 35.93 7.91 36.94
C THR B 624 35.78 6.40 37.07
N PHE B 625 36.47 5.68 36.20
CA PHE B 625 36.48 4.22 36.21
C PHE B 625 37.89 3.72 36.47
N ALA B 626 37.98 2.59 37.19
CA ALA B 626 39.25 1.99 37.56
C ALA B 626 39.43 0.67 36.82
N TYR B 627 40.67 0.42 36.38
CA TYR B 627 41.02 -0.81 35.68
C TYR B 627 42.02 -1.61 36.50
N GLY B 628 41.99 -2.94 36.31
CA GLY B 628 42.90 -3.84 36.97
C GLY B 628 43.80 -4.55 35.96
N ARG B 629 44.75 -5.30 36.51
CA ARG B 629 45.67 -6.05 35.66
C ARG B 629 44.97 -7.26 35.07
N LEU B 630 45.38 -7.63 33.86
CA LEU B 630 44.75 -8.74 33.15
C LEU B 630 45.06 -10.06 33.85
N GLN B 631 44.01 -10.84 34.12
CA GLN B 631 44.18 -12.13 34.77
C GLN B 631 44.92 -13.11 33.85
N LEU B 632 44.29 -13.47 32.73
CA LEU B 632 44.88 -14.35 31.73
C LEU B 632 45.34 -15.68 32.33
N LYS B 636 50.50 -18.80 30.39
CA LYS B 636 51.86 -18.33 30.10
C LYS B 636 52.09 -18.26 28.59
N SER B 637 52.57 -19.37 28.01
CA SER B 637 52.78 -19.48 26.58
C SER B 637 51.77 -20.47 26.03
N VAL B 638 50.84 -19.98 25.21
CA VAL B 638 49.76 -20.80 24.67
C VAL B 638 49.82 -20.74 23.15
N ALA B 639 49.12 -21.69 22.52
CA ALA B 639 49.10 -21.81 21.07
C ALA B 639 48.12 -20.79 20.48
N VAL B 640 47.83 -20.94 19.19
CA VAL B 640 46.92 -20.01 18.51
C VAL B 640 45.48 -20.32 18.90
N PRO B 641 44.72 -19.34 19.37
CA PRO B 641 43.34 -19.61 19.76
C PRO B 641 42.42 -19.78 18.56
N THR B 642 41.33 -20.52 18.79
CA THR B 642 40.32 -20.78 17.78
C THR B 642 38.96 -20.27 18.28
N ALA B 643 37.94 -20.41 17.43
CA ALA B 643 36.60 -19.96 17.82
C ALA B 643 36.02 -20.85 18.92
N SER B 644 36.31 -22.15 18.87
CA SER B 644 35.82 -23.05 19.92
C SER B 644 36.68 -22.95 21.17
N ALA B 645 37.99 -22.83 21.02
CA ALA B 645 38.93 -22.67 22.13
C ALA B 645 39.57 -21.30 22.02
N PRO B 646 38.96 -20.26 22.58
CA PRO B 646 39.49 -18.91 22.45
C PRO B 646 40.44 -18.56 23.59
N LEU B 647 41.17 -17.46 23.38
CA LEU B 647 42.12 -16.95 24.37
C LEU B 647 41.35 -16.03 25.32
N ARG B 648 41.06 -16.54 26.52
CA ARG B 648 40.32 -15.75 27.50
C ARG B 648 41.18 -14.64 28.06
N VAL B 649 40.59 -13.45 28.18
CA VAL B 649 41.24 -12.29 28.78
C VAL B 649 40.26 -11.64 29.73
N SER B 650 40.62 -11.57 31.01
CA SER B 650 39.78 -10.99 32.04
C SER B 650 40.39 -9.69 32.53
N VAL B 651 39.53 -8.74 32.88
CA VAL B 651 39.97 -7.43 33.36
C VAL B 651 38.99 -6.92 34.41
N PRO B 652 39.47 -6.49 35.58
CA PRO B 652 38.57 -5.94 36.60
C PRO B 652 38.20 -4.50 36.25
N ILE B 653 36.91 -4.19 36.37
CA ILE B 653 36.39 -2.85 36.16
C ILE B 653 35.64 -2.42 37.42
N ALA B 654 35.93 -1.22 37.90
CA ALA B 654 35.34 -0.73 39.13
C ALA B 654 34.94 0.73 38.98
N ASN B 655 33.80 1.09 39.55
CA ASN B 655 33.30 2.47 39.55
C ASN B 655 33.77 3.14 40.84
N THR B 656 34.64 4.14 40.70
CA THR B 656 35.25 4.82 41.84
C THR B 656 34.79 6.27 41.96
N GLY B 657 33.55 6.56 41.58
CA GLY B 657 33.03 7.91 41.66
C GLY B 657 31.77 8.02 42.50
N THR B 658 31.05 9.13 42.35
CA THR B 658 29.82 9.36 43.09
C THR B 658 28.56 9.10 42.27
N ARG B 659 28.64 9.21 40.95
CA ARG B 659 27.51 8.95 40.07
C ARG B 659 27.65 7.60 39.39
N ALA B 660 26.53 7.10 38.89
CA ALA B 660 26.48 5.84 38.15
C ALA B 660 26.50 6.13 36.66
N GLY B 661 27.17 5.27 35.90
CA GLY B 661 27.26 5.47 34.47
C GLY B 661 27.77 4.21 33.79
N GLN B 662 27.91 4.31 32.47
CA GLN B 662 28.38 3.22 31.64
C GLN B 662 29.81 3.50 31.18
N GLU B 663 30.52 2.43 30.84
CA GLU B 663 31.90 2.51 30.39
C GLU B 663 32.13 1.48 29.29
N VAL B 664 32.70 1.94 28.18
CA VAL B 664 32.99 1.07 27.04
C VAL B 664 34.43 0.60 27.20
N VAL B 665 34.59 -0.62 27.72
CA VAL B 665 35.92 -1.20 27.91
C VAL B 665 36.40 -1.74 26.57
N GLN B 666 37.36 -1.04 25.97
CA GLN B 666 37.88 -1.39 24.66
C GLN B 666 39.10 -2.30 24.79
N VAL B 667 39.27 -3.19 23.82
CA VAL B 667 40.38 -4.14 23.78
C VAL B 667 41.12 -3.95 22.47
N TYR B 668 42.43 -3.70 22.56
CA TYR B 668 43.28 -3.53 21.40
C TYR B 668 44.38 -4.58 21.39
N VAL B 669 44.77 -5.01 20.20
CA VAL B 669 45.78 -6.04 20.01
C VAL B 669 46.92 -5.46 19.16
N ARG B 670 48.14 -5.66 19.62
CA ARG B 670 49.34 -5.17 18.92
C ARG B 670 50.30 -6.32 18.68
N GLU B 671 50.81 -6.41 17.46
CA GLU B 671 51.83 -7.39 17.11
C GLU B 671 53.21 -6.74 17.19
N LEU B 672 54.12 -7.37 17.92
CA LEU B 672 55.42 -6.76 18.18
C LEU B 672 56.27 -6.70 16.92
N ARG B 673 56.58 -7.86 16.33
CA ARG B 673 57.46 -7.95 15.17
C ARG B 673 56.72 -8.66 14.04
N PRO B 674 55.87 -7.94 13.31
CA PRO B 674 55.17 -8.54 12.17
C PRO B 674 56.05 -8.58 10.92
N LYS B 675 55.68 -9.49 10.02
CA LYS B 675 56.42 -9.63 8.77
C LYS B 675 56.14 -8.45 7.85
N VAL B 676 54.91 -7.95 7.83
CA VAL B 676 54.54 -6.81 7.01
C VAL B 676 54.19 -5.64 7.90
N ASP B 677 53.90 -4.48 7.30
CA ASP B 677 53.55 -3.30 8.08
C ASP B 677 52.19 -3.47 8.71
N ARG B 678 52.10 -3.23 10.02
CA ARG B 678 50.85 -3.33 10.76
C ARG B 678 50.73 -2.11 11.67
N PRO B 679 49.49 -1.68 11.96
CA PRO B 679 49.29 -0.52 12.84
C PRO B 679 49.79 -0.79 14.25
N GLU B 680 49.86 0.28 15.03
CA GLU B 680 50.34 0.16 16.40
C GLU B 680 49.34 -0.57 17.28
N ARG B 681 48.06 -0.55 16.93
CA ARG B 681 47.03 -1.27 17.67
C ARG B 681 45.76 -1.30 16.84
N GLU B 682 44.99 -2.37 17.00
CA GLU B 682 43.73 -2.55 16.29
C GLU B 682 42.66 -3.00 17.26
N LEU B 683 41.50 -2.34 17.21
CA LEU B 683 40.38 -2.70 18.07
C LEU B 683 39.83 -4.06 17.65
N LYS B 684 39.87 -5.03 18.57
CA LYS B 684 39.39 -6.38 18.30
C LYS B 684 38.31 -6.85 19.25
N ALA B 685 37.94 -6.04 20.24
CA ALA B 685 36.89 -6.41 21.18
C ALA B 685 36.52 -5.18 22.01
N PHE B 686 35.26 -5.13 22.45
CA PHE B 686 34.78 -4.08 23.32
C PHE B 686 33.50 -4.54 23.99
N ARG B 687 33.21 -3.93 25.14
CA ARG B 687 32.00 -4.26 25.89
C ARG B 687 31.60 -3.08 26.75
N LYS B 688 30.30 -2.76 26.74
CA LYS B 688 29.74 -1.66 27.49
C LYS B 688 28.99 -2.20 28.70
N VAL B 689 29.34 -1.71 29.89
CA VAL B 689 28.80 -2.22 31.14
C VAL B 689 28.36 -1.04 32.02
N MET B 690 27.19 -1.17 32.64
CA MET B 690 26.69 -0.19 33.58
C MET B 690 27.15 -0.54 34.99
N LEU B 691 27.66 0.44 35.72
CA LEU B 691 28.16 0.24 37.07
C LEU B 691 27.60 1.30 38.00
N GLN B 692 27.37 0.90 39.24
CA GLN B 692 26.91 1.79 40.30
C GLN B 692 28.12 2.30 41.09
N PRO B 693 27.99 3.47 41.75
CA PRO B 693 29.11 4.00 42.53
C PRO B 693 29.59 3.05 43.62
N GLY B 694 30.75 2.44 43.41
CA GLY B 694 31.30 1.46 44.33
C GLY B 694 31.22 0.03 43.84
N GLU B 695 30.68 -0.20 42.64
CA GLU B 695 30.53 -1.55 42.13
C GLU B 695 31.79 -1.97 41.36
N ARG B 696 32.12 -3.26 41.47
CA ARG B 696 33.27 -3.84 40.79
C ARG B 696 32.84 -5.12 40.10
N GLN B 697 33.17 -5.25 38.82
CA GLN B 697 32.84 -6.43 38.03
C GLN B 697 34.09 -6.92 37.30
N ILE B 698 34.02 -8.18 36.87
CA ILE B 698 35.12 -8.83 36.15
C ILE B 698 34.63 -9.12 34.74
N LEU B 699 35.14 -8.36 33.77
CA LEU B 699 34.78 -8.56 32.37
C LEU B 699 35.74 -9.55 31.72
N THR B 700 35.19 -10.53 31.03
CA THR B 700 35.96 -11.57 30.36
C THR B 700 35.72 -11.51 28.86
N PHE B 701 36.81 -11.55 28.10
CA PHE B 701 36.75 -11.47 26.64
C PHE B 701 37.27 -12.77 26.04
N ASP B 702 36.57 -13.26 25.01
CA ASP B 702 36.98 -14.45 24.28
C ASP B 702 37.59 -13.99 22.95
N LEU B 703 38.91 -14.10 22.85
CA LEU B 703 39.64 -13.71 21.65
C LEU B 703 39.98 -14.95 20.83
N ASP B 704 39.57 -14.94 19.56
CA ASP B 704 39.82 -16.05 18.66
C ASP B 704 40.95 -15.66 17.69
N GLU B 705 41.06 -16.39 16.58
CA GLU B 705 42.14 -16.14 15.63
C GLU B 705 41.97 -14.83 14.88
N THR B 706 40.75 -14.27 14.85
CA THR B 706 40.54 -13.01 14.14
C THR B 706 41.19 -11.83 14.85
N ALA B 707 41.48 -11.95 16.15
CA ALA B 707 42.07 -10.84 16.90
C ALA B 707 43.55 -10.66 16.61
N PHE B 708 44.22 -11.67 16.03
CA PHE B 708 45.66 -11.62 15.80
C PHE B 708 46.04 -11.83 14.34
N ARG B 709 45.07 -12.12 13.47
CA ARG B 709 45.38 -12.47 12.09
C ARG B 709 45.50 -11.22 11.21
N TYR B 710 46.12 -11.41 10.05
CA TYR B 710 46.25 -10.36 9.04
C TYR B 710 46.13 -11.00 7.67
N TYR B 711 45.82 -10.18 6.68
CA TYR B 711 45.62 -10.66 5.32
C TYR B 711 46.91 -10.53 4.53
N ASP B 712 47.45 -11.67 4.08
CA ASP B 712 48.62 -11.69 3.22
C ASP B 712 48.17 -11.56 1.78
N ASP B 713 48.56 -10.47 1.12
CA ASP B 713 48.08 -10.21 -0.23
C ASP B 713 48.69 -11.16 -1.27
N LYS B 714 49.81 -11.81 -0.94
CA LYS B 714 50.39 -12.78 -1.87
C LYS B 714 49.62 -14.09 -1.86
N GLN B 715 49.54 -14.74 -0.70
CA GLN B 715 48.84 -16.00 -0.60
C GLN B 715 47.32 -15.85 -0.63
N GLN B 716 46.82 -14.61 -0.54
CA GLN B 716 45.39 -14.33 -0.62
C GLN B 716 44.60 -15.09 0.44
N GLN B 717 45.07 -15.00 1.68
CA GLN B 717 44.43 -15.70 2.78
C GLN B 717 44.88 -15.08 4.10
N TRP B 718 44.05 -15.25 5.12
CA TRP B 718 44.40 -14.79 6.47
C TRP B 718 45.29 -15.82 7.15
N VAL B 719 46.21 -15.33 7.98
CA VAL B 719 47.16 -16.20 8.66
C VAL B 719 47.65 -15.48 9.91
N VAL B 720 47.77 -16.23 11.00
CA VAL B 720 48.32 -15.73 12.25
C VAL B 720 49.77 -16.19 12.34
N ASN B 721 50.66 -15.27 12.71
CA ASN B 721 52.08 -15.55 12.84
C ASN B 721 52.45 -15.64 14.32
N ALA B 722 53.18 -16.69 14.68
CA ALA B 722 53.56 -16.89 16.08
C ALA B 722 54.50 -15.79 16.54
N GLY B 723 54.35 -15.40 17.80
CA GLY B 723 55.17 -14.34 18.36
C GLY B 723 54.47 -13.70 19.54
N GLU B 724 55.15 -12.72 20.12
CA GLU B 724 54.63 -11.99 21.27
C GLU B 724 53.57 -11.00 20.82
N PHE B 725 52.41 -11.05 21.47
CA PHE B 725 51.31 -10.13 21.23
C PHE B 725 50.99 -9.37 22.51
N GLU B 726 50.76 -8.07 22.38
CA GLU B 726 50.44 -7.20 23.50
C GLU B 726 48.96 -6.87 23.47
N ILE B 727 48.25 -7.19 24.56
CA ILE B 727 46.82 -6.95 24.67
C ILE B 727 46.62 -5.65 25.42
N GLN B 728 46.06 -4.65 24.76
CA GLN B 728 45.84 -3.32 25.33
C GLN B 728 44.37 -3.14 25.61
N ILE B 729 44.05 -2.75 26.86
CA ILE B 729 42.68 -2.54 27.29
C ILE B 729 42.60 -1.21 28.03
N GLY B 730 41.69 -0.35 27.60
CA GLY B 730 41.53 0.95 28.22
C GLY B 730 40.22 1.59 27.84
N SER B 731 40.07 2.85 28.24
CA SER B 731 38.86 3.63 27.95
C SER B 731 38.89 4.28 26.57
N SER B 732 40.00 4.18 25.85
CA SER B 732 40.13 4.78 24.53
C SER B 732 41.28 4.10 23.80
N SER B 733 41.48 4.49 22.54
CA SER B 733 42.62 3.96 21.78
C SER B 733 43.94 4.51 22.29
N ARG B 734 43.93 5.64 22.99
CA ARG B 734 45.13 6.22 23.56
C ARG B 734 45.13 6.21 25.09
N ASP B 735 43.97 6.02 25.72
CA ASP B 735 43.87 5.95 27.18
C ASP B 735 43.95 4.49 27.64
N ILE B 736 45.07 3.86 27.32
CA ILE B 736 45.29 2.47 27.70
C ILE B 736 45.55 2.40 29.21
N ARG B 737 44.78 1.56 29.90
CA ARG B 737 44.89 1.42 31.34
C ARG B 737 45.64 0.18 31.78
N THR B 738 45.55 -0.91 31.01
CA THR B 738 46.22 -2.16 31.35
C THR B 738 46.79 -2.79 30.09
N LYS B 739 48.02 -3.28 30.18
CA LYS B 739 48.71 -3.89 29.05
C LYS B 739 49.45 -5.13 29.52
N ALA B 740 49.31 -6.22 28.78
CA ALA B 740 49.96 -7.49 29.08
C ALA B 740 50.60 -8.04 27.81
N LYS B 741 51.25 -9.20 27.95
CA LYS B 741 51.91 -9.85 26.83
C LYS B 741 51.63 -11.34 26.87
N ILE B 742 51.56 -11.95 25.68
CA ILE B 742 51.39 -13.39 25.55
C ILE B 742 51.96 -13.81 24.21
N ARG B 743 52.58 -14.99 24.18
CA ARG B 743 53.22 -15.51 22.99
C ARG B 743 52.36 -16.60 22.36
N LEU B 744 52.25 -16.54 21.03
CA LEU B 744 51.45 -17.52 20.29
C LEU B 744 52.34 -18.38 19.39
C1 GOL C . -19.15 5.50 -3.95
O1 GOL C . -20.24 4.93 -4.60
C2 GOL C . -18.58 6.58 -4.90
O2 GOL C . -19.51 7.59 -5.13
C3 GOL C . -17.31 7.10 -4.20
O3 GOL C . -16.55 7.75 -5.18
P PO4 D . -33.61 0.78 -3.17
O1 PO4 D . -32.17 1.20 -3.05
O2 PO4 D . -34.20 0.60 -1.78
O3 PO4 D . -33.70 -0.55 -3.90
O4 PO4 D . -34.39 1.83 -3.92
P PO4 E . -17.47 -2.00 -16.75
O1 PO4 E . -16.46 -0.90 -16.53
O2 PO4 E . -17.37 -3.00 -15.61
O3 PO4 E . -18.87 -1.42 -16.78
O4 PO4 E . -17.18 -2.71 -18.06
C1 PEG F . -21.70 -21.25 -20.86
O1 PEG F . -20.57 -20.81 -21.58
C2 PEG F . -22.94 -21.28 -21.71
O2 PEG F . -22.88 -22.39 -22.60
C3 PEG F . -23.09 -23.63 -21.93
C4 PEG F . -23.45 -24.69 -22.94
O4 PEG F . -22.42 -24.85 -23.90
C1 PGE G . 3.15 2.20 -0.35
O1 PGE G . 3.90 1.12 0.20
C2 PGE G . 2.64 1.77 -1.72
O2 PGE G . 1.25 1.48 -1.66
C3 PGE G . 0.93 0.38 -0.84
C4 PGE G . -0.16 0.81 0.14
O4 PGE G . -3.46 1.34 -1.41
C6 PGE G . -2.98 2.57 -0.89
C5 PGE G . -2.00 2.28 0.23
O3 PGE G . -0.73 2.01 -0.33
C1 GOL H . 48.35 2.80 -5.27
O1 GOL H . 47.56 3.27 -4.22
C2 GOL H . 47.89 1.36 -5.56
O2 GOL H . 46.74 1.32 -6.34
C3 GOL H . 47.70 0.70 -4.18
O3 GOL H . 47.28 -0.60 -4.41
P PO4 I . 18.27 12.34 10.99
O1 PO4 I . 18.82 13.35 11.97
O2 PO4 I . 17.43 13.06 9.95
O3 PO4 I . 17.41 11.32 11.71
O4 PO4 I . 19.41 11.64 10.30
P PO4 J . 19.16 6.25 -2.52
O1 PO4 J . 19.57 6.67 -1.14
O2 PO4 J . 17.77 6.76 -2.81
O3 PO4 J . 19.17 4.74 -2.61
O4 PO4 J . 20.12 6.83 -3.54
#